data_7D7Y
# 
_entry.id   7D7Y 
# 
_audit_conform.dict_name       mmcif_pdbx.dic 
_audit_conform.dict_version    5.380 
_audit_conform.dict_location   http://mmcif.pdb.org/dictionaries/ascii/mmcif_pdbx.dic 
# 
loop_
_database_2.database_id 
_database_2.database_code 
_database_2.pdbx_database_accession 
_database_2.pdbx_DOI 
PDB   7D7Y         pdb_00007d7y 10.2210/pdb7d7y/pdb 
WWPDB D_1300018911 ?            ?                   
# 
_pdbx_database_status.status_code                     REL 
_pdbx_database_status.status_code_sf                  REL 
_pdbx_database_status.status_code_mr                  ? 
_pdbx_database_status.entry_id                        7D7Y 
_pdbx_database_status.recvd_initial_deposition_date   2020-10-06 
_pdbx_database_status.SG_entry                        N 
_pdbx_database_status.deposit_site                    PDBJ 
_pdbx_database_status.process_site                    PDBJ 
_pdbx_database_status.status_code_cs                  ? 
_pdbx_database_status.status_code_nmr_data            ? 
_pdbx_database_status.methods_development_category    ? 
_pdbx_database_status.pdb_format_compatible           Y 
# 
loop_
_audit_author.name 
_audit_author.pdbx_ordinal 
_audit_author.identifier_ORCID 
'Chen, H.'  1 0000-0001-7436-5895 
'Ren, A.M.' 2 0000-0002-5420-4899 
# 
_citation.abstract                  ? 
_citation.abstract_id_CAS           ? 
_citation.book_id_ISBN              ? 
_citation.book_publisher            ? 
_citation.book_publisher_city       ? 
_citation.book_title                ? 
_citation.coordinate_linkage        ? 
_citation.country                   UK 
_citation.database_id_Medline       ? 
_citation.details                   ? 
_citation.id                        primary 
_citation.journal_abbrev            'Nucleic Acids Res.' 
_citation.journal_id_ASTM           NARHAD 
_citation.journal_id_CSD            0389 
_citation.journal_id_ISSN           1362-4962 
_citation.journal_full              ? 
_citation.journal_issue             ? 
_citation.journal_volume            48 
_citation.language                  ? 
_citation.page_first                12394 
_citation.page_last                 12406 
_citation.title                     
'Structural distinctions between NAD+ riboswitch domains 1 and 2 determine differential folding and ligand binding.' 
_citation.year                      2020 
_citation.database_id_CSD           ? 
_citation.pdbx_database_id_DOI      10.1093/nar/gkaa1029 
_citation.pdbx_database_id_PubMed   33170270 
_citation.unpublished_flag          ? 
# 
loop_
_citation_author.citation_id 
_citation_author.name 
_citation_author.ordinal 
_citation_author.identifier_ORCID 
primary 'Chen, H.'         1 ? 
primary 'Egger, M.'        2 ? 
primary 'Xu, X.'           3 ? 
primary 'Flemmich, L.'     4 ? 
primary 'Krasheninina, O.' 5 ? 
primary 'Sun, A.'          6 ? 
primary 'Micura, R.'       7 ? 
primary 'Ren, A.'          8 ? 
# 
_cell.angle_alpha                  90.000 
_cell.angle_alpha_esd              ? 
_cell.angle_beta                   90.000 
_cell.angle_beta_esd               ? 
_cell.angle_gamma                  90.000 
_cell.angle_gamma_esd              ? 
_cell.entry_id                     7D7Y 
_cell.details                      ? 
_cell.formula_units_Z              ? 
_cell.length_a                     56.528 
_cell.length_a_esd                 ? 
_cell.length_b                     57.703 
_cell.length_b_esd                 ? 
_cell.length_c                     196.758 
_cell.length_c_esd                 ? 
_cell.volume                       ? 
_cell.volume_esd                   ? 
_cell.Z_PDB                        8 
_cell.reciprocal_angle_alpha       ? 
_cell.reciprocal_angle_beta        ? 
_cell.reciprocal_angle_gamma       ? 
_cell.reciprocal_angle_alpha_esd   ? 
_cell.reciprocal_angle_beta_esd    ? 
_cell.reciprocal_angle_gamma_esd   ? 
_cell.reciprocal_length_a          ? 
_cell.reciprocal_length_b          ? 
_cell.reciprocal_length_c          ? 
_cell.reciprocal_length_a_esd      ? 
_cell.reciprocal_length_b_esd      ? 
_cell.reciprocal_length_c_esd      ? 
_cell.pdbx_unique_axis             ? 
# 
_symmetry.entry_id                         7D7Y 
_symmetry.cell_setting                     ? 
_symmetry.Int_Tables_number                23 
_symmetry.space_group_name_Hall            ? 
_symmetry.space_group_name_H-M             'I 2 2 2' 
_symmetry.pdbx_full_space_group_name_H-M   ? 
# 
loop_
_entity.id 
_entity.type 
_entity.src_method 
_entity.pdbx_description 
_entity.formula_weight 
_entity.pdbx_number_of_molecules 
_entity.pdbx_ec 
_entity.pdbx_mutation 
_entity.pdbx_fragment 
_entity.details 
1 polymer     syn '18GAAA (52-MER)'           16438.873 1  ? ? ? ? 
2 non-polymer syn "GUANOSINE-5'-TRIPHOSPHATE" 523.180   1  ? ? ? ? 
3 non-polymer syn "ADENOSINE-5'-TRIPHOSPHATE" 507.181   1  ? ? ? ? 
4 non-polymer syn 'MAGNESIUM ION'             24.305    8  ? ? ? ? 
5 water       nat water                       18.015    42 ? ? ? ? 
# 
_entity_poly.entity_id                      1 
_entity_poly.type                           polyribonucleotide 
_entity_poly.nstd_linkage                   no 
_entity_poly.nstd_monomer                   no 
_entity_poly.pdbx_seq_one_letter_code       GCUUCAACAACCCCGUAGGUGGGGACGAAAGUCAGCGCACCUACUGGAGCC 
_entity_poly.pdbx_seq_one_letter_code_can   GCUUCAACAACCCCGUAGGUGGGGACGAAAGUCAGCGCACCUACUGGAGCC 
_entity_poly.pdbx_strand_id                 A 
_entity_poly.pdbx_target_identifier         ? 
# 
loop_
_entity_poly_seq.entity_id 
_entity_poly_seq.num 
_entity_poly_seq.mon_id 
_entity_poly_seq.hetero 
1 1  G n 
1 2  C n 
1 3  U n 
1 4  U n 
1 5  C n 
1 6  A n 
1 7  A n 
1 8  C n 
1 9  A n 
1 10 A n 
1 11 C n 
1 12 C n 
1 13 C n 
1 14 C n 
1 15 G n 
1 16 U n 
1 17 A n 
1 18 G n 
1 19 G n 
1 20 U n 
1 21 G n 
1 22 G n 
1 23 G n 
1 24 G n 
1 25 A n 
1 26 C n 
1 27 G n 
1 28 A n 
1 29 A n 
1 30 A n 
1 31 G n 
1 32 U n 
1 33 C n 
1 34 A n 
1 35 G n 
1 36 C n 
1 37 G n 
1 38 C n 
1 39 A n 
1 40 C n 
1 41 C n 
1 42 U n 
1 43 A n 
1 44 C n 
1 45 U n 
1 46 G n 
1 47 G n 
1 48 A n 
1 49 G n 
1 50 C n 
1 51 C n 
# 
_pdbx_entity_src_syn.entity_id              1 
_pdbx_entity_src_syn.pdbx_src_id            1 
_pdbx_entity_src_syn.pdbx_alt_source_flag   sample 
_pdbx_entity_src_syn.pdbx_beg_seq_num       1 
_pdbx_entity_src_syn.pdbx_end_seq_num       51 
_pdbx_entity_src_syn.organism_scientific    'synthetic construct' 
_pdbx_entity_src_syn.organism_common_name   ? 
_pdbx_entity_src_syn.ncbi_taxonomy_id       32630 
_pdbx_entity_src_syn.details                ? 
# 
_struct_ref.id                         1 
_struct_ref.db_name                    PDB 
_struct_ref.db_code                    7D7Y 
_struct_ref.pdbx_db_accession          7D7Y 
_struct_ref.pdbx_db_isoform            ? 
_struct_ref.entity_id                  1 
_struct_ref.pdbx_seq_one_letter_code   ? 
_struct_ref.pdbx_align_begin           1 
# 
_struct_ref_seq.align_id                      1 
_struct_ref_seq.ref_id                        1 
_struct_ref_seq.pdbx_PDB_id_code              7D7Y 
_struct_ref_seq.pdbx_strand_id                A 
_struct_ref_seq.seq_align_beg                 1 
_struct_ref_seq.pdbx_seq_align_beg_ins_code   ? 
_struct_ref_seq.seq_align_end                 51 
_struct_ref_seq.pdbx_seq_align_end_ins_code   ? 
_struct_ref_seq.pdbx_db_accession             7D7Y 
_struct_ref_seq.db_align_beg                  2 
_struct_ref_seq.pdbx_db_align_beg_ins_code    ? 
_struct_ref_seq.db_align_end                  52 
_struct_ref_seq.pdbx_db_align_end_ins_code    ? 
_struct_ref_seq.pdbx_auth_seq_align_beg       2 
_struct_ref_seq.pdbx_auth_seq_align_end       52 
# 
loop_
_chem_comp.id 
_chem_comp.type 
_chem_comp.mon_nstd_flag 
_chem_comp.name 
_chem_comp.pdbx_synonyms 
_chem_comp.formula 
_chem_comp.formula_weight 
A   'RNA linking' y "ADENOSINE-5'-MONOPHOSPHATE" ? 'C10 H14 N5 O7 P'   347.221 
ATP non-polymer   . "ADENOSINE-5'-TRIPHOSPHATE"  ? 'C10 H16 N5 O13 P3' 507.181 
C   'RNA linking' y "CYTIDINE-5'-MONOPHOSPHATE"  ? 'C9 H14 N3 O8 P'    323.197 
G   'RNA linking' y "GUANOSINE-5'-MONOPHOSPHATE" ? 'C10 H14 N5 O8 P'   363.221 
GTP non-polymer   n "GUANOSINE-5'-TRIPHOSPHATE"  ? 'C10 H16 N5 O14 P3' 523.180 
HOH non-polymer   . WATER                        ? 'H2 O'              18.015  
MG  non-polymer   . 'MAGNESIUM ION'              ? 'Mg 2'              24.305  
U   'RNA linking' y "URIDINE-5'-MONOPHOSPHATE"   ? 'C9 H13 N2 O9 P'    324.181 
# 
_exptl.absorpt_coefficient_mu     ? 
_exptl.absorpt_correction_T_max   ? 
_exptl.absorpt_correction_T_min   ? 
_exptl.absorpt_correction_type    ? 
_exptl.absorpt_process_details    ? 
_exptl.entry_id                   7D7Y 
_exptl.crystals_number            1 
_exptl.details                    ? 
_exptl.method                     'X-RAY DIFFRACTION' 
_exptl.method_details             ? 
# 
_exptl_crystal.colour                      ? 
_exptl_crystal.density_diffrn              ? 
_exptl_crystal.density_Matthews            4.88 
_exptl_crystal.density_method              ? 
_exptl_crystal.density_percent_sol         74.80 
_exptl_crystal.description                 ? 
_exptl_crystal.F_000                       ? 
_exptl_crystal.id                          1 
_exptl_crystal.preparation                 ? 
_exptl_crystal.size_max                    ? 
_exptl_crystal.size_mid                    ? 
_exptl_crystal.size_min                    ? 
_exptl_crystal.size_rad                    ? 
_exptl_crystal.colour_lustre               ? 
_exptl_crystal.colour_modifier             ? 
_exptl_crystal.colour_primary              ? 
_exptl_crystal.density_meas                ? 
_exptl_crystal.density_meas_esd            ? 
_exptl_crystal.density_meas_gt             ? 
_exptl_crystal.density_meas_lt             ? 
_exptl_crystal.density_meas_temp           ? 
_exptl_crystal.density_meas_temp_esd       ? 
_exptl_crystal.density_meas_temp_gt        ? 
_exptl_crystal.density_meas_temp_lt        ? 
_exptl_crystal.pdbx_crystal_image_url      ? 
_exptl_crystal.pdbx_crystal_image_format   ? 
_exptl_crystal.pdbx_mosaicity              ? 
_exptl_crystal.pdbx_mosaicity_esd          ? 
# 
_exptl_crystal_grow.apparatus       ? 
_exptl_crystal_grow.atmosphere      ? 
_exptl_crystal_grow.crystal_id      1 
_exptl_crystal_grow.details         ? 
_exptl_crystal_grow.method          'VAPOR DIFFUSION, SITTING DROP' 
_exptl_crystal_grow.method_ref      ? 
_exptl_crystal_grow.pH              ? 
_exptl_crystal_grow.pressure        ? 
_exptl_crystal_grow.pressure_esd    ? 
_exptl_crystal_grow.seeding         ? 
_exptl_crystal_grow.seeding_ref     ? 
_exptl_crystal_grow.temp            289 
_exptl_crystal_grow.temp_details    ? 
_exptl_crystal_grow.temp_esd        ? 
_exptl_crystal_grow.time            ? 
_exptl_crystal_grow.pdbx_details    '0.1 M MES pH 6.5, 1.6 M MgSO4' 
_exptl_crystal_grow.pdbx_pH_range   ? 
# 
_diffrn.ambient_environment              ? 
_diffrn.ambient_temp                     100 
_diffrn.ambient_temp_details             ? 
_diffrn.ambient_temp_esd                 ? 
_diffrn.crystal_id                       1 
_diffrn.crystal_support                  ? 
_diffrn.crystal_treatment                ? 
_diffrn.details                          ? 
_diffrn.id                               1 
_diffrn.ambient_pressure                 ? 
_diffrn.ambient_pressure_esd             ? 
_diffrn.ambient_pressure_gt              ? 
_diffrn.ambient_pressure_lt              ? 
_diffrn.ambient_temp_gt                  ? 
_diffrn.ambient_temp_lt                  ? 
_diffrn.pdbx_serial_crystal_experiment   N 
# 
_diffrn_detector.details                      ? 
_diffrn_detector.detector                     PIXEL 
_diffrn_detector.diffrn_id                    1 
_diffrn_detector.type                         'DECTRIS PILATUS3 6M' 
_diffrn_detector.area_resol_mean              ? 
_diffrn_detector.dtime                        ? 
_diffrn_detector.pdbx_frames_total            ? 
_diffrn_detector.pdbx_collection_time_total   ? 
_diffrn_detector.pdbx_collection_date         2020-01-13 
_diffrn_detector.pdbx_frequency               ? 
# 
_diffrn_radiation.collimation                      ? 
_diffrn_radiation.diffrn_id                        1 
_diffrn_radiation.filter_edge                      ? 
_diffrn_radiation.inhomogeneity                    ? 
_diffrn_radiation.monochromator                    ? 
_diffrn_radiation.polarisn_norm                    ? 
_diffrn_radiation.polarisn_ratio                   ? 
_diffrn_radiation.probe                            ? 
_diffrn_radiation.type                             ? 
_diffrn_radiation.xray_symbol                      ? 
_diffrn_radiation.wavelength_id                    1 
_diffrn_radiation.pdbx_monochromatic_or_laue_m_l   M 
_diffrn_radiation.pdbx_wavelength_list             ? 
_diffrn_radiation.pdbx_wavelength                  ? 
_diffrn_radiation.pdbx_diffrn_protocol             'SINGLE WAVELENGTH' 
_diffrn_radiation.pdbx_analyzer                    ? 
_diffrn_radiation.pdbx_scattering_type             x-ray 
# 
_diffrn_radiation_wavelength.id           1 
_diffrn_radiation_wavelength.wavelength   0.97930 
_diffrn_radiation_wavelength.wt           1.0 
# 
_diffrn_source.current                     ? 
_diffrn_source.details                     ? 
_diffrn_source.diffrn_id                   1 
_diffrn_source.power                       ? 
_diffrn_source.size                        ? 
_diffrn_source.source                      SYNCHROTRON 
_diffrn_source.target                      ? 
_diffrn_source.type                        'SSRF BEAMLINE BL18U1' 
_diffrn_source.voltage                     ? 
_diffrn_source.take-off_angle              ? 
_diffrn_source.pdbx_wavelength_list        0.97930 
_diffrn_source.pdbx_wavelength             ? 
_diffrn_source.pdbx_synchrotron_beamline   BL18U1 
_diffrn_source.pdbx_synchrotron_site       SSRF 
# 
_reflns.B_iso_Wilson_estimate            ? 
_reflns.entry_id                         7D7Y 
_reflns.data_reduction_details           ? 
_reflns.data_reduction_method            ? 
_reflns.d_resolution_high                2.400 
_reflns.d_resolution_low                 50.000 
_reflns.details                          ? 
_reflns.limit_h_max                      ? 
_reflns.limit_h_min                      ? 
_reflns.limit_k_max                      ? 
_reflns.limit_k_min                      ? 
_reflns.limit_l_max                      ? 
_reflns.limit_l_min                      ? 
_reflns.number_all                       ? 
_reflns.number_obs                       12319 
_reflns.observed_criterion               ? 
_reflns.observed_criterion_F_max         ? 
_reflns.observed_criterion_F_min         ? 
_reflns.observed_criterion_I_max         ? 
_reflns.observed_criterion_I_min         ? 
_reflns.observed_criterion_sigma_F       ? 
_reflns.observed_criterion_sigma_I       ? 
_reflns.percent_possible_obs             93.500 
_reflns.R_free_details                   ? 
_reflns.Rmerge_F_all                     ? 
_reflns.Rmerge_F_obs                     ? 
_reflns.Friedel_coverage                 ? 
_reflns.number_gt                        ? 
_reflns.threshold_expression             ? 
_reflns.pdbx_redundancy                  12.100 
_reflns.pdbx_Rmerge_I_obs                0.127 
_reflns.pdbx_Rmerge_I_all                ? 
_reflns.pdbx_Rsym_value                  ? 
_reflns.pdbx_netI_over_av_sigmaI         ? 
_reflns.pdbx_netI_over_sigmaI            3.200 
_reflns.pdbx_res_netI_over_av_sigmaI_2   ? 
_reflns.pdbx_res_netI_over_sigmaI_2      ? 
_reflns.pdbx_chi_squared                 0.681 
_reflns.pdbx_scaling_rejects             ? 
_reflns.pdbx_d_res_high_opt              ? 
_reflns.pdbx_d_res_low_opt               ? 
_reflns.pdbx_d_res_opt_method            ? 
_reflns.phase_calculation_details        ? 
_reflns.pdbx_Rrim_I_all                  0.132 
_reflns.pdbx_Rpim_I_all                  0.037 
_reflns.pdbx_d_opt                       ? 
_reflns.pdbx_number_measured_all         148513 
_reflns.pdbx_diffrn_id                   1 
_reflns.pdbx_ordinal                     1 
_reflns.pdbx_CC_half                     ? 
_reflns.pdbx_CC_star                     ? 
_reflns.pdbx_R_split                     ? 
# 
loop_
_reflns_shell.d_res_high 
_reflns_shell.d_res_low 
_reflns_shell.meanI_over_sigI_all 
_reflns_shell.meanI_over_sigI_obs 
_reflns_shell.number_measured_all 
_reflns_shell.number_measured_obs 
_reflns_shell.number_possible 
_reflns_shell.number_unique_all 
_reflns_shell.number_unique_obs 
_reflns_shell.percent_possible_all 
_reflns_shell.percent_possible_obs 
_reflns_shell.Rmerge_F_all 
_reflns_shell.Rmerge_F_obs 
_reflns_shell.Rmerge_I_all 
_reflns_shell.Rmerge_I_obs 
_reflns_shell.meanI_over_sigI_gt 
_reflns_shell.meanI_over_uI_all 
_reflns_shell.meanI_over_uI_gt 
_reflns_shell.number_measured_gt 
_reflns_shell.number_unique_gt 
_reflns_shell.percent_possible_gt 
_reflns_shell.Rmerge_F_gt 
_reflns_shell.Rmerge_I_gt 
_reflns_shell.pdbx_redundancy 
_reflns_shell.pdbx_Rsym_value 
_reflns_shell.pdbx_chi_squared 
_reflns_shell.pdbx_netI_over_sigmaI_all 
_reflns_shell.pdbx_netI_over_sigmaI_obs 
_reflns_shell.pdbx_Rrim_I_all 
_reflns_shell.pdbx_Rpim_I_all 
_reflns_shell.pdbx_rejects 
_reflns_shell.pdbx_ordinal 
_reflns_shell.pdbx_diffrn_id 
_reflns_shell.pdbx_CC_half 
_reflns_shell.pdbx_CC_star 
_reflns_shell.pdbx_R_split 
2.400 2.490  ? ? ? ? ? ? 924  72.000  ? ? ? ? 1.327 ? ? ? ? ? ? ? ? 9.700  ? 0.412 ? ? 1.397 0.423 ? 1  1 0.782 ? ? 
2.490 2.590  ? ? ? ? ? ? 1027 79.300  ? ? ? ? 1.231 ? ? ? ? ? ? ? ? 10.400 ? 0.413 ? ? 1.291 0.380 ? 2  1 0.802 ? ? 
2.590 2.700  ? ? ? ? ? ? 1142 87.400  ? ? ? ? 0.897 ? ? ? ? ? ? ? ? 11.100 ? 0.429 ? ? 0.939 0.270 ? 3  1 0.911 ? ? 
2.700 2.850  ? ? ? ? ? ? 1215 95.200  ? ? ? ? 0.580 ? ? ? ? ? ? ? ? 11.700 ? 0.469 ? ? 0.607 0.173 ? 4  1 0.973 ? ? 
2.850 3.020  ? ? ? ? ? ? 1308 99.800  ? ? ? ? 0.335 ? ? ? ? ? ? ? ? 12.500 ? 0.542 ? ? 0.349 0.098 ? 5  1 0.992 ? ? 
3.020 3.260  ? ? ? ? ? ? 1311 100.000 ? ? ? ? 0.178 ? ? ? ? ? ? ? ? 12.400 ? 0.755 ? ? 0.186 0.053 ? 6  1 0.997 ? ? 
3.260 3.580  ? ? ? ? ? ? 1299 100.000 ? ? ? ? 0.144 ? ? ? ? ? ? ? ? 13.400 ? 0.787 ? ? 0.150 0.042 ? 7  1 0.997 ? ? 
3.580 4.100  ? ? ? ? ? ? 1335 100.000 ? ? ? ? 0.117 ? ? ? ? ? ? ? ? 13.500 ? 0.870 ? ? 0.122 0.034 ? 8  1 0.997 ? ? 
4.100 5.170  ? ? ? ? ? ? 1337 100.000 ? ? ? ? 0.103 ? ? ? ? ? ? ? ? 12.300 ? 0.929 ? ? 0.107 0.030 ? 9  1 0.995 ? ? 
5.170 50.000 ? ? ? ? ? ? 1421 99.900  ? ? ? ? 0.075 ? ? ? ? ? ? ? ? 12.300 ? 0.855 ? ? 0.078 0.022 ? 10 1 0.996 ? ? 
# 
_refine.aniso_B[1][1]                            ? 
_refine.aniso_B[1][2]                            ? 
_refine.aniso_B[1][3]                            ? 
_refine.aniso_B[2][2]                            ? 
_refine.aniso_B[2][3]                            ? 
_refine.aniso_B[3][3]                            ? 
_refine.B_iso_max                                138.970 
_refine.B_iso_mean                               70.1871 
_refine.B_iso_min                                53.760 
_refine.correlation_coeff_Fo_to_Fc               ? 
_refine.correlation_coeff_Fo_to_Fc_free          ? 
_refine.details                                  ? 
_refine.diff_density_max                         ? 
_refine.diff_density_max_esd                     ? 
_refine.diff_density_min                         ? 
_refine.diff_density_min_esd                     ? 
_refine.diff_density_rms                         ? 
_refine.diff_density_rms_esd                     ? 
_refine.entry_id                                 7D7Y 
_refine.pdbx_refine_id                           'X-RAY DIFFRACTION' 
_refine.ls_abs_structure_details                 ? 
_refine.ls_abs_structure_Flack                   ? 
_refine.ls_abs_structure_Flack_esd               ? 
_refine.ls_abs_structure_Rogers                  ? 
_refine.ls_abs_structure_Rogers_esd              ? 
_refine.ls_d_res_high                            2.8000 
_refine.ls_d_res_low                             28.2640 
_refine.ls_extinction_coef                       ? 
_refine.ls_extinction_coef_esd                   ? 
_refine.ls_extinction_expression                 ? 
_refine.ls_extinction_method                     ? 
_refine.ls_goodness_of_fit_all                   ? 
_refine.ls_goodness_of_fit_all_esd               ? 
_refine.ls_goodness_of_fit_obs                   ? 
_refine.ls_goodness_of_fit_obs_esd               ? 
_refine.ls_hydrogen_treatment                    ? 
_refine.ls_matrix_type                           ? 
_refine.ls_number_constraints                    ? 
_refine.ls_number_parameters                     ? 
_refine.ls_number_reflns_all                     ? 
_refine.ls_number_reflns_obs                     8167 
_refine.ls_number_reflns_R_free                  408 
_refine.ls_number_reflns_R_work                  7759 
_refine.ls_number_restraints                     ? 
_refine.ls_percent_reflns_obs                    98.4500 
_refine.ls_percent_reflns_R_free                 5.0000 
_refine.ls_R_factor_all                          ? 
_refine.ls_R_factor_obs                          0.2211 
_refine.ls_R_factor_R_free                       0.2400 
_refine.ls_R_factor_R_free_error                 ? 
_refine.ls_R_factor_R_free_error_details         ? 
_refine.ls_R_factor_R_work                       0.2200 
_refine.ls_R_Fsqd_factor_obs                     ? 
_refine.ls_R_I_factor_obs                        ? 
_refine.ls_redundancy_reflns_all                 ? 
_refine.ls_redundancy_reflns_obs                 ? 
_refine.ls_restrained_S_all                      ? 
_refine.ls_restrained_S_obs                      ? 
_refine.ls_shift_over_esd_max                    ? 
_refine.ls_shift_over_esd_mean                   ? 
_refine.ls_structure_factor_coef                 ? 
_refine.ls_weighting_details                     ? 
_refine.ls_weighting_scheme                      ? 
_refine.ls_wR_factor_all                         ? 
_refine.ls_wR_factor_obs                         ? 
_refine.ls_wR_factor_R_free                      ? 
_refine.ls_wR_factor_R_work                      ? 
_refine.occupancy_max                            ? 
_refine.occupancy_min                            ? 
_refine.solvent_model_details                    'FLAT BULK SOLVENT MODEL' 
_refine.solvent_model_param_bsol                 ? 
_refine.solvent_model_param_ksol                 ? 
_refine.pdbx_R_complete                          ? 
_refine.ls_R_factor_gt                           ? 
_refine.ls_goodness_of_fit_gt                    ? 
_refine.ls_goodness_of_fit_ref                   ? 
_refine.ls_shift_over_su_max                     ? 
_refine.ls_shift_over_su_max_lt                  ? 
_refine.ls_shift_over_su_mean                    ? 
_refine.ls_shift_over_su_mean_lt                 ? 
_refine.pdbx_ls_sigma_I                          ? 
_refine.pdbx_ls_sigma_F                          1.340 
_refine.pdbx_ls_sigma_Fsqd                       ? 
_refine.pdbx_data_cutoff_high_absF               ? 
_refine.pdbx_data_cutoff_high_rms_absF           ? 
_refine.pdbx_data_cutoff_low_absF                ? 
_refine.pdbx_isotropic_thermal_model             ? 
_refine.pdbx_ls_cross_valid_method               THROUGHOUT 
_refine.pdbx_method_to_determine_struct          'MOLECULAR REPLACEMENT' 
_refine.pdbx_starting_model                      7D7V 
_refine.pdbx_stereochemistry_target_values       ML 
_refine.pdbx_R_Free_selection_details            ? 
_refine.pdbx_stereochem_target_val_spec_case     ? 
_refine.pdbx_overall_ESU_R                       ? 
_refine.pdbx_overall_ESU_R_Free                  ? 
_refine.pdbx_solvent_vdw_probe_radii             1.1100 
_refine.pdbx_solvent_ion_probe_radii             ? 
_refine.pdbx_solvent_shrinkage_radii             0.9000 
_refine.pdbx_real_space_R                        ? 
_refine.pdbx_density_correlation                 ? 
_refine.pdbx_pd_number_of_powder_patterns        ? 
_refine.pdbx_pd_number_of_points                 ? 
_refine.pdbx_pd_meas_number_of_points            ? 
_refine.pdbx_pd_proc_ls_prof_R_factor            ? 
_refine.pdbx_pd_proc_ls_prof_wR_factor           ? 
_refine.pdbx_pd_Marquardt_correlation_coeff      ? 
_refine.pdbx_pd_Fsqrd_R_factor                   ? 
_refine.pdbx_pd_ls_matrix_band_width             ? 
_refine.pdbx_overall_phase_error                 35.4600 
_refine.pdbx_overall_SU_R_free_Cruickshank_DPI   ? 
_refine.pdbx_overall_SU_R_free_Blow_DPI          ? 
_refine.pdbx_overall_SU_R_Blow_DPI               ? 
_refine.pdbx_TLS_residual_ADP_flag               ? 
_refine.pdbx_diffrn_id                           1 
_refine.overall_SU_B                             ? 
_refine.overall_SU_ML                            0.3300 
_refine.overall_SU_R_Cruickshank_DPI             ? 
_refine.overall_SU_R_free                        ? 
_refine.overall_FOM_free_R_set                   ? 
_refine.overall_FOM_work_R_set                   ? 
_refine.pdbx_average_fsc_overall                 ? 
_refine.pdbx_average_fsc_work                    ? 
_refine.pdbx_average_fsc_free                    ? 
# 
_refine_hist.pdbx_refine_id                   'X-RAY DIFFRACTION' 
_refine_hist.cycle_id                         final 
_refine_hist.details                          ? 
_refine_hist.d_res_high                       2.8000 
_refine_hist.d_res_low                        28.2640 
_refine_hist.number_atoms_solvent             42 
_refine_hist.number_atoms_total               1204 
_refine_hist.number_reflns_all                ? 
_refine_hist.number_reflns_obs                ? 
_refine_hist.number_reflns_R_free             ? 
_refine_hist.number_reflns_R_work             ? 
_refine_hist.R_factor_all                     ? 
_refine_hist.R_factor_obs                     ? 
_refine_hist.R_factor_R_free                  ? 
_refine_hist.R_factor_R_work                  ? 
_refine_hist.pdbx_number_residues_total       52 
_refine_hist.pdbx_B_iso_mean_ligand           73.58 
_refine_hist.pdbx_B_iso_mean_solvent          67.22 
_refine_hist.pdbx_number_atoms_protein        0 
_refine_hist.pdbx_number_atoms_nucleic_acid   1123 
_refine_hist.pdbx_number_atoms_ligand         39 
_refine_hist.pdbx_number_atoms_lipid          ? 
_refine_hist.pdbx_number_atoms_carb           ? 
_refine_hist.pdbx_pseudo_atom_details         ? 
# 
loop_
_refine_ls_shell.pdbx_refine_id 
_refine_ls_shell.d_res_high 
_refine_ls_shell.d_res_low 
_refine_ls_shell.number_reflns_all 
_refine_ls_shell.number_reflns_obs 
_refine_ls_shell.number_reflns_R_free 
_refine_ls_shell.number_reflns_R_work 
_refine_ls_shell.percent_reflns_obs 
_refine_ls_shell.percent_reflns_R_free 
_refine_ls_shell.R_factor_all 
_refine_ls_shell.R_factor_obs 
_refine_ls_shell.R_factor_R_free 
_refine_ls_shell.R_factor_R_free_error 
_refine_ls_shell.R_factor_R_work 
_refine_ls_shell.redundancy_reflns_all 
_refine_ls_shell.redundancy_reflns_obs 
_refine_ls_shell.wR_factor_all 
_refine_ls_shell.wR_factor_obs 
_refine_ls_shell.wR_factor_R_free 
_refine_ls_shell.wR_factor_R_work 
_refine_ls_shell.pdbx_R_complete 
_refine_ls_shell.pdbx_total_number_of_bins_used 
_refine_ls_shell.pdbx_phase_error 
_refine_ls_shell.pdbx_fsc_work 
_refine_ls_shell.pdbx_fsc_free 
'X-RAY DIFFRACTION' 2.8000 3.2047  . . 121 2526 98.0000 . . . 0.3936 0.0000 0.3275 . . . . . . . . . . . 
'X-RAY DIFFRACTION' 3.2047 4.0357  . . 129 2560 99.0000 . . . 0.2136 0.0000 0.2222 . . . . . . . . . . . 
'X-RAY DIFFRACTION' 4.0357 28.2640 . . 158 2673 99.0000 . . . 0.2158 0.0000 0.1880 . . . . . . . . . . . 
# 
_struct.entry_id                     7D7Y 
_struct.title                        'Crystal Structure of the Domain1 of NAD+ Riboswitch with adenosine triphosphate (ATP)' 
_struct.pdbx_model_details           ? 
_struct.pdbx_formula_weight          ? 
_struct.pdbx_formula_weight_method   ? 
_struct.pdbx_model_type_details      ? 
_struct.pdbx_CASP_flag               N 
# 
_struct_keywords.entry_id        7D7Y 
_struct_keywords.text            'riboswitch, RNA structure, RNA folding, RNA-ligand interactions, RNA crystallography, RNA' 
_struct_keywords.pdbx_keywords   RNA 
# 
loop_
_struct_asym.id 
_struct_asym.pdbx_blank_PDB_chainid_flag 
_struct_asym.pdbx_modified 
_struct_asym.entity_id 
_struct_asym.details 
A N N 1 ? 
B N N 2 ? 
C N N 3 ? 
D N N 4 ? 
E N N 4 ? 
F N N 4 ? 
G N N 4 ? 
H N N 4 ? 
I N N 4 ? 
J N N 4 ? 
K N N 4 ? 
L N N 5 ? 
# 
loop_
_struct_conn.id 
_struct_conn.conn_type_id 
_struct_conn.pdbx_leaving_atom_flag 
_struct_conn.pdbx_PDB_id 
_struct_conn.ptnr1_label_asym_id 
_struct_conn.ptnr1_label_comp_id 
_struct_conn.ptnr1_label_seq_id 
_struct_conn.ptnr1_label_atom_id 
_struct_conn.pdbx_ptnr1_label_alt_id 
_struct_conn.pdbx_ptnr1_PDB_ins_code 
_struct_conn.pdbx_ptnr1_standard_comp_id 
_struct_conn.ptnr1_symmetry 
_struct_conn.ptnr2_label_asym_id 
_struct_conn.ptnr2_label_comp_id 
_struct_conn.ptnr2_label_seq_id 
_struct_conn.ptnr2_label_atom_id 
_struct_conn.pdbx_ptnr2_label_alt_id 
_struct_conn.pdbx_ptnr2_PDB_ins_code 
_struct_conn.ptnr1_auth_asym_id 
_struct_conn.ptnr1_auth_comp_id 
_struct_conn.ptnr1_auth_seq_id 
_struct_conn.ptnr2_auth_asym_id 
_struct_conn.ptnr2_auth_comp_id 
_struct_conn.ptnr2_auth_seq_id 
_struct_conn.ptnr2_symmetry 
_struct_conn.pdbx_ptnr3_label_atom_id 
_struct_conn.pdbx_ptnr3_label_seq_id 
_struct_conn.pdbx_ptnr3_label_comp_id 
_struct_conn.pdbx_ptnr3_label_asym_id 
_struct_conn.pdbx_ptnr3_label_alt_id 
_struct_conn.pdbx_ptnr3_PDB_ins_code 
_struct_conn.details 
_struct_conn.pdbx_dist_value 
_struct_conn.pdbx_value_order 
_struct_conn.pdbx_role 
metalc1  metalc ? ? A A   6  OP2 ? ? ? 1_555 H MG  .  MG ? ? A A   7   A MG  107 1_555 ? ? ? ? ? ? ?             2.350 ? ? 
metalc2  metalc ? ? A A   7  OP1 ? ? ? 1_555 I MG  .  MG ? ? A A   8   A MG  108 1_555 ? ? ? ? ? ? ?             1.920 ? ? 
metalc3  metalc ? ? A A   7  OP2 ? ? ? 1_555 K MG  .  MG ? ? A A   8   A MG  110 1_555 ? ? ? ? ? ? ?             2.173 ? ? 
metalc4  metalc ? ? A C   8  OP2 ? ? ? 1_555 K MG  .  MG ? ? A C   9   A MG  110 1_555 ? ? ? ? ? ? ?             1.990 ? ? 
metalc5  metalc ? ? A A   10 OP2 ? ? ? 1_555 G MG  .  MG ? ? A A   11  A MG  106 2_455 ? ? ? ? ? ? ?             2.495 ? ? 
metalc6  metalc ? ? A U   16 OP1 ? ? ? 1_555 G MG  .  MG ? ? A U   17  A MG  106 1_555 ? ? ? ? ? ? ?             2.188 ? ? 
metalc7  metalc ? ? A G   46 O6  ? ? ? 1_555 J MG  .  MG ? ? A G   47  A MG  109 1_555 ? ? ? ? ? ? ?             2.377 ? ? 
metalc8  metalc ? ? C ATP .  O1B ? ? ? 1_555 I MG  .  MG ? ? A ATP 102 A MG  108 1_555 ? ? ? ? ? ? ?             2.153 ? ? 
metalc9  metalc ? ? C ATP .  O1A ? ? ? 1_555 I MG  .  MG ? ? A ATP 102 A MG  108 1_555 ? ? ? ? ? ? ?             2.157 ? ? 
metalc10 metalc ? ? D MG  .  MG  ? ? ? 1_555 L HOH .  O  ? ? A MG  103 A HOH 216 1_555 ? ? ? ? ? ? ?             2.165 ? ? 
metalc11 metalc ? ? D MG  .  MG  ? ? ? 1_555 L HOH .  O  ? ? A MG  103 A HOH 217 1_555 ? ? ? ? ? ? ?             2.101 ? ? 
metalc12 metalc ? ? D MG  .  MG  ? ? ? 1_555 L HOH .  O  ? ? A MG  103 A HOH 224 8_444 ? ? ? ? ? ? ?             2.086 ? ? 
metalc13 metalc ? ? D MG  .  MG  ? ? ? 1_555 L HOH .  O  ? ? A MG  103 A HOH 227 1_555 ? ? ? ? ? ? ?             2.296 ? ? 
metalc14 metalc ? ? D MG  .  MG  ? ? ? 1_555 L HOH .  O  ? ? A MG  103 A HOH 232 1_555 ? ? ? ? ? ? ?             2.059 ? ? 
metalc15 metalc ? ? D MG  .  MG  ? ? ? 1_555 L HOH .  O  ? ? A MG  103 A HOH 235 8_444 ? ? ? ? ? ? ?             2.210 ? ? 
metalc16 metalc ? ? D MG  .  MG  ? ? ? 1_555 L HOH .  O  ? ? A MG  103 A HOH 240 8_444 ? ? ? ? ? ? ?             2.572 ? ? 
metalc17 metalc ? ? E MG  .  MG  ? ? ? 1_555 L HOH .  O  ? ? A MG  104 A HOH 206 1_555 ? ? ? ? ? ? ?             2.132 ? ? 
metalc18 metalc ? ? E MG  .  MG  ? ? ? 1_555 L HOH .  O  ? ? A MG  104 A HOH 213 1_555 ? ? ? ? ? ? ?             2.297 ? ? 
metalc19 metalc ? ? E MG  .  MG  ? ? ? 1_555 L HOH .  O  ? ? A MG  104 A HOH 226 1_555 ? ? ? ? ? ? ?             2.139 ? ? 
metalc20 metalc ? ? E MG  .  MG  ? ? ? 1_555 L HOH .  O  ? ? A MG  104 A HOH 236 1_555 ? ? ? ? ? ? ?             2.179 ? ? 
metalc21 metalc ? ? E MG  .  MG  ? ? ? 1_555 L HOH .  O  ? ? A MG  104 A HOH 238 1_555 ? ? ? ? ? ? ?             2.338 ? ? 
metalc22 metalc ? ? E MG  .  MG  ? ? ? 1_555 L HOH .  O  ? ? A MG  104 A HOH 239 1_555 ? ? ? ? ? ? ?             2.353 ? ? 
metalc23 metalc ? ? F MG  .  MG  ? ? ? 1_555 L HOH .  O  ? ? A MG  105 A HOH 207 1_555 ? ? ? ? ? ? ?             2.114 ? ? 
metalc24 metalc ? ? F MG  .  MG  ? ? ? 1_555 L HOH .  O  ? ? A MG  105 A HOH 229 8_444 ? ? ? ? ? ? ?             2.604 ? ? 
metalc25 metalc ? ? F MG  .  MG  ? ? ? 1_555 L HOH .  O  ? ? A MG  105 A HOH 233 1_555 ? ? ? ? ? ? ?             2.010 ? ? 
metalc26 metalc ? ? F MG  .  MG  ? ? ? 1_555 L HOH .  O  ? ? A MG  105 A HOH 237 1_555 ? ? ? ? ? ? ?             1.818 ? ? 
metalc27 metalc ? ? F MG  .  MG  ? ? ? 1_555 L HOH .  O  ? ? A MG  105 A HOH 240 8_444 ? ? ? ? ? ? ?             2.300 ? ? 
metalc28 metalc ? ? F MG  .  MG  ? ? ? 1_555 L HOH .  O  ? ? A MG  105 A HOH 241 1_555 ? ? ? ? ? ? ?             2.172 ? ? 
metalc29 metalc ? ? G MG  .  MG  ? ? ? 1_555 L HOH .  O  ? ? A MG  106 A HOH 203 2_455 ? ? ? ? ? ? ?             2.303 ? ? 
metalc30 metalc ? ? G MG  .  MG  ? ? ? 1_555 L HOH .  O  ? ? A MG  106 A HOH 211 2_455 ? ? ? ? ? ? ?             1.920 ? ? 
metalc31 metalc ? ? G MG  .  MG  ? ? ? 1_555 L HOH .  O  ? ? A MG  106 A HOH 218 1_555 ? ? ? ? ? ? ?             2.013 ? ? 
metalc32 metalc ? ? G MG  .  MG  ? ? ? 1_555 L HOH .  O  ? ? A MG  106 A HOH 222 2_455 ? ? ? ? ? ? ?             2.130 ? ? 
metalc33 metalc ? ? H MG  .  MG  ? ? ? 1_555 L HOH .  O  ? ? A MG  107 A HOH 209 1_555 ? ? ? ? ? ? ?             2.152 ? ? 
metalc34 metalc ? ? H MG  .  MG  ? ? ? 1_555 L HOH .  O  ? ? A MG  107 A HOH 220 1_555 ? ? ? ? ? ? ?             2.372 ? ? 
metalc35 metalc ? ? H MG  .  MG  ? ? ? 1_555 L HOH .  O  ? ? A MG  107 A HOH 221 1_555 ? ? ? ? ? ? ?             2.304 ? ? 
metalc36 metalc ? ? H MG  .  MG  ? ? ? 1_555 L HOH .  O  ? ? A MG  107 A HOH 223 1_555 ? ? ? ? ? ? ?             2.247 ? ? 
metalc37 metalc ? ? H MG  .  MG  ? ? ? 1_555 L HOH .  O  ? ? A MG  107 A HOH 234 1_555 ? ? ? ? ? ? ?             2.383 ? ? 
metalc38 metalc ? ? I MG  .  MG  ? ? ? 1_555 L HOH .  O  ? ? A MG  108 A HOH 210 1_555 ? ? ? ? ? ? ?             2.027 ? ? 
metalc39 metalc ? ? I MG  .  MG  ? ? ? 1_555 L HOH .  O  ? ? A MG  108 A HOH 214 1_555 ? ? ? ? ? ? ?             2.098 ? ? 
metalc40 metalc ? ? I MG  .  MG  ? ? ? 1_555 L HOH .  O  ? ? A MG  108 A HOH 219 1_555 ? ? ? ? ? ? ?             2.096 ? ? 
metalc41 metalc ? ? J MG  .  MG  ? ? ? 1_555 L HOH .  O  ? ? A MG  109 A HOH 201 1_555 ? ? ? ? ? ? ?             2.453 ? ? 
metalc42 metalc ? ? J MG  .  MG  ? ? ? 1_555 L HOH .  O  ? ? A MG  109 A HOH 202 1_555 ? ? ? ? ? ? ?             2.241 ? ? 
metalc43 metalc ? ? J MG  .  MG  ? ? ? 1_555 L HOH .  O  ? ? A MG  109 A HOH 212 1_555 ? ? ? ? ? ? ?             2.293 ? ? 
metalc44 metalc ? ? J MG  .  MG  ? ? ? 1_555 L HOH .  O  ? ? A MG  109 A HOH 225 1_555 ? ? ? ? ? ? ?             2.480 ? ? 
metalc45 metalc ? ? J MG  .  MG  ? ? ? 1_555 L HOH .  O  ? ? A MG  109 A HOH 230 1_555 ? ? ? ? ? ? ?             2.106 ? ? 
metalc46 metalc ? ? K MG  .  MG  ? ? ? 1_555 L HOH .  O  ? ? A MG  110 A HOH 204 1_555 ? ? ? ? ? ? ?             2.128 ? ? 
metalc47 metalc ? ? K MG  .  MG  ? ? ? 1_555 L HOH .  O  ? ? A MG  110 A HOH 208 1_555 ? ? ? ? ? ? ?             2.289 ? ? 
metalc48 metalc ? ? K MG  .  MG  ? ? ? 1_555 L HOH .  O  ? ? A MG  110 A HOH 215 1_555 ? ? ? ? ? ? ?             2.151 ? ? 
hydrog1  hydrog ? ? A G   1  N1  ? ? ? 1_555 A C   50 N3 ? ? A G   2   A C   51  1_555 ? ? ? ? ? ? WATSON-CRICK  ?     ? ? 
hydrog2  hydrog ? ? A G   1  N2  ? ? ? 1_555 A C   50 O2 ? ? A G   2   A C   51  1_555 ? ? ? ? ? ? WATSON-CRICK  ?     ? ? 
hydrog3  hydrog ? ? A G   1  O6  ? ? ? 1_555 A C   50 N4 ? ? A G   2   A C   51  1_555 ? ? ? ? ? ? WATSON-CRICK  ?     ? ? 
hydrog4  hydrog ? ? A C   2  N3  ? ? ? 1_555 A G   49 N1 ? ? A C   3   A G   50  1_555 ? ? ? ? ? ? WATSON-CRICK  ?     ? ? 
hydrog5  hydrog ? ? A C   2  N4  ? ? ? 1_555 A G   49 O6 ? ? A C   3   A G   50  1_555 ? ? ? ? ? ? WATSON-CRICK  ?     ? ? 
hydrog6  hydrog ? ? A C   2  O2  ? ? ? 1_555 A G   49 N2 ? ? A C   3   A G   50  1_555 ? ? ? ? ? ? WATSON-CRICK  ?     ? ? 
hydrog7  hydrog ? ? A U   3  N3  ? ? ? 1_555 A A   48 N1 ? ? A U   4   A A   49  1_555 ? ? ? ? ? ? WATSON-CRICK  ?     ? ? 
hydrog8  hydrog ? ? A U   3  O4  ? ? ? 1_555 A A   48 N6 ? ? A U   4   A A   49  1_555 ? ? ? ? ? ? WATSON-CRICK  ?     ? ? 
hydrog9  hydrog ? ? A U   4  N3  ? ? ? 1_555 A G   47 O6 ? ? A U   5   A G   48  1_555 ? ? ? ? ? ? TYPE_28_PAIR  ?     ? ? 
hydrog10 hydrog ? ? A U   4  O2  ? ? ? 1_555 A G   47 N1 ? ? A U   5   A G   48  1_555 ? ? ? ? ? ? TYPE_28_PAIR  ?     ? ? 
hydrog11 hydrog ? ? A C   5  N3  ? ? ? 1_555 A G   46 N1 ? ? A C   6   A G   47  1_555 ? ? ? ? ? ? WATSON-CRICK  ?     ? ? 
hydrog12 hydrog ? ? A C   5  N4  ? ? ? 1_555 A G   46 O6 ? ? A C   6   A G   47  1_555 ? ? ? ? ? ? WATSON-CRICK  ?     ? ? 
hydrog13 hydrog ? ? A C   5  O2  ? ? ? 1_555 A G   46 N2 ? ? A C   6   A G   47  1_555 ? ? ? ? ? ? WATSON-CRICK  ?     ? ? 
hydrog14 hydrog ? ? A A   6  N1  ? ? ? 1_555 A U   45 N3 ? ? A A   7   A U   46  1_555 ? ? ? ? ? ? WATSON-CRICK  ?     ? ? 
hydrog15 hydrog ? ? A A   6  N6  ? ? ? 1_555 A U   45 O4 ? ? A A   7   A U   46  1_555 ? ? ? ? ? ? WATSON-CRICK  ?     ? ? 
hydrog16 hydrog ? ? A C   12 N3  ? ? ? 1_555 A G   37 N1 ? ? A C   13  A G   38  1_555 ? ? ? ? ? ? WATSON-CRICK  ?     ? ? 
hydrog17 hydrog ? ? A C   12 N4  ? ? ? 1_555 A G   37 O6 ? ? A C   13  A G   38  1_555 ? ? ? ? ? ? WATSON-CRICK  ?     ? ? 
hydrog18 hydrog ? ? A C   12 O2  ? ? ? 1_555 A G   37 N2 ? ? A C   13  A G   38  1_555 ? ? ? ? ? ? WATSON-CRICK  ?     ? ? 
hydrog19 hydrog ? ? A C   13 N3  ? ? ? 1_555 A G   35 N1 ? ? A C   14  A G   36  1_555 ? ? ? ? ? ? WATSON-CRICK  ?     ? ? 
hydrog20 hydrog ? ? A C   13 N4  ? ? ? 1_555 A G   35 O6 ? ? A C   14  A G   36  1_555 ? ? ? ? ? ? WATSON-CRICK  ?     ? ? 
hydrog21 hydrog ? ? A C   13 O2  ? ? ? 1_555 A G   35 N2 ? ? A C   14  A G   36  1_555 ? ? ? ? ? ? WATSON-CRICK  ?     ? ? 
hydrog22 hydrog ? ? A G   15 N1  ? ? ? 1_555 A C   44 N3 ? ? A G   16  A C   45  1_555 ? ? ? ? ? ? WATSON-CRICK  ?     ? ? 
hydrog23 hydrog ? ? A G   15 N2  ? ? ? 1_555 A C   44 O2 ? ? A G   16  A C   45  1_555 ? ? ? ? ? ? WATSON-CRICK  ?     ? ? 
hydrog24 hydrog ? ? A G   15 O6  ? ? ? 1_555 A C   44 N4 ? ? A G   16  A C   45  1_555 ? ? ? ? ? ? WATSON-CRICK  ?     ? ? 
hydrog25 hydrog ? ? A U   16 N3  ? ? ? 1_555 A A   43 N1 ? ? A U   17  A A   44  1_555 ? ? ? ? ? ? WATSON-CRICK  ?     ? ? 
hydrog26 hydrog ? ? A U   16 O4  ? ? ? 1_555 A A   43 N6 ? ? A U   17  A A   44  1_555 ? ? ? ? ? ? WATSON-CRICK  ?     ? ? 
hydrog27 hydrog ? ? A A   17 N1  ? ? ? 1_555 A U   42 N3 ? ? A A   18  A U   43  1_555 ? ? ? ? ? ? WATSON-CRICK  ?     ? ? 
hydrog28 hydrog ? ? A A   17 N6  ? ? ? 1_555 A U   42 O4 ? ? A A   18  A U   43  1_555 ? ? ? ? ? ? WATSON-CRICK  ?     ? ? 
hydrog29 hydrog ? ? A G   18 N1  ? ? ? 1_555 A C   41 N3 ? ? A G   19  A C   42  1_555 ? ? ? ? ? ? WATSON-CRICK  ?     ? ? 
hydrog30 hydrog ? ? A G   18 N2  ? ? ? 1_555 A C   41 O2 ? ? A G   19  A C   42  1_555 ? ? ? ? ? ? WATSON-CRICK  ?     ? ? 
hydrog31 hydrog ? ? A G   18 O6  ? ? ? 1_555 A C   41 N4 ? ? A G   19  A C   42  1_555 ? ? ? ? ? ? WATSON-CRICK  ?     ? ? 
hydrog32 hydrog ? ? A G   19 N1  ? ? ? 1_555 A C   40 N3 ? ? A G   20  A C   41  1_555 ? ? ? ? ? ? WATSON-CRICK  ?     ? ? 
hydrog33 hydrog ? ? A G   19 N2  ? ? ? 1_555 A C   40 O2 ? ? A G   20  A C   41  1_555 ? ? ? ? ? ? WATSON-CRICK  ?     ? ? 
hydrog34 hydrog ? ? A G   19 O6  ? ? ? 1_555 A C   40 N4 ? ? A G   20  A C   41  1_555 ? ? ? ? ? ? WATSON-CRICK  ?     ? ? 
hydrog35 hydrog ? ? A U   20 N3  ? ? ? 1_555 A A   39 N1 ? ? A U   21  A A   40  1_555 ? ? ? ? ? ? WATSON-CRICK  ?     ? ? 
hydrog36 hydrog ? ? A U   20 O4  ? ? ? 1_555 A A   39 N6 ? ? A U   21  A A   40  1_555 ? ? ? ? ? ? WATSON-CRICK  ?     ? ? 
hydrog37 hydrog ? ? A G   21 N1  ? ? ? 1_555 A C   38 N3 ? ? A G   22  A C   39  1_555 ? ? ? ? ? ? WATSON-CRICK  ?     ? ? 
hydrog38 hydrog ? ? A G   21 N2  ? ? ? 1_555 A C   38 O2 ? ? A G   22  A C   39  1_555 ? ? ? ? ? ? WATSON-CRICK  ?     ? ? 
hydrog39 hydrog ? ? A G   21 O6  ? ? ? 1_555 A C   38 N4 ? ? A G   22  A C   39  1_555 ? ? ? ? ? ? WATSON-CRICK  ?     ? ? 
hydrog40 hydrog ? ? A G   22 N1  ? ? ? 1_555 A C   36 N3 ? ? A G   23  A C   37  1_555 ? ? ? ? ? ? WATSON-CRICK  ?     ? ? 
hydrog41 hydrog ? ? A G   22 N2  ? ? ? 1_555 A C   36 O2 ? ? A G   23  A C   37  1_555 ? ? ? ? ? ? WATSON-CRICK  ?     ? ? 
hydrog42 hydrog ? ? A G   22 O6  ? ? ? 1_555 A C   36 N4 ? ? A G   23  A C   37  1_555 ? ? ? ? ? ? WATSON-CRICK  ?     ? ? 
hydrog43 hydrog ? ? A G   23 N1  ? ? ? 1_555 A A   34 N1 ? ? A G   24  A A   35  1_555 ? ? ? ? ? ? TYPE_8_PAIR   ?     ? ? 
hydrog44 hydrog ? ? A G   23 O6  ? ? ? 1_555 A A   34 N6 ? ? A G   24  A A   35  1_555 ? ? ? ? ? ? TYPE_8_PAIR   ?     ? ? 
hydrog45 hydrog ? ? A G   24 N1  ? ? ? 1_555 A C   33 N3 ? ? A G   25  A C   34  1_555 ? ? ? ? ? ? WATSON-CRICK  ?     ? ? 
hydrog46 hydrog ? ? A G   24 N2  ? ? ? 1_555 A C   33 O2 ? ? A G   25  A C   34  1_555 ? ? ? ? ? ? WATSON-CRICK  ?     ? ? 
hydrog47 hydrog ? ? A G   24 O6  ? ? ? 1_555 A C   33 N4 ? ? A G   25  A C   34  1_555 ? ? ? ? ? ? WATSON-CRICK  ?     ? ? 
hydrog48 hydrog ? ? A A   25 N1  ? ? ? 1_555 A U   32 N3 ? ? A A   26  A U   33  1_555 ? ? ? ? ? ? WATSON-CRICK  ?     ? ? 
hydrog49 hydrog ? ? A A   25 N6  ? ? ? 1_555 A U   32 O4 ? ? A A   26  A U   33  1_555 ? ? ? ? ? ? WATSON-CRICK  ?     ? ? 
hydrog50 hydrog ? ? A C   26 N3  ? ? ? 1_555 A G   31 N1 ? ? A C   27  A G   32  1_555 ? ? ? ? ? ? WATSON-CRICK  ?     ? ? 
hydrog51 hydrog ? ? A C   26 N4  ? ? ? 1_555 A G   31 O6 ? ? A C   27  A G   32  1_555 ? ? ? ? ? ? WATSON-CRICK  ?     ? ? 
hydrog52 hydrog ? ? A C   26 O2  ? ? ? 1_555 A G   31 N2 ? ? A C   27  A G   32  1_555 ? ? ? ? ? ? WATSON-CRICK  ?     ? ? 
hydrog53 hydrog ? ? A G   27 N2  ? ? ? 1_555 A A   30 N7 ? ? A G   28  A A   31  1_555 ? ? ? ? ? ? 'G-A MISPAIR' ?     ? ? 
# 
loop_
_struct_conn_type.id 
_struct_conn_type.criteria 
_struct_conn_type.reference 
metalc ? ? 
hydrog ? ? 
# 
_atom_sites.entry_id                    7D7Y 
_atom_sites.Cartn_transf_matrix[1][1]   ? 
_atom_sites.Cartn_transf_matrix[1][2]   ? 
_atom_sites.Cartn_transf_matrix[1][3]   ? 
_atom_sites.Cartn_transf_matrix[2][1]   ? 
_atom_sites.Cartn_transf_matrix[2][2]   ? 
_atom_sites.Cartn_transf_matrix[2][3]   ? 
_atom_sites.Cartn_transf_matrix[3][1]   ? 
_atom_sites.Cartn_transf_matrix[3][2]   ? 
_atom_sites.Cartn_transf_matrix[3][3]   ? 
_atom_sites.Cartn_transf_vector[1]      ? 
_atom_sites.Cartn_transf_vector[2]      ? 
_atom_sites.Cartn_transf_vector[3]      ? 
_atom_sites.fract_transf_matrix[1][1]   -0.00814948 
_atom_sites.fract_transf_matrix[1][2]   0.00522271 
_atom_sites.fract_transf_matrix[1][3]   -0.01480694 
_atom_sites.fract_transf_matrix[2][1]   -0.01365712 
_atom_sites.fract_transf_matrix[2][2]   -0.00987661 
_atom_sites.fract_transf_matrix[2][3]   0.00403295 
_atom_sites.fract_transf_matrix[3][1]   -0.00207511 
_atom_sites.fract_transf_matrix[3][2]   0.00389705 
_atom_sites.fract_transf_matrix[3][3]   0.00251667 
_atom_sites.fract_transf_vector[1]      -0.473116 
_atom_sites.fract_transf_vector[2]      -0.264312 
_atom_sites.fract_transf_vector[3]      -0.147718 
_atom_sites.solution_primary            ? 
_atom_sites.solution_secondary          ? 
_atom_sites.solution_hydrogens          ? 
_atom_sites.special_details             ? 
# 
loop_
_atom_type.symbol 
C  
MG 
N  
O  
P  
# 
loop_
_atom_site.group_PDB 
_atom_site.id 
_atom_site.type_symbol 
_atom_site.label_atom_id 
_atom_site.label_alt_id 
_atom_site.label_comp_id 
_atom_site.label_asym_id 
_atom_site.label_entity_id 
_atom_site.label_seq_id 
_atom_site.pdbx_PDB_ins_code 
_atom_site.Cartn_x 
_atom_site.Cartn_y 
_atom_site.Cartn_z 
_atom_site.occupancy 
_atom_site.B_iso_or_equiv 
_atom_site.pdbx_formal_charge 
_atom_site.auth_seq_id 
_atom_site.auth_comp_id 
_atom_site.auth_asym_id 
_atom_site.auth_atom_id 
_atom_site.pdbx_PDB_model_num 
ATOM   1    P  P     . G   A 1 1  ? -7.022  21.296  7.338   1.00 100.20 ? 2   G   A P     1 
ATOM   2    O  OP1   . G   A 1 1  ? -6.888  22.075  6.077   1.00 87.97  ? 2   G   A OP1   1 
ATOM   3    O  OP2   . G   A 1 1  ? -7.276  19.832  7.304   1.00 107.13 ? 2   G   A OP2   1 
ATOM   4    O  "O5'" . G   A 1 1  ? -5.709  21.586  8.191   1.00 78.70  ? 2   G   A "O5'" 1 
ATOM   5    C  "C5'" . G   A 1 1  ? -4.771  22.543  7.734   1.00 78.63  ? 2   G   A "C5'" 1 
ATOM   6    C  "C4'" . G   A 1 1  ? -3.529  22.577  8.586   1.00 81.24  ? 2   G   A "C4'" 1 
ATOM   7    O  "O4'" . G   A 1 1  ? -3.827  23.154  9.891   1.00 82.19  ? 2   G   A "O4'" 1 
ATOM   8    C  "C3'" . G   A 1 1  ? -2.896  21.246  8.948   1.00 85.91  ? 2   G   A "C3'" 1 
ATOM   9    O  "O3'" . G   A 1 1  ? -2.298  20.519  7.869   1.00 88.94  ? 2   G   A "O3'" 1 
ATOM   10   C  "C2'" . G   A 1 1  ? -2.022  21.653  10.129  1.00 79.16  ? 2   G   A "C2'" 1 
ATOM   11   O  "O2'" . G   A 1 1  ? -0.957  22.496  9.717   1.00 78.30  ? 2   G   A "O2'" 1 
ATOM   12   C  "C1'" . G   A 1 1  ? -3.013  22.533  10.877  1.00 76.90  ? 2   G   A "C1'" 1 
ATOM   13   N  N9    . G   A 1 1  ? -3.867  21.689  11.731  1.00 77.24  ? 2   G   A N9    1 
ATOM   14   C  C8    . G   A 1 1  ? -5.157  21.271  11.495  1.00 75.57  ? 2   G   A C8    1 
ATOM   15   N  N7    . G   A 1 1  ? -5.620  20.492  12.437  1.00 73.28  ? 2   G   A N7    1 
ATOM   16   C  C5    . G   A 1 1  ? -4.568  20.380  13.339  1.00 72.73  ? 2   G   A C5    1 
ATOM   17   C  C6    . G   A 1 1  ? -4.475  19.663  14.562  1.00 72.90  ? 2   G   A C6    1 
ATOM   18   O  O6    . G   A 1 1  ? -5.337  18.961  15.108  1.00 72.61  ? 2   G   A O6    1 
ATOM   19   N  N1    . G   A 1 1  ? -3.225  19.820  15.156  1.00 71.65  ? 2   G   A N1    1 
ATOM   20   C  C2    . G   A 1 1  ? -2.192  20.570  14.645  1.00 72.80  ? 2   G   A C2    1 
ATOM   21   N  N2    . G   A 1 1  ? -1.063  20.596  15.370  1.00 71.55  ? 2   G   A N2    1 
ATOM   22   N  N3    . G   A 1 1  ? -2.264  21.243  13.506  1.00 75.06  ? 2   G   A N3    1 
ATOM   23   C  C4    . G   A 1 1  ? -3.474  21.103  12.913  1.00 75.92  ? 2   G   A C4    1 
ATOM   24   P  P     . C   A 1 2  ? -0.723  20.523  7.540   1.00 82.42  ? 3   C   A P     1 
ATOM   25   O  OP1   . C   A 1 2  ? -0.289  21.936  7.432   1.00 89.99  ? 3   C   A OP1   1 
ATOM   26   O  OP2   . C   A 1 2  ? -0.502  19.609  6.393   1.00 87.80  ? 3   C   A OP2   1 
ATOM   27   O  "O5'" . C   A 1 2  ? -0.010  19.885  8.813   1.00 69.17  ? 3   C   A "O5'" 1 
ATOM   28   C  "C5'" . C   A 1 2  ? 1.301   20.308  9.139   1.00 70.35  ? 3   C   A "C5'" 1 
ATOM   29   C  "C4'" . C   A 1 2  ? 1.737   19.872  10.511  1.00 68.03  ? 3   C   A "C4'" 1 
ATOM   30   O  "O4'" . C   A 1 2  ? 0.702   20.112  11.492  1.00 70.73  ? 3   C   A "O4'" 1 
ATOM   31   C  "C3'" . C   A 1 2  ? 2.047   18.402  10.685  1.00 73.22  ? 3   C   A "C3'" 1 
ATOM   32   O  "O3'" . C   A 1 2  ? 3.284   18.031  10.113  1.00 71.86  ? 3   C   A "O3'" 1 
ATOM   33   C  "C2'" . C   A 1 2  ? 1.997   18.250  12.197  1.00 73.74  ? 3   C   A "C2'" 1 
ATOM   34   O  "O2'" . C   A 1 2  ? 3.176   18.772  12.793  1.00 70.12  ? 3   C   A "O2'" 1 
ATOM   35   C  "C1'" . C   A 1 2  ? 0.838   19.182  12.549  1.00 67.83  ? 3   C   A "C1'" 1 
ATOM   36   N  N1    . C   A 1 2  ? -0.440  18.459  12.722  1.00 67.51  ? 3   C   A N1    1 
ATOM   37   C  C2    . C   A 1 2  ? -0.608  17.640  13.849  1.00 70.52  ? 3   C   A C2    1 
ATOM   38   O  O2    . C   A 1 2  ? 0.322   17.523  14.666  1.00 70.69  ? 3   C   A O2    1 
ATOM   39   N  N3    . C   A 1 2  ? -1.780  16.984  14.024  1.00 68.98  ? 3   C   A N3    1 
ATOM   40   C  C4    . C   A 1 2  ? -2.758  17.130  13.130  1.00 70.03  ? 3   C   A C4    1 
ATOM   41   N  N4    . C   A 1 2  ? -3.895  16.467  13.345  1.00 69.08  ? 3   C   A N4    1 
ATOM   42   C  C5    . C   A 1 2  ? -2.616  17.961  11.977  1.00 70.22  ? 3   C   A C5    1 
ATOM   43   C  C6    . C   A 1 2  ? -1.452  18.604  11.815  1.00 68.99  ? 3   C   A C6    1 
ATOM   44   P  P     . U   A 1 3  ? 3.441   16.591  9.425   1.00 75.87  ? 4   U   A P     1 
ATOM   45   O  OP1   . U   A 1 3  ? 4.682   16.612  8.607   1.00 78.40  ? 4   U   A OP1   1 
ATOM   46   O  OP2   . U   A 1 3  ? 2.151   16.241  8.778   1.00 77.89  ? 4   U   A OP2   1 
ATOM   47   O  "O5'" . U   A 1 3  ? 3.683   15.620  10.663  1.00 72.97  ? 4   U   A "O5'" 1 
ATOM   48   C  "C5'" . U   A 1 3  ? 4.658   15.938  11.643  1.00 69.13  ? 4   U   A "C5'" 1 
ATOM   49   C  "C4'" . U   A 1 3  ? 4.450   15.143  12.903  1.00 69.54  ? 4   U   A "C4'" 1 
ATOM   50   O  "O4'" . U   A 1 3  ? 3.214   15.547  13.546  1.00 72.32  ? 4   U   A "O4'" 1 
ATOM   51   C  "C3'" . U   A 1 3  ? 4.284   13.647  12.718  1.00 70.31  ? 4   U   A "C3'" 1 
ATOM   52   O  "O3'" . U   A 1 3  ? 5.513   12.972  12.536  1.00 73.10  ? 4   U   A "O3'" 1 
ATOM   53   C  "C2'" . U   A 1 3  ? 3.546   13.237  13.984  1.00 71.98  ? 4   U   A "C2'" 1 
ATOM   54   O  "O2'" . U   A 1 3  ? 4.445   13.150  15.081  1.00 74.36  ? 4   U   A "O2'" 1 
ATOM   55   C  "C1'" . U   A 1 3  ? 2.632   14.439  14.202  1.00 69.35  ? 4   U   A "C1'" 1 
ATOM   56   N  N1    . U   A 1 3  ? 1.262   14.225  13.678  1.00 67.10  ? 4   U   A N1    1 
ATOM   57   C  C2    . U   A 1 3  ? 0.404   13.426  14.421  1.00 67.06  ? 4   U   A C2    1 
ATOM   58   O  O2    . U   A 1 3  ? 0.736   12.881  15.462  1.00 66.14  ? 4   U   A O2    1 
ATOM   59   N  N3    . U   A 1 3  ? -0.862  13.282  13.902  1.00 65.29  ? 4   U   A N3    1 
ATOM   60   C  C4    . U   A 1 3  ? -1.352  13.844  12.739  1.00 66.69  ? 4   U   A C4    1 
ATOM   61   O  O4    . U   A 1 3  ? -2.519  13.617  12.400  1.00 62.95  ? 4   U   A O4    1 
ATOM   62   C  C5    . U   A 1 3  ? -0.405  14.658  12.028  1.00 67.40  ? 4   U   A C5    1 
ATOM   63   C  C6    . U   A 1 3  ? 0.835   14.821  12.510  1.00 66.53  ? 4   U   A C6    1 
ATOM   64   P  P     . U   A 1 4  ? 5.579   11.704  11.554  1.00 77.56  ? 5   U   A P     1 
ATOM   65   O  OP1   . U   A 1 4  ? 7.002   11.332  11.341  1.00 73.42  ? 5   U   A OP1   1 
ATOM   66   O  OP2   . U   A 1 4  ? 4.713   12.024  10.386  1.00 70.82  ? 5   U   A OP2   1 
ATOM   67   O  "O5'" . U   A 1 4  ? 4.886   10.544  12.395  1.00 70.13  ? 5   U   A "O5'" 1 
ATOM   68   C  "C5'" . U   A 1 4  ? 5.302   10.256  13.722  1.00 69.47  ? 5   U   A "C5'" 1 
ATOM   69   C  "C4'" . U   A 1 4  ? 4.257   9.453   14.452  1.00 68.33  ? 5   U   A "C4'" 1 
ATOM   70   O  "O4'" . U   A 1 4  ? 3.076   10.263  14.677  1.00 68.03  ? 5   U   A "O4'" 1 
ATOM   71   C  "C3'" . U   A 1 4  ? 3.728   8.250   13.700  1.00 72.11  ? 5   U   A "C3'" 1 
ATOM   72   O  "O3'" . U   A 1 4  ? 4.595   7.134   13.752  1.00 75.16  ? 5   U   A "O3'" 1 
ATOM   73   C  "C2'" . U   A 1 4  ? 2.365   8.027   14.344  1.00 66.34  ? 5   U   A "C2'" 1 
ATOM   74   O  "O2'" . U   A 1 4  ? 2.498   7.414   15.618  1.00 65.98  ? 5   U   A "O2'" 1 
ATOM   75   C  "C1'" . U   A 1 4  ? 1.913   9.466   14.566  1.00 65.47  ? 5   U   A "C1'" 1 
ATOM   76   N  N1    . U   A 1 4  ? 1.086   9.982   13.451  1.00 62.63  ? 5   U   A N1    1 
ATOM   77   C  C2    . U   A 1 4  ? -0.265  9.700   13.475  1.00 62.08  ? 5   U   A C2    1 
ATOM   78   O  O2    . U   A 1 4  ? -0.781  9.037   14.358  1.00 63.87  ? 5   U   A O2    1 
ATOM   79   N  N3    . U   A 1 4  ? -0.990  10.216  12.430  1.00 59.89  ? 5   U   A N3    1 
ATOM   80   C  C4    . U   A 1 4  ? -0.507  10.973  11.382  1.00 60.45  ? 5   U   A C4    1 
ATOM   81   O  O4    . U   A 1 4  ? -1.284  11.368  10.512  1.00 60.48  ? 5   U   A O4    1 
ATOM   82   C  C5    . U   A 1 4  ? 0.901   11.224  11.427  1.00 60.98  ? 5   U   A C5    1 
ATOM   83   C  C6    . U   A 1 4  ? 1.628   10.735  12.435  1.00 62.86  ? 5   U   A C6    1 
ATOM   84   P  P     . C   A 1 5  ? 4.333   5.907   12.758  1.00 75.73  ? 6   C   A P     1 
ATOM   85   O  OP1   . C   A 1 5  ? 5.593   5.150   12.541  1.00 63.56  ? 6   C   A OP1   1 
ATOM   86   O  OP2   . C   A 1 5  ? 3.572   6.457   11.602  1.00 68.69  ? 6   C   A OP2   1 
ATOM   87   O  "O5'" . C   A 1 5  ? 3.352   4.984   13.600  1.00 70.62  ? 6   C   A "O5'" 1 
ATOM   88   C  "C5'" . C   A 1 5  ? 2.442   4.119   12.950  1.00 70.48  ? 6   C   A "C5'" 1 
ATOM   89   C  "C4'" . C   A 1 5  ? 1.136   4.070   13.687  1.00 65.61  ? 6   C   A "C4'" 1 
ATOM   90   O  "O4'" . C   A 1 5  ? 0.499   5.366   13.649  1.00 68.42  ? 6   C   A "O4'" 1 
ATOM   91   C  "C3'" . C   A 1 5  ? 0.099   3.129   13.114  1.00 67.12  ? 6   C   A "C3'" 1 
ATOM   92   O  "O3'" . C   A 1 5  ? 0.331   1.798   13.534  1.00 68.24  ? 6   C   A "O3'" 1 
ATOM   93   C  "C2'" . C   A 1 5  ? -1.212  3.714   13.628  1.00 60.25  ? 6   C   A "C2'" 1 
ATOM   94   O  "O2'" . C   A 1 5  ? -1.442  3.305   14.967  1.00 55.51  ? 6   C   A "O2'" 1 
ATOM   95   C  "C1'" . C   A 1 5  ? -0.901  5.212   13.643  1.00 60.46  ? 6   C   A "C1'" 1 
ATOM   96   N  N1    . C   A 1 5  ? -1.456  5.982   12.504  1.00 61.30  ? 6   C   A N1    1 
ATOM   97   C  C2    . C   A 1 5  ? -2.839  6.103   12.303  1.00 61.83  ? 6   C   A C2    1 
ATOM   98   O  O2    . C   A 1 5  ? -3.634  5.505   13.047  1.00 60.32  ? 6   C   A O2    1 
ATOM   99   N  N3    . C   A 1 5  ? -3.286  6.858   11.270  1.00 60.38  ? 6   C   A N3    1 
ATOM   100  C  C4    . C   A 1 5  ? -2.425  7.497   10.472  1.00 59.91  ? 6   C   A C4    1 
ATOM   101  N  N4    . C   A 1 5  ? -2.921  8.228   9.470   1.00 57.15  ? 6   C   A N4    1 
ATOM   102  C  C5    . C   A 1 5  ? -1.017  7.410   10.669  1.00 59.28  ? 6   C   A C5    1 
ATOM   103  C  C6    . C   A 1 5  ? -0.587  6.661   11.690  1.00 60.47  ? 6   C   A C6    1 
ATOM   104  P  P     . A   A 1 6  ? 0.227   0.587   12.491  1.00 65.46  ? 7   A   A P     1 
ATOM   105  O  OP1   . A   A 1 6  ? 0.747   -0.641  13.154  1.00 59.66  ? 7   A   A OP1   1 
ATOM   106  O  OP2   . A   A 1 6  ? 0.771   1.046   11.183  1.00 66.79  ? 7   A   A OP2   1 
ATOM   107  O  "O5'" . A   A 1 6  ? -1.338  0.398   12.320  1.00 63.92  ? 7   A   A "O5'" 1 
ATOM   108  C  "C5'" . A   A 1 6  ? -2.143  -0.001  13.419  1.00 63.79  ? 7   A   A "C5'" 1 
ATOM   109  C  "C4'" . A   A 1 6  ? -3.529  -0.350  12.959  1.00 63.98  ? 7   A   A "C4'" 1 
ATOM   110  O  "O4'" . A   A 1 6  ? -4.162  0.856   12.461  1.00 60.34  ? 7   A   A "O4'" 1 
ATOM   111  C  "C3'" . A   A 1 6  ? -3.576  -1.365  11.822  1.00 59.29  ? 7   A   A "C3'" 1 
ATOM   112  O  "O3'" . A   A 1 6  ? -4.718  -2.203  11.974  1.00 58.56  ? 7   A   A "O3'" 1 
ATOM   113  C  "C2'" . A   A 1 6  ? -3.708  -0.491  10.576  1.00 59.30  ? 7   A   A "C2'" 1 
ATOM   114  O  "O2'" . A   A 1 6  ? -4.363  -1.113  9.492   1.00 60.11  ? 7   A   A "O2'" 1 
ATOM   115  C  "C1'" . A   A 1 6  ? -4.500  0.708   11.097  1.00 58.60  ? 7   A   A "C1'" 1 
ATOM   116  N  N9    . A   A 1 6  ? -4.160  1.966   10.430  1.00 57.14  ? 7   A   A N9    1 
ATOM   117  C  C8    . A   A 1 6  ? -2.935  2.581   10.406  1.00 58.39  ? 7   A   A C8    1 
ATOM   118  N  N7    . A   A 1 6  ? -2.918  3.707   9.735   1.00 57.28  ? 7   A   A N7    1 
ATOM   119  C  C5    . A   A 1 6  ? -4.222  3.845   9.285   1.00 54.62  ? 7   A   A C5    1 
ATOM   120  C  C6    . A   A 1 6  ? -4.862  4.835   8.512   1.00 57.01  ? 7   A   A C6    1 
ATOM   121  N  N6    . A   A 1 6  ? -4.253  5.918   8.029   1.00 57.42  ? 7   A   A N6    1 
ATOM   122  N  N1    . A   A 1 6  ? -6.176  4.678   8.246   1.00 59.82  ? 7   A   A N1    1 
ATOM   123  C  C2    . A   A 1 6  ? -6.794  3.592   8.728   1.00 60.64  ? 7   A   A C2    1 
ATOM   124  N  N3    . A   A 1 6  ? -6.303  2.594   9.463   1.00 59.78  ? 7   A   A N3    1 
ATOM   125  C  C4    . A   A 1 6  ? -4.998  2.783   9.712   1.00 56.39  ? 7   A   A C4    1 
ATOM   126  P  P     . A   A 1 7  ? -4.590  -3.552  12.835  1.00 59.93  ? 8   A   A P     1 
ATOM   127  O  OP1   . A   A 1 7  ? -3.369  -3.449  13.671  1.00 62.34  ? 8   A   A OP1   1 
ATOM   128  O  OP2   . A   A 1 7  ? -4.796  -4.716  11.940  1.00 64.12  ? 8   A   A OP2   1 
ATOM   129  O  "O5'" . A   A 1 7  ? -5.854  -3.518  13.795  1.00 67.44  ? 8   A   A "O5'" 1 
ATOM   130  C  "C5'" . A   A 1 7  ? -5.824  -2.807  15.020  1.00 66.36  ? 8   A   A "C5'" 1 
ATOM   131  C  "C4'" . A   A 1 7  ? -7.183  -2.792  15.663  1.00 61.74  ? 8   A   A "C4'" 1 
ATOM   132  O  "O4'" . A   A 1 7  ? -7.794  -1.492  15.489  1.00 58.91  ? 8   A   A "O4'" 1 
ATOM   133  C  "C3'" . A   A 1 7  ? -8.220  -3.743  15.086  1.00 60.74  ? 8   A   A "C3'" 1 
ATOM   134  O  "O3'" . A   A 1 7  ? -8.059  -5.091  15.494  1.00 66.28  ? 8   A   A "O3'" 1 
ATOM   135  C  "C2'" . A   A 1 7  ? -9.527  -3.125  15.558  1.00 64.11  ? 8   A   A "C2'" 1 
ATOM   136  O  "O2'" . A   A 1 7  ? -9.787  -3.466  16.912  1.00 69.28  ? 8   A   A "O2'" 1 
ATOM   137  C  "C1'" . A   A 1 7  ? -9.201  -1.632  15.498  1.00 64.82  ? 8   A   A "C1'" 1 
ATOM   138  N  N9    . A   A 1 7  ? -9.805  -0.963  14.328  1.00 63.81  ? 8   A   A N9    1 
ATOM   139  C  C8    . A   A 1 7  ? -11.155 -0.880  14.087  1.00 62.61  ? 8   A   A C8    1 
ATOM   140  N  N7    . A   A 1 7  ? -11.469 -0.231  12.994  1.00 60.85  ? 8   A   A N7    1 
ATOM   141  C  C5    . A   A 1 7  ? -10.242 0.139   12.479  1.00 58.48  ? 8   A   A C5    1 
ATOM   142  C  C6    . A   A 1 7  ? -9.919  0.859   11.323  1.00 61.12  ? 8   A   A C6    1 
ATOM   143  N  N6    . A   A 1 7  ? -10.836 1.334   10.474  1.00 64.36  ? 8   A   A N6    1 
ATOM   144  N  N1    . A   A 1 7  ? -8.611  1.064   11.080  1.00 62.24  ? 8   A   A N1    1 
ATOM   145  C  C2    . A   A 1 7  ? -7.717  0.573   11.954  1.00 62.56  ? 8   A   A C2    1 
ATOM   146  N  N3    . A   A 1 7  ? -7.890  -0.118  13.078  1.00 57.27  ? 8   A   A N3    1 
ATOM   147  C  C4    . A   A 1 7  ? -9.200  -0.306  13.284  1.00 57.93  ? 8   A   A C4    1 
ATOM   148  P  P     . C   A 1 8  ? -8.254  -6.282  14.428  1.00 64.86  ? 9   C   A P     1 
ATOM   149  O  OP1   . C   A 1 8  ? -8.585  -7.542  15.147  1.00 58.68  ? 9   C   A OP1   1 
ATOM   150  O  OP2   . C   A 1 8  ? -7.062  -6.256  13.539  1.00 66.09  ? 9   C   A OP2   1 
ATOM   151  O  "O5'" . C   A 1 8  ? -9.532  -5.842  13.580  1.00 56.93  ? 9   C   A "O5'" 1 
ATOM   152  C  "C5'" . C   A 1 8  ? -10.848 -6.014  14.089  1.00 59.77  ? 9   C   A "C5'" 1 
ATOM   153  C  "C4'" . C   A 1 8  ? -11.859 -5.282  13.242  1.00 56.89  ? 9   C   A "C4'" 1 
ATOM   154  O  "O4'" . C   A 1 8  ? -11.382 -3.944  12.992  1.00 60.24  ? 9   C   A "O4'" 1 
ATOM   155  C  "C3'" . C   A 1 8  ? -12.098 -5.874  11.864  1.00 59.21  ? 9   C   A "C3'" 1 
ATOM   156  O  "O3'" . C   A 1 8  ? -13.105 -6.870  11.889  1.00 56.01  ? 9   C   A "O3'" 1 
ATOM   157  C  "C2'" . C   A 1 8  ? -12.481 -4.673  11.005  1.00 56.60  ? 9   C   A "C2'" 1 
ATOM   158  O  "O2'" . C   A 1 8  ? -13.879 -4.447  11.062  1.00 59.00  ? 9   C   A "O2'" 1 
ATOM   159  C  "C1'" . C   A 1 8  ? -11.763 -3.519  11.705  1.00 58.25  ? 9   C   A "C1'" 1 
ATOM   160  N  N1    . C   A 1 8  ? -10.558 -3.026  10.995  1.00 62.60  ? 9   C   A N1    1 
ATOM   161  C  C2    . C   A 1 8  ? -10.711 -2.139  9.921   1.00 61.21  ? 9   C   A C2    1 
ATOM   162  O  O2    . C   A 1 8  ? -11.853 -1.826  9.558   1.00 62.56  ? 9   C   A O2    1 
ATOM   163  N  N3    . C   A 1 8  ? -9.612  -1.654  9.296   1.00 57.04  ? 9   C   A N3    1 
ATOM   164  C  C4    . C   A 1 8  ? -8.397  -2.015  9.715   1.00 58.92  ? 9   C   A C4    1 
ATOM   165  N  N4    . C   A 1 8  ? -7.339  -1.515  9.071   1.00 60.98  ? 9   C   A N4    1 
ATOM   166  C  C5    . C   A 1 8  ? -8.211  -2.906  10.813  1.00 59.18  ? 9   C   A C5    1 
ATOM   167  C  C6    . C   A 1 8  ? -9.307  -3.377  11.424  1.00 60.76  ? 9   C   A C6    1 
ATOM   168  P  P     . A   A 1 9  ? -12.708 -8.417  11.760  1.00 62.10  ? 10  A   A P     1 
ATOM   169  O  OP1   . A   A 1 9  ? -13.948 -9.188  11.471  1.00 59.52  ? 10  A   A OP1   1 
ATOM   170  O  OP2   . A   A 1 9  ? -11.861 -8.784  12.923  1.00 63.09  ? 10  A   A OP2   1 
ATOM   171  O  "O5'" . A   A 1 9  ? -11.777 -8.444  10.475  1.00 55.32  ? 10  A   A "O5'" 1 
ATOM   172  C  "C5'" . A   A 1 9  ? -12.299 -8.152  9.184   1.00 54.64  ? 10  A   A "C5'" 1 
ATOM   173  C  "C4'" . A   A 1 9  ? -11.380 -8.670  8.112   1.00 61.61  ? 10  A   A "C4'" 1 
ATOM   174  O  "O4'" . A   A 1 9  ? -10.216 -7.797  8.015   1.00 56.27  ? 10  A   A "O4'" 1 
ATOM   175  C  "C3'" . A   A 1 9  ? -10.835 -10.072 8.372   1.00 56.16  ? 10  A   A "C3'" 1 
ATOM   176  O  "O3'" . A   A 1 9  ? -10.632 -10.728 7.124   1.00 56.79  ? 10  A   A "O3'" 1 
ATOM   177  C  "C2'" . A   A 1 9  ? -9.484  -9.782  9.018   1.00 57.73  ? 10  A   A "C2'" 1 
ATOM   178  O  "O2'" . A   A 1 9  ? -8.548  -10.834 8.941   1.00 59.03  ? 10  A   A "O2'" 1 
ATOM   179  C  "C1'" . A   A 1 9  ? -9.043  -8.555  8.227   1.00 57.19  ? 10  A   A "C1'" 1 
ATOM   180  N  N9    . A   A 1 9  ? -8.050  -7.712  8.894   1.00 54.53  ? 10  A   A N9    1 
ATOM   181  C  C8    . A   A 1 9  ? -7.721  -7.626  10.224  1.00 53.78  ? 10  A   A C8    1 
ATOM   182  N  N7    . A   A 1 9  ? -6.763  -6.759  10.468  1.00 56.79  ? 10  A   A N7    1 
ATOM   183  C  C5    . A   A 1 9  ? -6.441  -6.248  9.214   1.00 59.35  ? 10  A   A C5    1 
ATOM   184  C  C6    . A   A 1 9  ? -5.504  -5.289  8.771   1.00 59.96  ? 10  A   A C6    1 
ATOM   185  N  N6    . A   A 1 9  ? -4.671  -4.629  9.580   1.00 60.96  ? 10  A   A N6    1 
ATOM   186  N  N1    . A   A 1 9  ? -5.449  -5.022  7.445   1.00 58.68  ? 10  A   A N1    1 
ATOM   187  C  C2    . A   A 1 9  ? -6.277  -5.672  6.618   1.00 57.70  ? 10  A   A C2    1 
ATOM   188  N  N3    . A   A 1 9  ? -7.196  -6.587  6.912   1.00 60.33  ? 10  A   A N3    1 
ATOM   189  C  C4    . A   A 1 9  ? -7.229  -6.829  8.237   1.00 58.75  ? 10  A   A C4    1 
ATOM   190  P  P     . A   A 1 10 ? -11.430 -12.079 6.781   1.00 59.08  ? 11  A   A P     1 
ATOM   191  O  OP1   . A   A 1 10 ? -10.829 -12.688 5.571   1.00 64.52  ? 11  A   A OP1   1 
ATOM   192  O  OP2   . A   A 1 10 ? -12.882 -11.780 6.787   1.00 64.26  ? 11  A   A OP2   1 
ATOM   193  O  "O5'" . A   A 1 10 ? -11.092 -13.034 8.010   1.00 64.66  ? 11  A   A "O5'" 1 
ATOM   194  C  "C5'" . A   A 1 10 ? -9.767  -13.518 8.212   1.00 60.50  ? 11  A   A "C5'" 1 
ATOM   195  C  "C4'" . A   A 1 10 ? -9.710  -15.024 8.225   1.00 60.81  ? 11  A   A "C4'" 1 
ATOM   196  O  "O4'" . A   A 1 10 ? -11.045 -15.555 7.994   1.00 61.02  ? 11  A   A "O4'" 1 
ATOM   197  C  "C3'" . A   A 1 10 ? -8.818  -15.629 7.148   1.00 63.90  ? 11  A   A "C3'" 1 
ATOM   198  O  "O3'" . A   A 1 10 ? -8.210  -16.820 7.638   1.00 64.12  ? 11  A   A "O3'" 1 
ATOM   199  C  "C2'" . A   A 1 10 ? -9.809  -15.965 6.041   1.00 64.67  ? 11  A   A "C2'" 1 
ATOM   200  O  "O2'" . A   A 1 10 ? -9.386  -16.981 5.157   1.00 66.59  ? 11  A   A "O2'" 1 
ATOM   201  C  "C1'" . A   A 1 10 ? -11.039 -16.377 6.845   1.00 63.08  ? 11  A   A "C1'" 1 
ATOM   202  N  N9    . A   A 1 10 ? -12.297 -16.185 6.118   1.00 64.78  ? 11  A   A N9    1 
ATOM   203  C  C8    . A   A 1 10 ? -12.587 -15.225 5.178   1.00 64.48  ? 11  A   A C8    1 
ATOM   204  N  N7    . A   A 1 10 ? -13.795 -15.323 4.674   1.00 62.76  ? 11  A   A N7    1 
ATOM   205  C  C5    . A   A 1 10 ? -14.330 -16.432 5.319   1.00 62.75  ? 11  A   A C5    1 
ATOM   206  C  C6    . A   A 1 10 ? -15.581 -17.068 5.233   1.00 64.01  ? 11  A   A C6    1 
ATOM   207  N  N6    . A   A 1 10 ? -16.571 -16.668 4.430   1.00 66.75  ? 11  A   A N6    1 
ATOM   208  N  N1    . A   A 1 10 ? -15.787 -18.146 6.016   1.00 59.36  ? 11  A   A N1    1 
ATOM   209  C  C2    . A   A 1 10 ? -14.807 -18.555 6.826   1.00 57.34  ? 11  A   A C2    1 
ATOM   210  N  N3    . A   A 1 10 ? -13.596 -18.046 6.998   1.00 60.45  ? 11  A   A N3    1 
ATOM   211  C  C4    . A   A 1 10 ? -13.418 -16.975 6.207   1.00 63.34  ? 11  A   A C4    1 
ATOM   212  P  P     . C   A 1 11 ? -6.616  -16.971 7.555   1.00 63.01  ? 12  C   A P     1 
ATOM   213  O  OP1   . C   A 1 11 ? -6.146  -16.033 6.505   1.00 61.30  ? 12  C   A OP1   1 
ATOM   214  O  OP2   . C   A 1 11 ? -6.273  -18.415 7.449   1.00 67.03  ? 12  C   A OP2   1 
ATOM   215  O  "O5'" . C   A 1 11 ? -6.111  -16.433 8.966   1.00 64.57  ? 12  C   A "O5'" 1 
ATOM   216  C  "C5'" . C   A 1 11 ? -6.503  -17.074 10.170  1.00 61.90  ? 12  C   A "C5'" 1 
ATOM   217  C  "C4'" . C   A 1 11 ? -5.318  -17.314 11.069  1.00 65.56  ? 12  C   A "C4'" 1 
ATOM   218  O  "O4'" . C   A 1 11 ? -4.422  -18.282 10.463  1.00 69.07  ? 12  C   A "O4'" 1 
ATOM   219  C  "C3'" . C   A 1 11 ? -4.431  -16.111 11.323  1.00 68.12  ? 12  C   A "C3'" 1 
ATOM   220  O  "O3'" . C   A 1 11 ? -4.952  -15.238 12.302  1.00 65.15  ? 12  C   A "O3'" 1 
ATOM   221  C  "C2'" . C   A 1 11 ? -3.106  -16.749 11.717  1.00 69.06  ? 12  C   A "C2'" 1 
ATOM   222  O  "O2'" . C   A 1 11 ? -3.140  -17.178 13.069  1.00 75.64  ? 12  C   A "O2'" 1 
ATOM   223  C  "C1'" . C   A 1 11 ? -3.085  -17.986 10.818  1.00 66.84  ? 12  C   A "C1'" 1 
ATOM   224  N  N1    . C   A 1 11 ? -2.288  -17.779 9.586   1.00 67.15  ? 12  C   A N1    1 
ATOM   225  C  C2    . C   A 1 11 ? -0.894  -17.664 9.678   1.00 66.99  ? 12  C   A C2    1 
ATOM   226  O  O2    . C   A 1 11 ? -0.349  -17.718 10.791  1.00 70.12  ? 12  C   A O2    1 
ATOM   227  N  N3    . C   A 1 11 ? -0.166  -17.484 8.554   1.00 63.57  ? 12  C   A N3    1 
ATOM   228  C  C4    . C   A 1 11 ? -0.771  -17.427 7.370   1.00 63.08  ? 12  C   A C4    1 
ATOM   229  N  N4    . C   A 1 11 ? -0.007  -17.248 6.292   1.00 64.63  ? 12  C   A N4    1 
ATOM   230  C  C5    . C   A 1 11 ? -2.184  -17.551 7.237   1.00 64.63  ? 12  C   A C5    1 
ATOM   231  C  C6    . C   A 1 11 ? -2.896  -17.726 8.360   1.00 67.69  ? 12  C   A C6    1 
ATOM   232  P  P     . C   A 1 12 ? -4.919  -13.658 12.040  1.00 66.93  ? 13  C   A P     1 
ATOM   233  O  OP1   . C   A 1 12 ? -5.547  -12.977 13.201  1.00 73.23  ? 13  C   A OP1   1 
ATOM   234  O  OP2   . C   A 1 12 ? -5.445  -13.421 10.673  1.00 70.77  ? 13  C   A OP2   1 
ATOM   235  O  "O5'" . C   A 1 12 ? -3.366  -13.311 12.015  1.00 63.80  ? 13  C   A "O5'" 1 
ATOM   236  C  "C5'" . C   A 1 12 ? -2.553  -13.506 13.162  1.00 65.90  ? 13  C   A "C5'" 1 
ATOM   237  C  "C4'" . C   A 1 12 ? -1.110  -13.195 12.862  1.00 65.41  ? 13  C   A "C4'" 1 
ATOM   238  O  "O4'" . C   A 1 12 ? -0.581  -14.182 11.936  1.00 67.73  ? 13  C   A "O4'" 1 
ATOM   239  C  "C3'" . C   A 1 12 ? -0.849  -11.865 12.173  1.00 64.62  ? 13  C   A "C3'" 1 
ATOM   240  O  "O3'" . C   A 1 12 ? -0.807  -10.771 13.075  1.00 59.61  ? 13  C   A "O3'" 1 
ATOM   241  C  "C2'" . C   A 1 12 ? 0.472   -12.111 11.457  1.00 67.12  ? 13  C   A "C2'" 1 
ATOM   242  O  "O2'" . C   A 1 12 ? 1.557   -12.029 12.368  1.00 71.48  ? 13  C   A "O2'" 1 
ATOM   243  C  "C1'" . C   A 1 12 ? 0.318   -13.571 11.037  1.00 64.03  ? 13  C   A "C1'" 1 
ATOM   244  N  N1    . C   A 1 12 ? -0.227  -13.713 9.668   1.00 64.78  ? 13  C   A N1    1 
ATOM   245  C  C2    . C   A 1 12 ? 0.526   -13.319 8.555   1.00 65.24  ? 13  C   A C2    1 
ATOM   246  O  O2    . C   A 1 12 ? 1.655   -12.828 8.717   1.00 64.74  ? 13  C   A O2    1 
ATOM   247  N  N3    . C   A 1 12 ? -0.001  -13.473 7.316   1.00 65.84  ? 13  C   A N3    1 
ATOM   248  C  C4    . C   A 1 12 ? -1.217  -14.004 7.166   1.00 64.17  ? 13  C   A C4    1 
ATOM   249  N  N4    . C   A 1 12 ? -1.700  -14.137 5.930   1.00 63.97  ? 13  C   A N4    1 
ATOM   250  C  C5    . C   A 1 12 ? -2.001  -14.415 8.281   1.00 63.90  ? 13  C   A C5    1 
ATOM   251  C  C6    . C   A 1 12 ? -1.469  -14.260 9.497   1.00 65.47  ? 13  C   A C6    1 
ATOM   252  P  P     . C   A 1 13 ? -1.466  -9.362  12.671  1.00 62.39  ? 14  C   A P     1 
ATOM   253  O  OP1   . C   A 1 13 ? -1.166  -8.373  13.741  1.00 67.37  ? 14  C   A OP1   1 
ATOM   254  O  OP2   . C   A 1 13 ? -2.870  -9.610  12.258  1.00 64.07  ? 14  C   A OP2   1 
ATOM   255  O  "O5'" . C   A 1 13 ? -0.665  -8.916  11.374  1.00 62.26  ? 14  C   A "O5'" 1 
ATOM   256  C  "C5'" . C   A 1 13 ? 0.687   -8.497  11.455  1.00 59.59  ? 14  C   A "C5'" 1 
ATOM   257  C  "C4'" . C   A 1 13 ? 1.223   -8.183  10.085  1.00 59.76  ? 14  C   A "C4'" 1 
ATOM   258  O  "O4'" . C   A 1 13 ? 1.264   -9.395  9.285   1.00 61.83  ? 14  C   A "O4'" 1 
ATOM   259  C  "C3'" . C   A 1 13 ? 0.370   -7.239  9.261   1.00 58.61  ? 14  C   A "C3'" 1 
ATOM   260  O  "O3'" . C   A 1 13 ? 0.548   -5.881  9.603   1.00 57.95  ? 14  C   A "O3'" 1 
ATOM   261  C  "C2'" . C   A 1 13 ? 0.779   -7.583  7.838   1.00 58.17  ? 14  C   A "C2'" 1 
ATOM   262  O  "O2'" . C   A 1 13 ? 2.041   -7.020  7.529   1.00 59.08  ? 14  C   A "O2'" 1 
ATOM   263  C  "C1'" . C   A 1 13 ? 0.951   -9.093  7.940   1.00 60.39  ? 14  C   A "C1'" 1 
ATOM   264  N  N1    . C   A 1 13 ? -0.288  -9.807  7.560   1.00 62.49  ? 14  C   A N1    1 
ATOM   265  C  C2    . C   A 1 13 ? -0.593  -9.914  6.201   1.00 62.90  ? 14  C   A C2    1 
ATOM   266  O  O2    . C   A 1 13 ? 0.184   -9.416  5.372   1.00 63.02  ? 14  C   A O2    1 
ATOM   267  N  N3    . C   A 1 13 ? -1.720  -10.558 5.821   1.00 64.01  ? 14  C   A N3    1 
ATOM   268  C  C4    . C   A 1 13 ? -2.531  -11.079 6.739   1.00 61.55  ? 14  C   A C4    1 
ATOM   269  N  N4    . C   A 1 13 ? -3.626  -11.700 6.311   1.00 60.13  ? 14  C   A N4    1 
ATOM   270  C  C5    . C   A 1 13 ? -2.250  -10.985 8.133   1.00 62.00  ? 14  C   A C5    1 
ATOM   271  C  C6    . C   A 1 13 ? -1.129  -10.345 8.495   1.00 63.51  ? 14  C   A C6    1 
ATOM   272  P  P     . C   A 1 14 ? -0.736  -4.937  9.754   1.00 58.95  ? 15  C   A P     1 
ATOM   273  O  OP1   . C   A 1 14 ? -0.292  -3.580  10.164  1.00 63.94  ? 15  C   A OP1   1 
ATOM   274  O  OP2   . C   A 1 14 ? -1.700  -5.664  10.619  1.00 61.34  ? 15  C   A OP2   1 
ATOM   275  O  "O5'" . C   A 1 14 ? -1.315  -4.852  8.270   1.00 57.20  ? 15  C   A "O5'" 1 
ATOM   276  C  "C5'" . C   A 1 14 ? -0.527  -4.332  7.208   1.00 56.88  ? 15  C   A "C5'" 1 
ATOM   277  C  "C4'" . C   A 1 14 ? -1.115  -4.678  5.863   1.00 55.82  ? 15  C   A "C4'" 1 
ATOM   278  O  "O4'" . C   A 1 14 ? -1.234  -6.116  5.741   1.00 58.96  ? 15  C   A "O4'" 1 
ATOM   279  C  "C3'" . C   A 1 14 ? -2.519  -4.161  5.601   1.00 58.74  ? 15  C   A "C3'" 1 
ATOM   280  O  "O3'" . C   A 1 14 ? -2.526  -2.813  5.160   1.00 61.55  ? 15  C   A "O3'" 1 
ATOM   281  C  "C2'" . C   A 1 14 ? -3.058  -5.142  4.562   1.00 58.13  ? 15  C   A "C2'" 1 
ATOM   282  O  "O2'" . C   A 1 14 ? -2.639  -4.784  3.255   1.00 54.60  ? 15  C   A "O2'" 1 
ATOM   283  C  "C1'" . C   A 1 14 ? -2.362  -6.445  4.963   1.00 56.89  ? 15  C   A "C1'" 1 
ATOM   284  N  N1    . C   A 1 14 ? -3.242  -7.315  5.766   1.00 58.04  ? 15  C   A N1    1 
ATOM   285  C  C2    . C   A 1 14 ? -4.183  -8.104  5.104   1.00 59.52  ? 15  C   A C2    1 
ATOM   286  O  O2    . C   A 1 14 ? -4.239  -8.053  3.869   1.00 58.37  ? 15  C   A O2    1 
ATOM   287  N  N3    . C   A 1 14 ? -5.005  -8.900  5.824   1.00 58.74  ? 15  C   A N3    1 
ATOM   288  C  C4    . C   A 1 14 ? -4.905  -8.919  7.155   1.00 59.54  ? 15  C   A C4    1 
ATOM   289  N  N4    . C   A 1 14 ? -5.733  -9.716  7.838   1.00 56.42  ? 15  C   A N4    1 
ATOM   290  C  C5    . C   A 1 14 ? -3.952  -8.116  7.851   1.00 61.39  ? 15  C   A C5    1 
ATOM   291  C  C6    . C   A 1 14 ? -3.145  -7.334  7.126   1.00 58.93  ? 15  C   A C6    1 
ATOM   292  P  P     . G   A 1 15 ? -2.862  -1.617  6.183   1.00 62.00  ? 16  G   A P     1 
ATOM   293  O  OP1   . G   A 1 15 ? -1.949  -0.485  5.884   1.00 63.34  ? 16  G   A OP1   1 
ATOM   294  O  OP2   . G   A 1 15 ? -2.925  -2.173  7.559   1.00 61.04  ? 16  G   A OP2   1 
ATOM   295  O  "O5'" . G   A 1 15 ? -4.332  -1.165  5.776   1.00 60.17  ? 16  G   A "O5'" 1 
ATOM   296  C  "C5'" . G   A 1 15 ? -5.467  -1.927  6.161   1.00 60.26  ? 16  G   A "C5'" 1 
ATOM   297  C  "C4'" . G   A 1 15 ? -6.737  -1.174  5.868   1.00 56.93  ? 16  G   A "C4'" 1 
ATOM   298  O  "O4'" . G   A 1 15 ? -6.744  0.056   6.634   1.00 60.15  ? 16  G   A "O4'" 1 
ATOM   299  C  "C3'" . G   A 1 15 ? -6.897  -0.724  4.424   1.00 55.31  ? 16  G   A "C3'" 1 
ATOM   300  O  "O3'" . G   A 1 15 ? -7.463  -1.731  3.610   1.00 56.15  ? 16  G   A "O3'" 1 
ATOM   301  C  "C2'" . G   A 1 15 ? -7.760  0.523   4.540   1.00 55.32  ? 16  G   A "C2'" 1 
ATOM   302  O  "O2'" . G   A 1 15 ? -9.127  0.179   4.694   1.00 59.99  ? 16  G   A "O2'" 1 
ATOM   303  C  "C1'" . G   A 1 15 ? -7.268  1.111   5.859   1.00 59.80  ? 16  G   A "C1'" 1 
ATOM   304  N  N9    . G   A 1 15 ? -6.206  2.115   5.670   1.00 57.67  ? 16  G   A N9    1 
ATOM   305  C  C8    . G   A 1 15 ? -4.928  2.067   6.171   1.00 57.97  ? 16  G   A C8    1 
ATOM   306  N  N7    . G   A 1 15 ? -4.212  3.110   5.849   1.00 58.52  ? 16  G   A N7    1 
ATOM   307  C  C5    . G   A 1 15 ? -5.073  3.897   5.096   1.00 58.08  ? 16  G   A C5    1 
ATOM   308  C  C6    . G   A 1 15 ? -4.861  5.151   4.472   1.00 61.58  ? 16  G   A C6    1 
ATOM   309  O  O6    . G   A 1 15 ? -3.834  5.846   4.456   1.00 67.54  ? 16  G   A O6    1 
ATOM   310  N  N1    . G   A 1 15 ? -6.004  5.588   3.810   1.00 59.82  ? 16  G   A N1    1 
ATOM   311  C  C2    . G   A 1 15 ? -7.195  4.913   3.749   1.00 59.14  ? 16  G   A C2    1 
ATOM   312  N  N2    . G   A 1 15 ? -8.183  5.499   3.058   1.00 62.50  ? 16  G   A N2    1 
ATOM   313  N  N3    . G   A 1 15 ? -7.404  3.744   4.327   1.00 60.50  ? 16  G   A N3    1 
ATOM   314  C  C4    . G   A 1 15 ? -6.308  3.299   4.979   1.00 59.69  ? 16  G   A C4    1 
ATOM   315  P  P     . U   A 1 16 ? -7.050  -1.857  2.066   1.00 57.56  ? 17  U   A P     1 
ATOM   316  O  OP1   . U   A 1 16 ? -7.753  -3.051  1.530   1.00 58.28  ? 17  U   A OP1   1 
ATOM   317  O  OP2   . U   A 1 16 ? -5.571  -1.742  1.950   1.00 59.81  ? 17  U   A OP2   1 
ATOM   318  O  "O5'" . U   A 1 16 ? -7.684  -0.564  1.391   1.00 58.60  ? 17  U   A "O5'" 1 
ATOM   319  C  "C5'" . U   A 1 16 ? -9.089  -0.404  1.306   1.00 57.99  ? 17  U   A "C5'" 1 
ATOM   320  C  "C4'" . U   A 1 16 ? -9.445  0.796   0.474   1.00 58.66  ? 17  U   A "C4'" 1 
ATOM   321  O  "O4'" . U   A 1 16 ? -9.119  2.010   1.198   1.00 59.55  ? 17  U   A "O4'" 1 
ATOM   322  C  "C3'" . U   A 1 16 ? -8.684  0.939   -0.832  1.00 64.27  ? 17  U   A "C3'" 1 
ATOM   323  O  "O3'" . U   A 1 16 ? -9.189  0.111   -1.863  1.00 61.94  ? 17  U   A "O3'" 1 
ATOM   324  C  "C2'" . U   A 1 16 ? -8.800  2.429   -1.115  1.00 63.07  ? 17  U   A "C2'" 1 
ATOM   325  O  "O2'" . U   A 1 16 ? -10.086 2.741   -1.629  1.00 60.90  ? 17  U   A "O2'" 1 
ATOM   326  C  "C1'" . U   A 1 16 ? -8.694  3.008   0.293   1.00 60.96  ? 17  U   A "C1'" 1 
ATOM   327  N  N1    . U   A 1 16 ? -7.307  3.391   0.632   1.00 65.22  ? 17  U   A N1    1 
ATOM   328  C  C2    . U   A 1 16 ? -6.825  4.578   0.112   1.00 66.15  ? 17  U   A C2    1 
ATOM   329  O  O2    . U   A 1 16 ? -7.492  5.305   -0.606  1.00 66.93  ? 17  U   A O2    1 
ATOM   330  N  N3    . U   A 1 16 ? -5.532  4.883   0.461   1.00 62.06  ? 17  U   A N3    1 
ATOM   331  C  C4    . U   A 1 16 ? -4.694  4.136   1.263   1.00 62.41  ? 17  U   A C4    1 
ATOM   332  O  O4    . U   A 1 16 ? -3.554  4.543   1.490   1.00 66.42  ? 17  U   A O4    1 
ATOM   333  C  C5    . U   A 1 16 ? -5.263  2.921   1.760   1.00 59.27  ? 17  U   A C5    1 
ATOM   334  C  C6    . U   A 1 16 ? -6.520  2.597   1.436   1.00 62.02  ? 17  U   A C6    1 
ATOM   335  P  P     . A   A 1 17 ? -8.237  -0.328  -3.079  1.00 61.52  ? 18  A   A P     1 
ATOM   336  O  OP1   . A   A 1 17 ? -9.013  -1.258  -3.933  1.00 64.75  ? 18  A   A OP1   1 
ATOM   337  O  OP2   . A   A 1 17 ? -6.918  -0.734  -2.526  1.00 62.87  ? 18  A   A OP2   1 
ATOM   338  O  "O5'" . A   A 1 17 ? -8.012  1.018   -3.900  1.00 67.22  ? 18  A   A "O5'" 1 
ATOM   339  C  "C5'" . A   A 1 17 ? -9.101  1.664   -4.540  1.00 70.20  ? 18  A   A "C5'" 1 
ATOM   340  C  "C4'" . A   A 1 17 ? -8.681  2.976   -5.147  1.00 70.41  ? 18  A   A "C4'" 1 
ATOM   341  O  "O4'" . A   A 1 17 ? -8.294  3.903   -4.101  1.00 73.68  ? 18  A   A "O4'" 1 
ATOM   342  C  "C3'" . A   A 1 17 ? -7.464  2.922   -6.052  1.00 73.31  ? 18  A   A "C3'" 1 
ATOM   343  O  "O3'" . A   A 1 17 ? -7.758  2.458   -7.353  1.00 75.89  ? 18  A   A "O3'" 1 
ATOM   344  C  "C2'" . A   A 1 17 ? -6.961  4.357   -6.007  1.00 75.50  ? 18  A   A "C2'" 1 
ATOM   345  O  "O2'" . A   A 1 17 ? -7.767  5.196   -6.822  1.00 76.10  ? 18  A   A "O2'" 1 
ATOM   346  C  "C1'" . A   A 1 17 ? -7.223  4.710   -4.546  1.00 71.69  ? 18  A   A "C1'" 1 
ATOM   347  N  N9    . A   A 1 17 ? -6.049  4.418   -3.705  1.00 72.37  ? 18  A   A N9    1 
ATOM   348  C  C8    . A   A 1 17 ? -5.792  3.272   -2.990  1.00 72.10  ? 18  A   A C8    1 
ATOM   349  N  N7    . A   A 1 17 ? -4.653  3.299   -2.337  1.00 69.12  ? 18  A   A N7    1 
ATOM   350  C  C5    . A   A 1 17 ? -4.130  4.546   -2.645  1.00 70.66  ? 18  A   A C5    1 
ATOM   351  C  C6    . A   A 1 17 ? -2.943  5.190   -2.261  1.00 72.37  ? 18  A   A C6    1 
ATOM   352  N  N6    . A   A 1 17 ? -2.038  4.635   -1.452  1.00 72.93  ? 18  A   A N6    1 
ATOM   353  N  N1    . A   A 1 17 ? -2.715  6.432   -2.743  1.00 73.82  ? 18  A   A N1    1 
ATOM   354  C  C2    . A   A 1 17 ? -3.630  6.981   -3.555  1.00 75.28  ? 18  A   A C2    1 
ATOM   355  N  N3    . A   A 1 17 ? -4.783  6.476   -3.987  1.00 74.90  ? 18  A   A N3    1 
ATOM   356  C  C4    . A   A 1 17 ? -4.975  5.243   -3.490  1.00 72.28  ? 18  A   A C4    1 
ATOM   357  P  P     . G   A 1 18 ? -6.558  2.014   -8.320  1.00 83.01  ? 19  G   A P     1 
ATOM   358  O  OP1   . G   A 1 18 ? -7.112  1.155   -9.400  1.00 79.52  ? 19  G   A OP1   1 
ATOM   359  O  OP2   . G   A 1 18 ? -5.438  1.515   -7.480  1.00 77.69  ? 19  G   A OP2   1 
ATOM   360  O  "O5'" . G   A 1 18 ? -6.077  3.386   -8.958  1.00 78.81  ? 19  G   A "O5'" 1 
ATOM   361  C  "C5'" . G   A 1 18 ? -4.719  3.574   -9.300  1.00 82.23  ? 19  G   A "C5'" 1 
ATOM   362  C  "C4'" . G   A 1 18 ? -4.287  4.994   -9.065  1.00 82.38  ? 19  G   A "C4'" 1 
ATOM   363  O  "O4'" . G   A 1 18 ? -4.414  5.325   -7.657  1.00 80.49  ? 19  G   A "O4'" 1 
ATOM   364  C  "C3'" . G   A 1 18 ? -2.832  5.282   -9.376  1.00 82.82  ? 19  G   A "C3'" 1 
ATOM   365  O  "O3'" . G   A 1 18 ? -2.590  5.464   -10.754 1.00 85.77  ? 19  G   A "O3'" 1 
ATOM   366  C  "C2'" . G   A 1 18 ? -2.547  6.502   -8.518  1.00 83.30  ? 19  G   A "C2'" 1 
ATOM   367  O  "O2'" . G   A 1 18 ? -3.110  7.668   -9.099  1.00 88.31  ? 19  G   A "O2'" 1 
ATOM   368  C  "C1'" . G   A 1 18 ? -3.341  6.156   -7.262  1.00 80.54  ? 19  G   A "C1'" 1 
ATOM   369  N  N9    . G   A 1 18 ? -2.512  5.401   -6.307  1.00 77.38  ? 19  G   A N9    1 
ATOM   370  C  C8    . G   A 1 18 ? -2.710  4.110   -5.884  1.00 75.59  ? 19  G   A C8    1 
ATOM   371  N  N7    . G   A 1 18 ? -1.799  3.708   -5.039  1.00 75.78  ? 19  G   A N7    1 
ATOM   372  C  C5    . G   A 1 18 ? -0.948  4.798   -4.902  1.00 75.56  ? 19  G   A C5    1 
ATOM   373  C  C6    . G   A 1 18 ? 0.223   4.963   -4.116  1.00 76.70  ? 19  G   A C6    1 
ATOM   374  O  O6    . G   A 1 18 ? 0.768   4.150   -3.358  1.00 78.14  ? 19  G   A O6    1 
ATOM   375  N  N1    . G   A 1 18 ? 0.772   6.231   -4.277  1.00 74.81  ? 19  G   A N1    1 
ATOM   376  C  C2    . G   A 1 18 ? 0.265   7.217   -5.089  1.00 76.63  ? 19  G   A C2    1 
ATOM   377  N  N2    . G   A 1 18 ? 0.944   8.376   -5.110  1.00 78.59  ? 19  G   A N2    1 
ATOM   378  N  N3    . G   A 1 18 ? -0.824  7.077   -5.825  1.00 74.96  ? 19  G   A N3    1 
ATOM   379  C  C4    . G   A 1 18 ? -1.374  5.852   -5.684  1.00 75.50  ? 19  G   A C4    1 
ATOM   380  P  P     . G   A 1 19 ? -1.436  4.607   -11.460 1.00 97.00  ? 20  G   A P     1 
ATOM   381  O  OP1   . G   A 1 19 ? -1.703  4.617   -12.921 1.00 93.67  ? 20  G   A OP1   1 
ATOM   382  O  OP2   . G   A 1 19 ? -1.340  3.299   -10.757 1.00 84.50  ? 20  G   A OP2   1 
ATOM   383  O  "O5'" . G   A 1 19 ? -0.119  5.452   -11.150 1.00 80.78  ? 20  G   A "O5'" 1 
ATOM   384  C  "C5'" . G   A 1 19 ? -0.102  6.851   -11.382 1.00 80.66  ? 20  G   A "C5'" 1 
ATOM   385  C  "C4'" . G   A 1 19 ? 1.000   7.539   -10.617 1.00 84.59  ? 20  G   A "C4'" 1 
ATOM   386  O  "O4'" . G   A 1 19 ? 0.772   7.426   -9.189  1.00 84.80  ? 20  G   A "O4'" 1 
ATOM   387  C  "C3'" . G   A 1 19 ? 2.397   6.977   -10.794 1.00 86.43  ? 20  G   A "C3'" 1 
ATOM   388  O  "O3'" . G   A 1 19 ? 3.005   7.344   -12.017 1.00 87.44  ? 20  G   A "O3'" 1 
ATOM   389  C  "C2'" . G   A 1 19 ? 3.113   7.509   -9.559  1.00 83.08  ? 20  G   A "C2'" 1 
ATOM   390  O  "O2'" . G   A 1 19 ? 3.420   8.888   -9.707  1.00 79.21  ? 20  G   A "O2'" 1 
ATOM   391  C  "C1'" . G   A 1 19 ? 2.013   7.379   -8.510  1.00 77.58  ? 20  G   A "C1'" 1 
ATOM   392  N  N9    . G   A 1 19 ? 2.110   6.105   -7.771  1.00 77.95  ? 20  G   A N9    1 
ATOM   393  C  C8    . G   A 1 19 ? 1.279   5.009   -7.856  1.00 77.46  ? 20  G   A C8    1 
ATOM   394  N  N7    . G   A 1 19 ? 1.635   4.038   -7.056  1.00 74.25  ? 20  G   A N7    1 
ATOM   395  C  C5    . G   A 1 19 ? 2.769   4.518   -6.408  1.00 74.44  ? 20  G   A C5    1 
ATOM   396  C  C6    . G   A 1 19 ? 3.603   3.916   -5.424  1.00 73.11  ? 20  G   A C6    1 
ATOM   397  O  O6    . G   A 1 19 ? 3.508   2.797   -4.908  1.00 73.25  ? 20  G   A O6    1 
ATOM   398  N  N1    . G   A 1 19 ? 4.641   4.758   -5.044  1.00 70.64  ? 20  G   A N1    1 
ATOM   399  C  C2    . G   A 1 19 ? 4.851   6.020   -5.542  1.00 73.04  ? 20  G   A C2    1 
ATOM   400  N  N2    . G   A 1 19 ? 5.907   6.680   -5.048  1.00 73.46  ? 20  G   A N2    1 
ATOM   401  N  N3    . G   A 1 19 ? 4.086   6.595   -6.454  1.00 73.22  ? 20  G   A N3    1 
ATOM   402  C  C4    . G   A 1 19 ? 3.071   5.792   -6.839  1.00 74.90  ? 20  G   A C4    1 
ATOM   403  P  P     . U   A 1 20 ? 4.071   6.354   -12.692 1.00 93.54  ? 21  U   A P     1 
ATOM   404  O  OP1   . U   A 1 20 ? 4.433   6.907   -14.022 1.00 98.02  ? 21  U   A OP1   1 
ATOM   405  O  OP2   . U   A 1 20 ? 3.553   4.966   -12.579 1.00 82.58  ? 21  U   A OP2   1 
ATOM   406  O  "O5'" . U   A 1 20 ? 5.348   6.473   -11.749 1.00 82.40  ? 21  U   A "O5'" 1 
ATOM   407  C  "C5'" . U   A 1 20 ? 6.067   7.691   -11.657 1.00 76.88  ? 21  U   A "C5'" 1 
ATOM   408  C  "C4'" . U   A 1 20 ? 7.240   7.564   -10.721 1.00 79.87  ? 21  U   A "C4'" 1 
ATOM   409  O  "O4'" . U   A 1 20 ? 6.764   7.285   -9.379  1.00 79.13  ? 21  U   A "O4'" 1 
ATOM   410  C  "C3'" . U   A 1 20 ? 8.204   6.423   -11.005 1.00 82.25  ? 21  U   A "C3'" 1 
ATOM   411  O  "O3'" . U   A 1 20 ? 9.112   6.691   -12.062 1.00 83.83  ? 21  U   A "O3'" 1 
ATOM   412  C  "C2'" . U   A 1 20 ? 8.871   6.220   -9.651  1.00 78.42  ? 21  U   A "C2'" 1 
ATOM   413  O  "O2'" . U   A 1 20 ? 9.852   7.221   -9.419  1.00 76.07  ? 21  U   A "O2'" 1 
ATOM   414  C  "C1'" . U   A 1 20 ? 7.694   6.462   -8.703  1.00 76.94  ? 21  U   A "C1'" 1 
ATOM   415  N  N1    . U   A 1 20 ? 7.028   5.196   -8.319  1.00 75.94  ? 21  U   A N1    1 
ATOM   416  C  C2    . U   A 1 20 ? 7.516   4.546   -7.201  1.00 74.49  ? 21  U   A C2    1 
ATOM   417  O  O2    . U   A 1 20 ? 8.443   4.984   -6.542  1.00 75.09  ? 21  U   A O2    1 
ATOM   418  N  N3    . U   A 1 20 ? 6.882   3.373   -6.876  1.00 71.54  ? 21  U   A N3    1 
ATOM   419  C  C4    . U   A 1 20 ? 5.832   2.791   -7.555  1.00 73.34  ? 21  U   A C4    1 
ATOM   420  O  O4    . U   A 1 20 ? 5.365   1.731   -7.141  1.00 71.28  ? 21  U   A O4    1 
ATOM   421  C  C5    . U   A 1 20 ? 5.383   3.518   -8.705  1.00 75.55  ? 21  U   A C5    1 
ATOM   422  C  C6    . U   A 1 20 ? 5.981   4.666   -9.041  1.00 76.67  ? 21  U   A C6    1 
ATOM   423  P  P     . G   A 1 21 ? 9.534   5.515   -13.077 1.00 83.78  ? 22  G   A P     1 
ATOM   424  O  OP1   . G   A 1 21 ? 10.160  6.153   -14.261 1.00 81.98  ? 22  G   A OP1   1 
ATOM   425  O  OP2   . G   A 1 21 ? 8.379   4.601   -13.270 1.00 81.76  ? 22  G   A OP2   1 
ATOM   426  O  "O5'" . G   A 1 21 ? 10.657  4.716   -12.282 1.00 77.09  ? 22  G   A "O5'" 1 
ATOM   427  C  "C5'" . G   A 1 21 ? 11.768  5.403   -11.735 1.00 75.28  ? 22  G   A "C5'" 1 
ATOM   428  C  "C4'" . G   A 1 21 ? 12.459  4.596   -10.666 1.00 73.90  ? 22  G   A "C4'" 1 
ATOM   429  O  "O4'" . G   A 1 21 ? 11.650  4.547   -9.461  1.00 78.75  ? 22  G   A "O4'" 1 
ATOM   430  C  "C3'" . G   A 1 21 ? 12.710  3.134   -10.974 1.00 74.28  ? 22  G   A "C3'" 1 
ATOM   431  O  "O3'" . G   A 1 21 ? 13.777  2.911   -11.876 1.00 79.96  ? 22  G   A "O3'" 1 
ATOM   432  C  "C2'" . G   A 1 21 ? 12.935  2.559   -9.582  1.00 73.86  ? 22  G   A "C2'" 1 
ATOM   433  O  "O2'" . G   A 1 21 ? 14.214  2.922   -9.086  1.00 70.09  ? 22  G   A "O2'" 1 
ATOM   434  C  "C1'" . G   A 1 21 ? 11.881  3.323   -8.786  1.00 75.17  ? 22  G   A "C1'" 1 
ATOM   435  N  N9    . G   A 1 21 ? 10.623  2.554   -8.715  1.00 73.17  ? 22  G   A N9    1 
ATOM   436  C  C8    . G   A 1 21 ? 9.486   2.689   -9.476  1.00 72.80  ? 22  G   A C8    1 
ATOM   437  N  N7    . G   A 1 21 ? 8.561   1.821   -9.161  1.00 73.34  ? 22  G   A N7    1 
ATOM   438  C  C5    . G   A 1 21 ? 9.125   1.061   -8.142  1.00 72.26  ? 22  G   A C5    1 
ATOM   439  C  C6    . G   A 1 21 ? 8.604   -0.032  -7.397  1.00 71.86  ? 22  G   A C6    1 
ATOM   440  O  O6    . G   A 1 21 ? 7.495   -0.575  -7.489  1.00 68.97  ? 22  G   A O6    1 
ATOM   441  N  N1    . G   A 1 21 ? 9.523   -0.500  -6.462  1.00 72.47  ? 22  G   A N1    1 
ATOM   442  C  C2    . G   A 1 21 ? 10.782  0.014   -6.262  1.00 72.02  ? 22  G   A C2    1 
ATOM   443  N  N2    . G   A 1 21 ? 11.523  -0.575  -5.311  1.00 69.60  ? 22  G   A N2    1 
ATOM   444  N  N3    . G   A 1 21 ? 11.278  1.031   -6.947  1.00 70.63  ? 22  G   A N3    1 
ATOM   445  C  C4    . G   A 1 21 ? 10.402  1.499   -7.862  1.00 71.75  ? 22  G   A C4    1 
ATOM   446  P  P     . G   A 1 22 ? 13.699  1.683   -12.914 1.00 78.87  ? 23  G   A P     1 
ATOM   447  O  OP1   . G   A 1 22 ? 14.860  1.810   -13.835 1.00 83.47  ? 23  G   A OP1   1 
ATOM   448  O  OP2   . G   A 1 22 ? 12.324  1.607   -13.472 1.00 71.40  ? 23  G   A OP2   1 
ATOM   449  O  "O5'" . G   A 1 22 ? 13.929  0.399   -12.003 1.00 70.52  ? 23  G   A "O5'" 1 
ATOM   450  C  "C5'" . G   A 1 22 ? 15.074  0.299   -11.172 1.00 70.99  ? 23  G   A "C5'" 1 
ATOM   451  C  "C4'" . G   A 1 22 ? 14.928  -0.809  -10.164 1.00 72.37  ? 23  G   A "C4'" 1 
ATOM   452  O  "O4'" . G   A 1 22 ? 13.855  -0.503  -9.233  1.00 77.45  ? 23  G   A "O4'" 1 
ATOM   453  C  "C3'" . G   A 1 22 ? 14.530  -2.159  -10.725 1.00 72.35  ? 23  G   A "C3'" 1 
ATOM   454  O  "O3'" . G   A 1 22 ? 15.591  -2.852  -11.350 1.00 76.18  ? 23  G   A "O3'" 1 
ATOM   455  C  "C2'" . G   A 1 22 ? 13.958  -2.855  -9.499  1.00 73.04  ? 23  G   A "C2'" 1 
ATOM   456  O  "O2'" . G   A 1 22 ? 14.997  -3.256  -8.618  1.00 74.60  ? 23  G   A "O2'" 1 
ATOM   457  C  "C1'" . G   A 1 22 ? 13.201  -1.701  -8.851  1.00 73.88  ? 23  G   A "C1'" 1 
ATOM   458  N  N9    . G   A 1 22 ? 11.802  -1.659  -9.323  1.00 73.33  ? 23  G   A N9    1 
ATOM   459  C  C8    . G   A 1 22 ? 11.230  -0.813  -10.248 1.00 73.69  ? 23  G   A C8    1 
ATOM   460  N  N7    . G   A 1 22 ? 9.960   -1.055  -10.457 1.00 70.32  ? 23  G   A N7    1 
ATOM   461  C  C5    . G   A 1 22 ? 9.680   -2.131  -9.627  1.00 69.83  ? 23  G   A C5    1 
ATOM   462  C  C6    . G   A 1 22 ? 8.471   -2.840  -9.416  1.00 71.71  ? 23  G   A C6    1 
ATOM   463  O  O6    . G   A 1 22 ? 7.368   -2.649  -9.944  1.00 75.38  ? 23  G   A O6    1 
ATOM   464  N  N1    . G   A 1 22 ? 8.629   -3.864  -8.485  1.00 69.37  ? 23  G   A N1    1 
ATOM   465  C  C2    . G   A 1 22 ? 9.802   -4.170  -7.835  1.00 69.84  ? 23  G   A C2    1 
ATOM   466  N  N2    . G   A 1 22 ? 9.762   -5.198  -6.972  1.00 69.36  ? 23  G   A N2    1 
ATOM   467  N  N3    . G   A 1 22 ? 10.935  -3.516  -8.026  1.00 72.96  ? 23  G   A N3    1 
ATOM   468  C  C4    . G   A 1 22 ? 10.802  -2.517  -8.925  1.00 72.35  ? 23  G   A C4    1 
ATOM   469  P  P     . G   A 1 23 ? 15.268  -4.150  -12.242 1.00 87.11  ? 24  G   A P     1 
ATOM   470  O  OP1   . G   A 1 23 ? 16.459  -4.486  -13.068 1.00 86.78  ? 24  G   A OP1   1 
ATOM   471  O  OP2   . G   A 1 23 ? 13.943  -3.958  -12.892 1.00 77.23  ? 24  G   A OP2   1 
ATOM   472  O  "O5'" . G   A 1 23 ? 15.104  -5.298  -11.157 1.00 71.34  ? 24  G   A "O5'" 1 
ATOM   473  C  "C5'" . G   A 1 23 ? 14.248  -6.392  -11.399 1.00 69.32  ? 24  G   A "C5'" 1 
ATOM   474  C  "C4'" . G   A 1 23 ? 13.839  -7.048  -10.111 1.00 68.96  ? 24  G   A "C4'" 1 
ATOM   475  O  "O4'" . G   A 1 23 ? 12.897  -6.195  -9.403  1.00 70.87  ? 24  G   A "O4'" 1 
ATOM   476  C  "C3'" . G   A 1 23 ? 13.102  -8.360  -10.281 1.00 69.14  ? 24  G   A "C3'" 1 
ATOM   477  O  "O3'" . G   A 1 23 ? 13.981  -9.449  -10.479 1.00 67.06  ? 24  G   A "O3'" 1 
ATOM   478  C  "C2'" . G   A 1 23 ? 12.270  -8.439  -9.013  1.00 71.26  ? 24  G   A "C2'" 1 
ATOM   479  O  "O2'" . G   A 1 23 ? 13.081  -8.803  -7.906  1.00 75.78  ? 24  G   A "O2'" 1 
ATOM   480  C  "C1'" . G   A 1 23 ? 11.860  -6.976  -8.854  1.00 68.23  ? 24  G   A "C1'" 1 
ATOM   481  N  N9    . G   A 1 23 ? 10.644  -6.674  -9.632  1.00 66.08  ? 24  G   A N9    1 
ATOM   482  C  C8    . G   A 1 23 ? 10.537  -5.719  -10.616 1.00 65.71  ? 24  G   A C8    1 
ATOM   483  N  N7    . G   A 1 23 ? 9.352   -5.665  -11.158 1.00 64.69  ? 24  G   A N7    1 
ATOM   484  C  C5    . G   A 1 23 ? 8.636   -6.652  -10.495 1.00 65.37  ? 24  G   A C5    1 
ATOM   485  C  C6    . G   A 1 23 ? 7.289   -7.063  -10.650 1.00 67.56  ? 24  G   A C6    1 
ATOM   486  O  O6    . G   A 1 23 ? 6.442   -6.619  -11.432 1.00 69.71  ? 24  G   A O6    1 
ATOM   487  N  N1    . G   A 1 23 ? 6.959   -8.098  -9.778  1.00 67.14  ? 24  G   A N1    1 
ATOM   488  C  C2    . G   A 1 23 ? 7.818   -8.665  -8.869  1.00 67.38  ? 24  G   A C2    1 
ATOM   489  N  N2    . G   A 1 23 ? 7.322   -9.654  -8.114  1.00 66.92  ? 24  G   A N2    1 
ATOM   490  N  N3    . G   A 1 23 ? 9.075   -8.288  -8.712  1.00 68.49  ? 24  G   A N3    1 
ATOM   491  C  C4    . G   A 1 23 ? 9.416   -7.285  -9.550  1.00 66.17  ? 24  G   A C4    1 
ATOM   492  P  P     . G   A 1 24 ? 13.887  -10.305 -11.833 1.00 69.33  ? 25  G   A P     1 
ATOM   493  O  OP1   . G   A 1 24 ? 15.173  -11.024 -12.006 1.00 72.71  ? 25  G   A OP1   1 
ATOM   494  O  OP2   . G   A 1 24 ? 13.366  -9.423  -12.913 1.00 60.99  ? 25  G   A OP2   1 
ATOM   495  O  "O5'" . G   A 1 24 ? 12.775  -11.391 -11.496 1.00 68.74  ? 25  G   A "O5'" 1 
ATOM   496  C  "C5'" . G   A 1 24 ? 12.752  -12.020 -10.223 1.00 68.00  ? 25  G   A "C5'" 1 
ATOM   497  C  "C4'" . G   A 1 24 ? 11.389  -12.575 -9.918  1.00 66.74  ? 25  G   A "C4'" 1 
ATOM   498  O  "O4'" . G   A 1 24 ? 10.454  -11.493 -9.692  1.00 68.87  ? 25  G   A "O4'" 1 
ATOM   499  C  "C3'" . G   A 1 24 ? 10.752  -13.381 -11.033 1.00 67.06  ? 25  G   A "C3'" 1 
ATOM   500  O  "O3'" . G   A 1 24 ? 11.243  -14.705 -11.089 1.00 68.79  ? 25  G   A "O3'" 1 
ATOM   501  C  "C2'" . G   A 1 24 ? 9.267   -13.280 -10.712 1.00 64.91  ? 25  G   A "C2'" 1 
ATOM   502  O  "O2'" . G   A 1 24 ? 8.917   -14.172 -9.665  1.00 63.05  ? 25  G   A "O2'" 1 
ATOM   503  C  "C1'" . G   A 1 24 ? 9.175   -11.856 -10.168 1.00 65.27  ? 25  G   A "C1'" 1 
ATOM   504  N  N9    . G   A 1 24 ? 8.759   -10.875 -11.187 1.00 63.57  ? 25  G   A N9    1 
ATOM   505  C  C8    . G   A 1 24 ? 9.500   -9.822  -11.665 1.00 65.17  ? 25  G   A C8    1 
ATOM   506  N  N7    . G   A 1 24 ? 8.860   -9.105  -12.548 1.00 63.78  ? 25  G   A N7    1 
ATOM   507  C  C5    . G   A 1 24 ? 7.623   -9.719  -12.654 1.00 61.68  ? 25  G   A C5    1 
ATOM   508  C  C6    . G   A 1 24 ? 6.507   -9.386  -13.460 1.00 63.32  ? 25  G   A C6    1 
ATOM   509  O  O6    . G   A 1 24 ? 6.388   -8.454  -14.266 1.00 60.87  ? 25  G   A O6    1 
ATOM   510  N  N1    . G   A 1 24 ? 5.456   -10.274 -13.256 1.00 67.34  ? 25  G   A N1    1 
ATOM   511  C  C2    . G   A 1 24 ? 5.473   -11.344 -12.391 1.00 67.18  ? 25  G   A C2    1 
ATOM   512  N  N2    . G   A 1 24 ? 4.352   -12.085 -12.336 1.00 64.97  ? 25  G   A N2    1 
ATOM   513  N  N3    . G   A 1 24 ? 6.512   -11.664 -11.635 1.00 64.15  ? 25  G   A N3    1 
ATOM   514  C  C4    . G   A 1 24 ? 7.543   -10.812 -11.816 1.00 62.86  ? 25  G   A C4    1 
ATOM   515  P  P     . A   A 1 25 ? 11.507  -15.399 -12.511 1.00 72.13  ? 26  A   A P     1 
ATOM   516  O  OP1   . A   A 1 25 ? 12.338  -16.613 -12.294 1.00 70.47  ? 26  A   A OP1   1 
ATOM   517  O  OP2   . A   A 1 25 ? 11.960  -14.366 -13.473 1.00 67.00  ? 26  A   A OP2   1 
ATOM   518  O  "O5'" . A   A 1 25 ? 10.055  -15.856 -12.964 1.00 69.16  ? 26  A   A "O5'" 1 
ATOM   519  C  "C5'" . A   A 1 25 ? 9.255   -16.663 -12.117 1.00 62.36  ? 26  A   A "C5'" 1 
ATOM   520  C  "C4'" . A   A 1 25 ? 7.849   -16.736 -12.636 1.00 61.95  ? 26  A   A "C4'" 1 
ATOM   521  O  "O4'" . A   A 1 25 ? 7.215   -15.444 -12.482 1.00 63.84  ? 26  A   A "O4'" 1 
ATOM   522  C  "C3'" . A   A 1 25 ? 7.719   -17.034 -14.119 1.00 62.10  ? 26  A   A "C3'" 1 
ATOM   523  O  "O3'" . A   A 1 25 ? 7.833   -18.414 -14.411 1.00 61.05  ? 26  A   A "O3'" 1 
ATOM   524  C  "C2'" . A   A 1 25 ? 6.360   -16.438 -14.455 1.00 62.34  ? 26  A   A "C2'" 1 
ATOM   525  O  "O2'" . A   A 1 25 ? 5.317   -17.287 -14.003 1.00 65.78  ? 26  A   A "O2'" 1 
ATOM   526  C  "C1'" . A   A 1 25 ? 6.360   -15.192 -13.575 1.00 60.81  ? 26  A   A "C1'" 1 
ATOM   527  N  N9    . A   A 1 25 ? 6.865   -14.004 -14.281 1.00 60.13  ? 26  A   A N9    1 
ATOM   528  C  C8    . A   A 1 25 ? 8.138   -13.495 -14.254 1.00 62.22  ? 26  A   A C8    1 
ATOM   529  N  N7    . A   A 1 25 ? 8.280   -12.410 -14.981 1.00 64.91  ? 26  A   A N7    1 
ATOM   530  C  C5    . A   A 1 25 ? 7.013   -12.190 -15.514 1.00 63.62  ? 26  A   A C5    1 
ATOM   531  C  C6    . A   A 1 25 ? 6.495   -11.199 -16.373 1.00 63.63  ? 26  A   A C6    1 
ATOM   532  N  N6    . A   A 1 25 ? 7.218   -10.192 -16.872 1.00 58.95  ? 26  A   A N6    1 
ATOM   533  N  N1    . A   A 1 25 ? 5.188   -11.278 -16.713 1.00 62.48  ? 26  A   A N1    1 
ATOM   534  C  C2    . A   A 1 25 ? 4.460   -12.287 -16.219 1.00 62.62  ? 26  A   A C2    1 
ATOM   535  N  N3    . A   A 1 25 ? 4.831   -13.275 -15.408 1.00 64.08  ? 26  A   A N3    1 
ATOM   536  C  C4    . A   A 1 25 ? 6.134   -13.169 -15.090 1.00 61.35  ? 26  A   A C4    1 
ATOM   537  P  P     . C   A 1 26 ? 8.529   -18.906 -15.772 1.00 71.05  ? 27  C   A P     1 
ATOM   538  O  OP1   . C   A 1 26 ? 8.536   -20.393 -15.758 1.00 68.15  ? 27  C   A OP1   1 
ATOM   539  O  OP2   . C   A 1 26 ? 9.813   -18.178 -15.952 1.00 63.89  ? 27  C   A OP2   1 
ATOM   540  O  "O5'" . C   A 1 26 ? 7.502   -18.447 -16.898 1.00 65.49  ? 27  C   A "O5'" 1 
ATOM   541  C  "C5'" . C   A 1 26 ? 6.198   -19.003 -16.948 1.00 58.33  ? 27  C   A "C5'" 1 
ATOM   542  C  "C4'" . C   A 1 26 ? 5.301   -18.230 -17.877 1.00 59.33  ? 27  C   A "C4'" 1 
ATOM   543  O  "O4'" . C   A 1 26 ? 5.131   -16.873 -17.390 1.00 61.82  ? 27  C   A "O4'" 1 
ATOM   544  C  "C3'" . C   A 1 26 ? 5.813   -18.032 -19.288 1.00 61.49  ? 27  C   A "C3'" 1 
ATOM   545  O  "O3'" . C   A 1 26 ? 5.679   -19.172 -20.106 1.00 61.21  ? 27  C   A "O3'" 1 
ATOM   546  C  "C2'" . C   A 1 26 ? 5.002   -16.838 -19.758 1.00 63.92  ? 27  C   A "C2'" 1 
ATOM   547  O  "O2'" . C   A 1 26 ? 3.674   -17.231 -20.069 1.00 60.00  ? 27  C   A "O2'" 1 
ATOM   548  C  "C1'" . C   A 1 26 ? 4.972   -15.992 -18.486 1.00 60.01  ? 27  C   A "C1'" 1 
ATOM   549  N  N1    . C   A 1 26 ? 6.075   -15.006 -18.473 1.00 61.77  ? 27  C   A N1    1 
ATOM   550  C  C2    . C   A 1 26 ? 5.914   -13.829 -19.211 1.00 62.43  ? 27  C   A C2    1 
ATOM   551  O  O2    . C   A 1 26 ? 4.858   -13.650 -19.834 1.00 62.91  ? 27  C   A O2    1 
ATOM   552  N  N3    . C   A 1 26 ? 6.906   -12.911 -19.227 1.00 61.88  ? 27  C   A N3    1 
ATOM   553  C  C4    . C   A 1 26 ? 8.028   -13.138 -18.543 1.00 63.71  ? 27  C   A C4    1 
ATOM   554  N  N4    . C   A 1 26 ? 8.978   -12.200 -18.588 1.00 61.89  ? 27  C   A N4    1 
ATOM   555  C  C5    . C   A 1 26 ? 8.224   -14.333 -17.785 1.00 63.17  ? 27  C   A C5    1 
ATOM   556  C  C6    . C   A 1 26 ? 7.232   -15.233 -17.780 1.00 60.91  ? 27  C   A C6    1 
ATOM   557  P  P     . G   A 1 27 ? 6.844   -19.530 -21.150 1.00 69.01  ? 28  G   A P     1 
ATOM   558  O  OP1   . G   A 1 27 ? 6.481   -20.820 -21.792 1.00 66.91  ? 28  G   A OP1   1 
ATOM   559  O  OP2   . G   A 1 27 ? 8.156   -19.365 -20.464 1.00 61.99  ? 28  G   A OP2   1 
ATOM   560  O  "O5'" . G   A 1 27 ? 6.739   -18.376 -22.243 1.00 67.25  ? 28  G   A "O5'" 1 
ATOM   561  C  "C5'" . G   A 1 27 ? 5.546   -18.189 -22.988 1.00 63.20  ? 28  G   A "C5'" 1 
ATOM   562  C  "C4'" . G   A 1 27 ? 5.642   -16.988 -23.895 1.00 66.46  ? 28  G   A "C4'" 1 
ATOM   563  O  "O4'" . G   A 1 27 ? 5.620   -15.765 -23.113 1.00 63.99  ? 28  G   A "O4'" 1 
ATOM   564  C  "C3'" . G   A 1 27 ? 6.917   -16.866 -24.709 1.00 69.19  ? 28  G   A "C3'" 1 
ATOM   565  O  "O3'" . G   A 1 27 ? 6.964   -17.726 -25.831 1.00 63.19  ? 28  G   A "O3'" 1 
ATOM   566  C  "C2'" . G   A 1 27 ? 6.949   -15.381 -25.050 1.00 66.10  ? 28  G   A "C2'" 1 
ATOM   567  O  "O2'" . G   A 1 27 ? 6.076   -15.077 -26.129 1.00 68.29  ? 28  G   A "O2'" 1 
ATOM   568  C  "C1'" . G   A 1 27 ? 6.390   -14.770 -23.761 1.00 64.12  ? 28  G   A "C1'" 1 
ATOM   569  N  N9    . G   A 1 27 ? 7.493   -14.360 -22.879 1.00 66.03  ? 28  G   A N9    1 
ATOM   570  C  C8    . G   A 1 27 ? 8.144   -15.085 -21.910 1.00 66.76  ? 28  G   A C8    1 
ATOM   571  N  N7    . G   A 1 27 ? 9.119   -14.417 -21.346 1.00 66.49  ? 28  G   A N7    1 
ATOM   572  C  C5    . G   A 1 27 ? 9.113   -13.190 -21.997 1.00 67.61  ? 28  G   A C5    1 
ATOM   573  C  C6    . G   A 1 27 ? 9.933   -12.049 -21.828 1.00 69.01  ? 28  G   A C6    1 
ATOM   574  O  O6    . G   A 1 27 ? 10.867  -11.887 -21.036 1.00 73.44  ? 28  G   A O6    1 
ATOM   575  N  N1    . G   A 1 27 ? 9.572   -11.029 -22.705 1.00 67.79  ? 28  G   A N1    1 
ATOM   576  C  C2    . G   A 1 27 ? 8.554   -11.090 -23.625 1.00 66.66  ? 28  G   A C2    1 
ATOM   577  N  N2    . G   A 1 27 ? 8.358   -10.001 -24.380 1.00 69.44  ? 28  G   A N2    1 
ATOM   578  N  N3    . G   A 1 27 ? 7.781   -12.145 -23.792 1.00 66.70  ? 28  G   A N3    1 
ATOM   579  C  C4    . G   A 1 27 ? 8.120   -13.144 -22.951 1.00 68.27  ? 28  G   A C4    1 
ATOM   580  P  P     . A   A 1 28 ? 8.331   -18.503 -26.148 1.00 68.18  ? 29  A   A P     1 
ATOM   581  O  OP1   . A   A 1 28 ? 8.237   -19.074 -27.518 1.00 70.24  ? 29  A   A OP1   1 
ATOM   582  O  OP2   . A   A 1 28 ? 8.623   -19.387 -24.992 1.00 68.46  ? 29  A   A OP2   1 
ATOM   583  O  "O5'" . A   A 1 28 ? 9.422   -17.342 -26.135 1.00 66.41  ? 29  A   A "O5'" 1 
ATOM   584  C  "C5'" . A   A 1 28 ? 10.788  -17.604 -26.411 1.00 61.16  ? 29  A   A "C5'" 1 
ATOM   585  C  "C4'" . A   A 1 28 ? 11.277  -16.741 -27.545 1.00 61.76  ? 29  A   A "C4'" 1 
ATOM   586  O  "O4'" . A   A 1 28 ? 10.547  -17.083 -28.746 1.00 65.11  ? 29  A   A "O4'" 1 
ATOM   587  C  "C3'" . A   A 1 28 ? 11.056  -15.246 -27.388 1.00 66.15  ? 29  A   A "C3'" 1 
ATOM   588  O  "O3'" . A   A 1 28 ? 12.068  -14.627 -26.615 1.00 68.66  ? 29  A   A "O3'" 1 
ATOM   589  C  "C2'" . A   A 1 28 ? 11.012  -14.751 -28.830 1.00 66.95  ? 29  A   A "C2'" 1 
ATOM   590  O  "O2'" . A   A 1 28 ? 12.326  -14.578 -29.336 1.00 67.92  ? 29  A   A "O2'" 1 
ATOM   591  C  "C1'" . A   A 1 28 ? 10.377  -15.940 -29.552 1.00 64.16  ? 29  A   A "C1'" 1 
ATOM   592  N  N9    . A   A 1 28 ? 8.940   -15.773 -29.853 1.00 65.52  ? 29  A   A N9    1 
ATOM   593  C  C8    . A   A 1 28 ? 7.898   -16.560 -29.418 1.00 67.93  ? 29  A   A C8    1 
ATOM   594  N  N7    . A   A 1 28 ? 6.720   -16.201 -29.873 1.00 65.68  ? 29  A   A N7    1 
ATOM   595  C  C5    . A   A 1 28 ? 7.005   -15.108 -30.679 1.00 65.66  ? 29  A   A C5    1 
ATOM   596  C  C6    . A   A 1 28 ? 6.185   -14.269 -31.455 1.00 66.64  ? 29  A   A C6    1 
ATOM   597  N  N6    . A   A 1 28 ? 4.858   -14.408 -31.548 1.00 62.85  ? 29  A   A N6    1 
ATOM   598  N  N1    . A   A 1 28 ? 6.783   -13.267 -32.141 1.00 67.20  ? 29  A   A N1    1 
ATOM   599  C  C2    . A   A 1 28 ? 8.112   -13.127 -32.047 1.00 65.27  ? 29  A   A C2    1 
ATOM   600  N  N3    . A   A 1 28 ? 8.986   -13.851 -31.354 1.00 65.96  ? 29  A   A N3    1 
ATOM   601  C  C4    . A   A 1 28 ? 8.366   -14.838 -30.684 1.00 64.73  ? 29  A   A C4    1 
ATOM   602  P  P     . A   A 1 29 ? 11.684  -13.549 -25.487 1.00 71.20  ? 30  A   A P     1 
ATOM   603  O  OP1   . A   A 1 29 ? 12.923  -13.197 -24.745 1.00 69.82  ? 30  A   A OP1   1 
ATOM   604  O  OP2   . A   A 1 29 ? 10.505  -14.073 -24.753 1.00 66.34  ? 30  A   A OP2   1 
ATOM   605  O  "O5'" . A   A 1 29 ? 11.230  -12.263 -26.312 1.00 68.89  ? 30  A   A "O5'" 1 
ATOM   606  C  "C5'" . A   A 1 29 ? 12.185  -11.435 -26.960 1.00 66.41  ? 30  A   A "C5'" 1 
ATOM   607  C  "C4'" . A   A 1 29 ? 11.541  -10.580 -28.023 1.00 67.92  ? 30  A   A "C4'" 1 
ATOM   608  O  "O4'" . A   A 1 29 ? 10.741  -11.420 -28.893 1.00 70.21  ? 30  A   A "O4'" 1 
ATOM   609  C  "C3'" . A   A 1 29 ? 10.570  -9.516  -27.530 1.00 70.12  ? 30  A   A "C3'" 1 
ATOM   610  O  "O3'" . A   A 1 29 ? 11.225  -8.324  -27.130 1.00 71.24  ? 30  A   A "O3'" 1 
ATOM   611  C  "C2'" . A   A 1 29 ? 9.642   -9.319  -28.722 1.00 70.78  ? 30  A   A "C2'" 1 
ATOM   612  O  "O2'" . A   A 1 29 ? 10.241  -8.474  -29.693 1.00 71.47  ? 30  A   A "O2'" 1 
ATOM   613  C  "C1'" . A   A 1 29 ? 9.575   -10.733 -29.294 1.00 70.91  ? 30  A   A "C1'" 1 
ATOM   614  N  N9    . A   A 1 29 ? 8.404   -11.488 -28.813 1.00 68.73  ? 30  A   A N9    1 
ATOM   615  C  C8    . A   A 1 29 ? 8.356   -12.424 -27.810 1.00 69.01  ? 30  A   A C8    1 
ATOM   616  N  N7    . A   A 1 29 ? 7.163   -12.942 -27.627 1.00 68.13  ? 30  A   A N7    1 
ATOM   617  C  C5    . A   A 1 29 ? 6.379   -12.302 -28.577 1.00 67.63  ? 30  A   A C5    1 
ATOM   618  C  C6    . A   A 1 29 ? 5.018   -12.406 -28.903 1.00 67.31  ? 30  A   A C6    1 
ATOM   619  N  N6    . A   A 1 29 ? 4.171   -13.220 -28.276 1.00 69.72  ? 30  A   A N6    1 
ATOM   620  N  N1    . A   A 1 29 ? 4.546   -11.627 -29.902 1.00 68.59  ? 30  A   A N1    1 
ATOM   621  C  C2    . A   A 1 29 ? 5.399   -10.805 -30.530 1.00 69.71  ? 30  A   A C2    1 
ATOM   622  N  N3    . A   A 1 29 ? 6.699   -10.618 -30.316 1.00 69.92  ? 30  A   A N3    1 
ATOM   623  C  C4    . A   A 1 29 ? 7.131   -11.406 -29.315 1.00 68.93  ? 30  A   A C4    1 
ATOM   624  P  P     . A   A 1 30 ? 10.623  -7.415  -25.952 1.00 78.82  ? 31  A   A P     1 
ATOM   625  O  OP1   . A   A 1 30 ? 11.621  -6.351  -25.668 1.00 85.09  ? 31  A   A OP1   1 
ATOM   626  O  OP2   . A   A 1 30 ? 10.166  -8.302  -24.851 1.00 68.86  ? 31  A   A OP2   1 
ATOM   627  O  "O5'" . A   A 1 30 ? 9.352   -6.712  -26.608 1.00 73.77  ? 31  A   A "O5'" 1 
ATOM   628  C  "C5'" . A   A 1 30 ? 9.504   -5.603  -27.483 1.00 73.87  ? 31  A   A "C5'" 1 
ATOM   629  C  "C4'" . A   A 1 30 ? 8.226   -5.312  -28.227 1.00 73.64  ? 31  A   A "C4'" 1 
ATOM   630  O  "O4'" . A   A 1 30 ? 7.782   -6.519  -28.903 1.00 74.55  ? 31  A   A "O4'" 1 
ATOM   631  C  "C3'" . A   A 1 30 ? 7.034   -4.918  -27.371 1.00 78.22  ? 31  A   A "C3'" 1 
ATOM   632  O  "O3'" . A   A 1 30 ? 7.031   -3.557  -26.984 1.00 80.08  ? 31  A   A "O3'" 1 
ATOM   633  C  "C2'" . A   A 1 30 ? 5.859   -5.310  -28.252 1.00 78.09  ? 31  A   A "C2'" 1 
ATOM   634  O  "O2'" . A   A 1 30 ? 5.710   -4.387  -29.322 1.00 84.34  ? 31  A   A "O2'" 1 
ATOM   635  C  "C1'" . A   A 1 30 ? 6.374   -6.619  -28.830 1.00 73.40  ? 31  A   A "C1'" 1 
ATOM   636  N  N9    . A   A 1 30 ? 6.051   -7.754  -27.949 1.00 71.95  ? 31  A   A N9    1 
ATOM   637  C  C8    . A   A 1 30 ? 6.859   -8.291  -26.977 1.00 72.63  ? 31  A   A C8    1 
ATOM   638  N  N7    . A   A 1 30 ? 6.330   -9.301  -26.335 1.00 71.74  ? 31  A   A N7    1 
ATOM   639  C  C5    . A   A 1 30 ? 5.083   -9.436  -26.923 1.00 70.77  ? 31  A   A C5    1 
ATOM   640  C  C6    . A   A 1 30 ? 4.034   -10.333 -26.678 1.00 69.41  ? 31  A   A C6    1 
ATOM   641  N  N6    . A   A 1 30 ? 4.101   -11.289 -25.748 1.00 66.61  ? 31  A   A N6    1 
ATOM   642  N  N1    . A   A 1 30 ? 2.919   -10.211 -27.433 1.00 72.25  ? 31  A   A N1    1 
ATOM   643  C  C2    . A   A 1 30 ? 2.874   -9.245  -28.364 1.00 71.44  ? 31  A   A C2    1 
ATOM   644  N  N3    . A   A 1 30 ? 3.797   -8.338  -28.684 1.00 70.69  ? 31  A   A N3    1 
ATOM   645  C  C4    . A   A 1 30 ? 4.891   -8.489  -27.916 1.00 71.48  ? 31  A   A C4    1 
ATOM   646  P  P     . G   A 1 31 ? 7.123   -3.167  -25.427 1.00 84.96  ? 32  G   A P     1 
ATOM   647  O  OP1   . G   A 1 31 ? 6.854   -1.709  -25.322 1.00 92.05  ? 32  G   A OP1   1 
ATOM   648  O  OP2   . G   A 1 31 ? 8.386   -3.735  -24.888 1.00 79.46  ? 32  G   A OP2   1 
ATOM   649  O  "O5'" . G   A 1 31 ? 5.914   -3.946  -24.740 1.00 70.78  ? 32  G   A "O5'" 1 
ATOM   650  C  "C5'" . G   A 1 31 ? 4.571   -3.737  -25.150 1.00 69.84  ? 32  G   A "C5'" 1 
ATOM   651  C  "C4'" . G   A 1 31 ? 3.778   -5.012  -25.030 1.00 74.23  ? 32  G   A "C4'" 1 
ATOM   652  O  "O4'" . G   A 1 31 ? 4.673   -6.140  -25.209 1.00 77.79  ? 32  G   A "O4'" 1 
ATOM   653  C  "C3'" . G   A 1 31 ? 3.127   -5.269  -23.682 1.00 75.88  ? 32  G   A "C3'" 1 
ATOM   654  O  "O3'" . G   A 1 31 ? 1.885   -4.605  -23.536 1.00 85.49  ? 32  G   A "O3'" 1 
ATOM   655  C  "C2'" . G   A 1 31 ? 3.004   -6.784  -23.655 1.00 73.01  ? 32  G   A "C2'" 1 
ATOM   656  O  "O2'" . G   A 1 31 ? 1.902   -7.203  -24.447 1.00 77.32  ? 32  G   A "O2'" 1 
ATOM   657  C  "C1'" . G   A 1 31 ? 4.288   -7.203  -24.365 1.00 71.04  ? 32  G   A "C1'" 1 
ATOM   658  N  N9    . G   A 1 31 ? 5.392   -7.480  -23.423 1.00 68.61  ? 32  G   A N9    1 
ATOM   659  C  C8    . G   A 1 31 ? 6.501   -6.699  -23.192 1.00 69.44  ? 32  G   A C8    1 
ATOM   660  N  N7    . G   A 1 31 ? 7.317   -7.207  -22.308 1.00 66.68  ? 32  G   A N7    1 
ATOM   661  C  C5    . G   A 1 31 ? 6.714   -8.399  -21.932 1.00 64.24  ? 32  G   A C5    1 
ATOM   662  C  C6    . G   A 1 31 ? 7.133   -9.384  -21.001 1.00 63.87  ? 32  G   A C6    1 
ATOM   663  O  O6    . G   A 1 31 ? 8.153   -9.399  -20.301 1.00 62.89  ? 32  G   A O6    1 
ATOM   664  N  N1    . G   A 1 31 ? 6.224   -10.435 -20.925 1.00 63.82  ? 32  G   A N1    1 
ATOM   665  C  C2    . G   A 1 31 ? 5.061   -10.527 -21.651 1.00 63.75  ? 32  G   A C2    1 
ATOM   666  N  N2    . G   A 1 31 ? 4.316   -11.621 -21.438 1.00 61.92  ? 32  G   A N2    1 
ATOM   667  N  N3    . G   A 1 31 ? 4.656   -9.615  -22.521 1.00 63.43  ? 32  G   A N3    1 
ATOM   668  C  C4    . G   A 1 31 ? 5.526   -8.585  -22.611 1.00 66.42  ? 32  G   A C4    1 
ATOM   669  P  P     . U   A 1 32 ? 1.326   -4.244  -22.074 1.00 79.40  ? 33  U   A P     1 
ATOM   670  O  OP1   . U   A 1 32 ? 0.141   -3.369  -22.259 1.00 84.39  ? 33  U   A OP1   1 
ATOM   671  O  OP2   . U   A 1 32 ? 2.476   -3.788  -21.246 1.00 70.97  ? 33  U   A OP2   1 
ATOM   672  O  "O5'" . U   A 1 32 ? 0.809   -5.637  -21.499 1.00 72.55  ? 33  U   A "O5'" 1 
ATOM   673  C  "C5'" . U   A 1 32 ? -0.287  -6.307  -22.097 1.00 75.29  ? 33  U   A "C5'" 1 
ATOM   674  C  "C4'" . U   A 1 32 ? -0.409  -7.721  -21.588 1.00 75.11  ? 33  U   A "C4'" 1 
ATOM   675  O  "O4'" . U   A 1 32 ? 0.854   -8.412  -21.760 1.00 72.51  ? 33  U   A "O4'" 1 
ATOM   676  C  "C3'" . U   A 1 32 ? -0.706  -7.873  -20.105 1.00 78.26  ? 33  U   A "C3'" 1 
ATOM   677  O  "O3'" . U   A 1 32 ? -2.076  -7.693  -19.789 1.00 86.36  ? 33  U   A "O3'" 1 
ATOM   678  C  "C2'" . U   A 1 32 ? -0.186  -9.273  -19.809 1.00 72.81  ? 33  U   A "C2'" 1 
ATOM   679  O  "O2'" . U   A 1 32 ? -1.096  -10.258 -20.277 1.00 73.51  ? 33  U   A "O2'" 1 
ATOM   680  C  "C1'" . U   A 1 32 ? 1.053   -9.323  -20.699 1.00 69.62  ? 33  U   A "C1'" 1 
ATOM   681  N  N1    . U   A 1 32 ? 2.288   -8.949  -19.970 1.00 68.02  ? 33  U   A N1    1 
ATOM   682  C  C2    . U   A 1 32 ? 2.816   -9.873  -19.082 1.00 66.86  ? 33  U   A C2    1 
ATOM   683  O  O2    . U   A 1 32 ? 2.307   -10.962 -18.864 1.00 64.72  ? 33  U   A O2    1 
ATOM   684  N  N3    . U   A 1 32 ? 3.968   -9.471  -18.447 1.00 62.54  ? 33  U   A N3    1 
ATOM   685  C  C4    . U   A 1 32 ? 4.630   -8.273  -18.613 1.00 62.97  ? 33  U   A C4    1 
ATOM   686  O  O4    . U   A 1 32 ? 5.656   -8.064  -17.969 1.00 64.28  ? 33  U   A O4    1 
ATOM   687  C  C5    . U   A 1 32 ? 4.027   -7.376  -19.550 1.00 63.69  ? 33  U   A C5    1 
ATOM   688  C  C6    . U   A 1 32 ? 2.905   -7.738  -20.182 1.00 64.72  ? 33  U   A C6    1 
ATOM   689  P  P     . C   A 1 33 ? -2.502  -7.108  -18.354 1.00 88.29  ? 34  C   A P     1 
ATOM   690  O  OP1   . C   A 1 33 ? -3.964  -6.842  -18.382 1.00 87.21  ? 34  C   A OP1   1 
ATOM   691  O  OP2   . C   A 1 33 ? -1.555  -6.012  -18.013 1.00 77.46  ? 34  C   A OP2   1 
ATOM   692  O  "O5'" . C   A 1 33 ? -2.241  -8.322  -17.353 1.00 77.98  ? 34  C   A "O5'" 1 
ATOM   693  C  "C5'" . C   A 1 33 ? -2.932  -9.552  -17.503 1.00 75.74  ? 34  C   A "C5'" 1 
ATOM   694  C  "C4'" . C   A 1 33 ? -2.418  -10.593 -16.540 1.00 80.09  ? 34  C   A "C4'" 1 
ATOM   695  O  "O4'" . C   A 1 33 ? -1.026  -10.888 -16.829 1.00 80.54  ? 34  C   A "O4'" 1 
ATOM   696  C  "C3'" . C   A 1 33 ? -2.410  -10.196 -15.072 1.00 80.32  ? 34  C   A "C3'" 1 
ATOM   697  O  "O3'" . C   A 1 33 ? -3.687  -10.319 -14.464 1.00 85.97  ? 34  C   A "O3'" 1 
ATOM   698  C  "C2'" . C   A 1 33 ? -1.344  -11.120 -14.488 1.00 77.86  ? 34  C   A "C2'" 1 
ATOM   699  O  "O2'" . C   A 1 33 ? -1.852  -12.436 -14.313 1.00 70.69  ? 34  C   A "O2'" 1 
ATOM   700  C  "C1'" . C   A 1 33 ? -0.331  -11.167 -15.630 1.00 76.03  ? 34  C   A "C1'" 1 
ATOM   701  N  N1    . C   A 1 33 ? 0.771   -10.182 -15.479 1.00 69.07  ? 34  C   A N1    1 
ATOM   702  C  C2    . C   A 1 33 ? 1.869   -10.499 -14.667 1.00 67.14  ? 34  C   A C2    1 
ATOM   703  O  O2    . C   A 1 33 ? 1.888   -11.585 -14.069 1.00 70.97  ? 34  C   A O2    1 
ATOM   704  N  N3    . C   A 1 33 ? 2.885   -9.614  -14.540 1.00 64.66  ? 34  C   A N3    1 
ATOM   705  C  C4    . C   A 1 33 ? 2.845   -8.453  -15.194 1.00 64.78  ? 34  C   A C4    1 
ATOM   706  N  N4    . C   A 1 33 ? 3.873   -7.615  -15.043 1.00 60.32  ? 34  C   A N4    1 
ATOM   707  C  C5    . C   A 1 33 ? 1.746   -8.106  -16.033 1.00 66.40  ? 34  C   A C5    1 
ATOM   708  C  C6    . C   A 1 33 ? 0.746   -8.990  -16.150 1.00 67.23  ? 34  C   A C6    1 
ATOM   709  P  P     . A   A 1 34 ? -4.218  -9.216  -13.413 1.00 94.83  ? 35  A   A P     1 
ATOM   710  O  OP1   . A   A 1 34 ? -5.700  -9.297  -13.396 1.00 90.82  ? 35  A   A OP1   1 
ATOM   711  O  OP2   . A   A 1 34 ? -3.559  -7.898  -13.636 1.00 77.97  ? 35  A   A OP2   1 
ATOM   712  O  "O5'" . A   A 1 34 ? -3.712  -9.776  -12.018 1.00 84.58  ? 35  A   A "O5'" 1 
ATOM   713  C  "C5'" . A   A 1 34 ? -3.753  -11.166 -11.738 1.00 77.93  ? 35  A   A "C5'" 1 
ATOM   714  C  "C4'" . A   A 1 34 ? -2.872  -11.483 -10.564 1.00 81.20  ? 35  A   A "C4'" 1 
ATOM   715  O  "O4'" . A   A 1 34 ? -1.497  -11.656 -11.017 1.00 87.10  ? 35  A   A "O4'" 1 
ATOM   716  C  "C3'" . A   A 1 34 ? -2.760  -10.373 -9.532  1.00 86.97  ? 35  A   A "C3'" 1 
ATOM   717  O  "O3'" . A   A 1 34 ? -3.924  -10.166 -8.725  1.00 85.38  ? 35  A   A "O3'" 1 
ATOM   718  C  "C2'" . A   A 1 34 ? -1.443  -10.712 -8.841  1.00 85.59  ? 35  A   A "C2'" 1 
ATOM   719  O  "O2'" . A   A 1 34 ? -1.567  -11.852 -8.001  1.00 85.27  ? 35  A   A "O2'" 1 
ATOM   720  C  "C1'" . A   A 1 34 ? -0.602  -11.128 -10.050 1.00 84.84  ? 35  A   A "C1'" 1 
ATOM   721  N  N9    . A   A 1 34 ? 0.130   -9.978  -10.635 1.00 77.59  ? 35  A   A N9    1 
ATOM   722  C  C8    . A   A 1 34 ? -0.371  -8.947  -11.399 1.00 77.76  ? 35  A   A C8    1 
ATOM   723  N  N7    . A   A 1 34 ? 0.521   -8.056  -11.766 1.00 68.59  ? 35  A   A N7    1 
ATOM   724  C  C5    . A   A 1 34 ? 1.696   -8.523  -11.200 1.00 67.90  ? 35  A   A C5    1 
ATOM   725  C  C6    . A   A 1 34 ? 3.010   -8.027  -11.224 1.00 69.15  ? 35  A   A C6    1 
ATOM   726  N  N6    . A   A 1 34 ? 3.355   -6.906  -11.863 1.00 68.99  ? 35  A   A N6    1 
ATOM   727  N  N1    . A   A 1 34 ? 3.965   -8.727  -10.567 1.00 67.77  ? 35  A   A N1    1 
ATOM   728  C  C2    . A   A 1 34 ? 3.604   -9.847  -9.927  1.00 70.84  ? 35  A   A C2    1 
ATOM   729  N  N3    . A   A 1 34 ? 2.400   -10.416 -9.833  1.00 75.90  ? 35  A   A N3    1 
ATOM   730  C  C4    . A   A 1 34 ? 1.474   -9.698  -10.496 1.00 73.75  ? 35  A   A C4    1 
ATOM   731  P  P     . G   A 1 35 ? -4.260  -10.997 -7.388  1.00 71.91  ? 36  G   A P     1 
ATOM   732  O  OP1   . G   A 1 35 ? -3.601  -12.327 -7.358  1.00 74.90  ? 36  G   A OP1   1 
ATOM   733  O  OP2   . G   A 1 35 ? -5.735  -10.948 -7.257  1.00 85.90  ? 36  G   A OP2   1 
ATOM   734  O  "O5'" . G   A 1 35 ? -3.633  -10.099 -6.236  1.00 69.74  ? 36  G   A "O5'" 1 
ATOM   735  C  "C5'" . G   A 1 35 ? -3.413  -10.632 -4.938  1.00 68.64  ? 36  G   A "C5'" 1 
ATOM   736  C  "C4'" . G   A 1 35 ? -2.280  -9.925  -4.246  1.00 66.97  ? 36  G   A "C4'" 1 
ATOM   737  O  "O4'" . G   A 1 35 ? -2.654  -9.686  -2.868  1.00 65.48  ? 36  G   A "O4'" 1 
ATOM   738  C  "C3'" . G   A 1 35 ? -0.962  -10.694 -4.202  1.00 73.11  ? 36  G   A "C3'" 1 
ATOM   739  O  "O3'" . G   A 1 35 ? 0.133   -9.770  -4.217  1.00 69.06  ? 36  G   A "O3'" 1 
ATOM   740  C  "C2'" . G   A 1 35 ? -1.034  -11.379 -2.839  1.00 69.95  ? 36  G   A "C2'" 1 
ATOM   741  O  "O2'" . G   A 1 35 ? 0.220   -11.738 -2.292  1.00 75.62  ? 36  G   A "O2'" 1 
ATOM   742  C  "C1'" . G   A 1 35 ? -1.724  -10.305 -2.006  1.00 65.83  ? 36  G   A "C1'" 1 
ATOM   743  N  N9    . G   A 1 35 ? -2.465  -10.792 -0.843  1.00 66.80  ? 36  G   A N9    1 
ATOM   744  C  C8    . G   A 1 35 ? -3.662  -11.464 -0.829  1.00 61.67  ? 36  G   A C8    1 
ATOM   745  N  N7    . G   A 1 35 ? -4.073  -11.729 0.382   1.00 62.70  ? 36  G   A N7    1 
ATOM   746  C  C5    . G   A 1 35 ? -3.100  -11.182 1.213   1.00 64.33  ? 36  G   A C5    1 
ATOM   747  C  C6    . G   A 1 35 ? -2.990  -11.147 2.631   1.00 64.00  ? 36  G   A C6    1 
ATOM   748  O  O6    . G   A 1 35 ? -3.757  -11.606 3.488   1.00 63.55  ? 36  G   A O6    1 
ATOM   749  N  N1    . G   A 1 35 ? -1.835  -10.488 3.032   1.00 63.01  ? 36  G   A N1    1 
ATOM   750  C  C2    . G   A 1 35 ? -0.905  -9.934  2.191   1.00 60.69  ? 36  G   A C2    1 
ATOM   751  N  N2    . G   A 1 35 ? 0.141   -9.341  2.778   1.00 62.99  ? 36  G   A N2    1 
ATOM   752  N  N3    . G   A 1 35 ? -0.993  -9.956  0.877   1.00 60.57  ? 36  G   A N3    1 
ATOM   753  C  C4    . G   A 1 35 ? -2.108  -10.588 0.464   1.00 64.99  ? 36  G   A C4    1 
ATOM   754  P  P     . C   A 1 36 ? 0.359   -8.761  -5.456  1.00 72.71  ? 37  C   A P     1 
ATOM   755  O  OP1   . C   A 1 36 ? 0.355   -7.378  -4.920  1.00 68.49  ? 37  C   A OP1   1 
ATOM   756  O  OP2   . C   A 1 36 ? -0.542  -9.086  -6.579  1.00 69.10  ? 37  C   A OP2   1 
ATOM   757  O  "O5'" . C   A 1 36 ? 1.839   -9.073  -5.951  1.00 73.39  ? 37  C   A "O5'" 1 
ATOM   758  C  "C5'" . C   A 1 36 ? 2.434   -10.347 -5.737  1.00 69.61  ? 37  C   A "C5'" 1 
ATOM   759  C  "C4'" . C   A 1 36 ? 3.910   -10.220 -5.452  1.00 65.09  ? 37  C   A "C4'" 1 
ATOM   760  O  "O4'" . C   A 1 36 ? 4.532   -9.452  -6.516  1.00 67.79  ? 37  C   A "O4'" 1 
ATOM   761  C  "C3'" . C   A 1 36 ? 4.264   -9.505  -4.151  1.00 62.83  ? 37  C   A "C3'" 1 
ATOM   762  O  "O3'" . C   A 1 36 ? 5.448   -10.077 -3.610  1.00 57.54  ? 37  C   A "O3'" 1 
ATOM   763  C  "C2'" . C   A 1 36 ? 4.565   -8.086  -4.615  1.00 63.84  ? 37  C   A "C2'" 1 
ATOM   764  O  "O2'" . C   A 1 36 ? 5.421   -7.364  -3.757  1.00 70.06  ? 37  C   A "O2'" 1 
ATOM   765  C  "C1'" . C   A 1 36 ? 5.216   -8.344  -5.967  1.00 64.82  ? 37  C   A "C1'" 1 
ATOM   766  N  N1    . C   A 1 36 ? 5.105   -7.227  -6.912  1.00 65.97  ? 37  C   A N1    1 
ATOM   767  C  C2    . C   A 1 36 ? 6.209   -6.397  -7.111  1.00 67.67  ? 37  C   A C2    1 
ATOM   768  O  O2    . C   A 1 36 ? 7.247   -6.627  -6.472  1.00 70.64  ? 37  C   A O2    1 
ATOM   769  N  N3    . C   A 1 36 ? 6.110   -5.369  -7.987  1.00 65.07  ? 37  C   A N3    1 
ATOM   770  C  C4    . C   A 1 36 ? 4.969   -5.166  -8.650  1.00 63.23  ? 37  C   A C4    1 
ATOM   771  N  N4    . C   A 1 36 ? 4.899   -4.145  -9.506  1.00 64.37  ? 37  C   A N4    1 
ATOM   772  C  C5    . C   A 1 36 ? 3.836   -6.002  -8.466  1.00 65.81  ? 37  C   A C5    1 
ATOM   773  C  C6    . C   A 1 36 ? 3.945   -7.013  -7.596  1.00 66.75  ? 37  C   A C6    1 
ATOM   774  P  P     . G   A 1 37 ? 5.364   -10.990 -2.295  1.00 69.23  ? 38  G   A P     1 
ATOM   775  O  OP1   . G   A 1 37 ? 6.736   -11.466 -1.981  1.00 66.65  ? 38  G   A OP1   1 
ATOM   776  O  OP2   . G   A 1 37 ? 4.256   -11.968 -2.466  1.00 73.62  ? 38  G   A OP2   1 
ATOM   777  O  "O5'" . G   A 1 37 ? 4.889   -9.980  -1.162  1.00 67.81  ? 38  G   A "O5'" 1 
ATOM   778  C  "C5'" . G   A 1 37 ? 5.648   -8.824  -0.833  1.00 61.07  ? 38  G   A "C5'" 1 
ATOM   779  C  "C4'" . G   A 1 37 ? 6.022   -8.821  0.626   1.00 62.65  ? 38  G   A "C4'" 1 
ATOM   780  O  "O4'" . G   A 1 37 ? 4.826   -9.044  1.424   1.00 65.76  ? 38  G   A "O4'" 1 
ATOM   781  C  "C3'" . G   A 1 37 ? 7.020   -9.902  1.033   1.00 66.18  ? 38  G   A "C3'" 1 
ATOM   782  O  "O3'" . G   A 1 37 ? 7.906   -9.397  2.028   1.00 69.65  ? 38  G   A "O3'" 1 
ATOM   783  C  "C2'" . G   A 1 37 ? 6.132   -10.988 1.628   1.00 67.59  ? 38  G   A "C2'" 1 
ATOM   784  O  "O2'" . G   A 1 37 ? 6.777   -11.815 2.573   1.00 71.17  ? 38  G   A "O2'" 1 
ATOM   785  C  "C1'" . G   A 1 37 ? 5.009   -10.168 2.260   1.00 64.15  ? 38  G   A "C1'" 1 
ATOM   786  N  N9    . G   A 1 37 ? 3.736   -10.888 2.332   1.00 64.30  ? 38  G   A N9    1 
ATOM   787  C  C8    . G   A 1 37 ? 2.914   -11.209 1.279   1.00 67.26  ? 38  G   A C8    1 
ATOM   788  N  N7    . G   A 1 37 ? 1.845   -11.866 1.642   1.00 64.95  ? 38  G   A N7    1 
ATOM   789  C  C5    . G   A 1 37 ? 1.972   -11.989 3.016   1.00 62.24  ? 38  G   A C5    1 
ATOM   790  C  C6    . G   A 1 37 ? 1.117   -12.607 3.963   1.00 63.90  ? 38  G   A C6    1 
ATOM   791  O  O6    . G   A 1 37 ? 0.044   -13.193 3.769   1.00 64.04  ? 38  G   A O6    1 
ATOM   792  N  N1    . G   A 1 37 ? 1.625   -12.502 5.253   1.00 63.45  ? 38  G   A N1    1 
ATOM   793  C  C2    . G   A 1 37 ? 2.800   -11.879 5.592   1.00 62.49  ? 38  G   A C2    1 
ATOM   794  N  N2    . G   A 1 37 ? 3.118   -11.886 6.892   1.00 60.83  ? 38  G   A N2    1 
ATOM   795  N  N3    . G   A 1 37 ? 3.607   -11.300 4.717   1.00 64.94  ? 38  G   A N3    1 
ATOM   796  C  C4    . G   A 1 37 ? 3.132   -11.389 3.459   1.00 63.82  ? 38  G   A C4    1 
ATOM   797  P  P     . C   A 1 38 ? 9.407   -8.992  1.618   1.00 77.64  ? 39  C   A P     1 
ATOM   798  O  OP1   . C   A 1 38 ? 10.106  -10.216 1.139   1.00 73.35  ? 39  C   A OP1   1 
ATOM   799  O  OP2   . C   A 1 38 ? 9.982   -8.192  2.728   1.00 71.17  ? 39  C   A OP2   1 
ATOM   800  O  "O5'" . C   A 1 38 ? 9.220   -8.046  0.350   1.00 69.61  ? 39  C   A "O5'" 1 
ATOM   801  C  "C5'" . C   A 1 38 ? 8.997   -6.653  0.504   1.00 68.13  ? 39  C   A "C5'" 1 
ATOM   802  C  "C4'" . C   A 1 38 ? 10.181  -5.857  0.019   1.00 71.73  ? 39  C   A "C4'" 1 
ATOM   803  O  "O4'" . C   A 1 38 ? 10.301  -5.976  -1.423  1.00 68.71  ? 39  C   A "O4'" 1 
ATOM   804  C  "C3'" . C   A 1 38 ? 10.119  -4.357  0.254   1.00 78.34  ? 39  C   A "C3'" 1 
ATOM   805  O  "O3'" . C   A 1 38 ? 10.451  -3.984  1.581   1.00 78.74  ? 39  C   A "O3'" 1 
ATOM   806  C  "C2'" . C   A 1 38 ? 11.083  -3.823  -0.795  1.00 75.53  ? 39  C   A "C2'" 1 
ATOM   807  O  "O2'" . C   A 1 38 ? 12.428  -4.008  -0.379  1.00 77.66  ? 39  C   A "O2'" 1 
ATOM   808  C  "C1'" . C   A 1 38 ? 10.807  -4.771  -1.963  1.00 72.43  ? 39  C   A "C1'" 1 
ATOM   809  N  N1    . C   A 1 38 ? 9.810   -4.222  -2.915  1.00 71.89  ? 39  C   A N1    1 
ATOM   810  C  C2    . C   A 1 38 ? 10.137  -3.111  -3.711  1.00 71.76  ? 39  C   A C2    1 
ATOM   811  O  O2    . C   A 1 38 ? 11.259  -2.580  -3.614  1.00 70.34  ? 39  C   A O2    1 
ATOM   812  N  N3    . C   A 1 38 ? 9.212   -2.627  -4.575  1.00 70.07  ? 39  C   A N3    1 
ATOM   813  C  C4    . C   A 1 38 ? 8.014   -3.207  -4.673  1.00 69.84  ? 39  C   A C4    1 
ATOM   814  N  N4    . C   A 1 38 ? 7.144   -2.692  -5.544  1.00 68.38  ? 39  C   A N4    1 
ATOM   815  C  C5    . C   A 1 38 ? 7.659   -4.343  -3.887  1.00 68.78  ? 39  C   A C5    1 
ATOM   816  C  C6    . C   A 1 38 ? 8.579   -4.811  -3.033  1.00 69.75  ? 39  C   A C6    1 
ATOM   817  P  P     . A   A 1 39 ? 9.672   -2.772  2.291   1.00 84.57  ? 40  A   A P     1 
ATOM   818  O  OP1   . A   A 1 39 ? 10.012  -2.812  3.735   1.00 91.08  ? 40  A   A OP1   1 
ATOM   819  O  OP2   . A   A 1 39 ? 8.245   -2.809  1.880   1.00 77.38  ? 40  A   A OP2   1 
ATOM   820  O  "O5'" . A   A 1 39 ? 10.339  -1.469  1.660   1.00 78.96  ? 40  A   A "O5'" 1 
ATOM   821  C  "C5'" . A   A 1 39 ? 11.729  -1.225  1.809   1.00 78.22  ? 40  A   A "C5'" 1 
ATOM   822  C  "C4'" . A   A 1 39 ? 12.177  -0.036  0.997   1.00 77.08  ? 40  A   A "C4'" 1 
ATOM   823  O  "O4'" . A   A 1 39 ? 12.088  -0.337  -0.419  1.00 73.70  ? 40  A   A "O4'" 1 
ATOM   824  C  "C3'" . A   A 1 39 ? 11.354  1.232   1.154   1.00 77.89  ? 40  A   A "C3'" 1 
ATOM   825  O  "O3'" . A   A 1 39 ? 11.681  1.961   2.322   1.00 79.63  ? 40  A   A "O3'" 1 
ATOM   826  C  "C2'" . A   A 1 39 ? 11.660  1.979   -0.134  1.00 77.92  ? 40  A   A "C2'" 1 
ATOM   827  O  "O2'" . A   A 1 39 ? 12.942  2.591   -0.063  1.00 76.55  ? 40  A   A "O2'" 1 
ATOM   828  C  "C1'" . A   A 1 39 ? 11.729  0.826   -1.136  1.00 73.42  ? 40  A   A "C1'" 1 
ATOM   829  N  N9    . A   A 1 39 ? 10.428  0.589   -1.788  1.00 71.74  ? 40  A   A N9    1 
ATOM   830  C  C8    . A   A 1 39 ? 9.498   -0.368  -1.471  1.00 72.79  ? 40  A   A C8    1 
ATOM   831  N  N7    . A   A 1 39 ? 8.427   -0.337  -2.227  1.00 71.73  ? 40  A   A N7    1 
ATOM   832  C  C5    . A   A 1 39 ? 8.663   0.713   -3.103  1.00 70.50  ? 40  A   A C5    1 
ATOM   833  C  C6    . A   A 1 39 ? 7.907   1.263   -4.157  1.00 70.92  ? 40  A   A C6    1 
ATOM   834  N  N6    . A   A 1 39 ? 6.707   0.814   -4.527  1.00 68.86  ? 40  A   A N6    1 
ATOM   835  N  N1    . A   A 1 39 ? 8.429   2.308   -4.832  1.00 71.67  ? 40  A   A N1    1 
ATOM   836  C  C2    . A   A 1 39 ? 9.631   2.761   -4.460  1.00 71.66  ? 40  A   A C2    1 
ATOM   837  N  N3    . A   A 1 39 ? 10.437  2.330   -3.491  1.00 71.45  ? 40  A   A N3    1 
ATOM   838  C  C4    . A   A 1 39 ? 9.891   1.293   -2.841  1.00 71.47  ? 40  A   A C4    1 
ATOM   839  P  P     . C   A 1 40 ? 10.537  2.741   3.134   1.00 82.92  ? 41  C   A P     1 
ATOM   840  O  OP1   . C   A 1 40 ? 11.204  3.380   4.297   1.00 81.56  ? 41  C   A OP1   1 
ATOM   841  O  OP2   . C   A 1 40 ? 9.396   1.816   3.352   1.00 79.59  ? 41  C   A OP2   1 
ATOM   842  O  "O5'" . C   A 1 40 ? 10.063  3.894   2.138   1.00 73.94  ? 41  C   A "O5'" 1 
ATOM   843  C  "C5'" . C   A 1 40 ? 10.899  5.012   1.887   1.00 73.60  ? 41  C   A "C5'" 1 
ATOM   844  C  "C4'" . C   A 1 40 ? 10.509  5.738   0.623   1.00 75.13  ? 41  C   A "C4'" 1 
ATOM   845  O  "O4'" . C   A 1 40 ? 10.264  4.793   -0.448  1.00 77.33  ? 41  C   A "O4'" 1 
ATOM   846  C  "C3'" . C   A 1 40 ? 9.233   6.558   0.671   1.00 76.64  ? 41  C   A "C3'" 1 
ATOM   847  O  "O3'" . C   A 1 40 ? 9.401   7.801   1.328   1.00 81.37  ? 41  C   A "O3'" 1 
ATOM   848  C  "C2'" . C   A 1 40 ? 8.885   6.697   -0.806  1.00 74.27  ? 41  C   A "C2'" 1 
ATOM   849  O  "O2'" . C   A 1 40 ? 9.688   7.696   -1.419  1.00 77.95  ? 41  C   A "O2'" 1 
ATOM   850  C  "C1'" . C   A 1 40 ? 9.320   5.335   -1.350  1.00 73.12  ? 41  C   A "C1'" 1 
ATOM   851  N  N1    . C   A 1 40 ? 8.182   4.401   -1.494  1.00 73.07  ? 41  C   A N1    1 
ATOM   852  C  C2    . C   A 1 40 ? 7.294   4.605   -2.559  1.00 73.74  ? 41  C   A C2    1 
ATOM   853  O  O2    . C   A 1 40 ? 7.484   5.556   -3.335  1.00 74.69  ? 41  C   A O2    1 
ATOM   854  N  N3    . C   A 1 40 ? 6.242   3.772   -2.719  1.00 70.99  ? 41  C   A N3    1 
ATOM   855  C  C4    . C   A 1 40 ? 6.065   2.766   -1.863  1.00 72.67  ? 41  C   A C4    1 
ATOM   856  N  N4    . C   A 1 40 ? 5.012   1.968   -2.062  1.00 73.28  ? 41  C   A N4    1 
ATOM   857  C  C5    . C   A 1 40 ? 6.957   2.530   -0.773  1.00 71.52  ? 41  C   A C5    1 
ATOM   858  C  C6    . C   A 1 40 ? 7.995   3.363   -0.624  1.00 72.22  ? 41  C   A C6    1 
ATOM   859  P  P     . C   A 1 41 ? 8.137   8.551   1.977   1.00 77.11  ? 42  C   A P     1 
ATOM   860  O  OP1   . C   A 1 41 ? 8.661   9.695   2.766   1.00 67.38  ? 42  C   A OP1   1 
ATOM   861  O  OP2   . C   A 1 41 ? 7.281   7.531   2.635   1.00 70.35  ? 42  C   A OP2   1 
ATOM   862  O  "O5'" . C   A 1 41 ? 7.344   9.137   0.723   1.00 72.28  ? 42  C   A "O5'" 1 
ATOM   863  C  "C5'" . C   A 1 41 ? 7.954   10.085  -0.136  1.00 71.94  ? 42  C   A "C5'" 1 
ATOM   864  C  "C4'" . C   A 1 41 ? 7.075   10.424  -1.311  1.00 70.19  ? 42  C   A "C4'" 1 
ATOM   865  O  "O4'" . C   A 1 41 ? 6.911   9.266   -2.168  1.00 69.29  ? 42  C   A "O4'" 1 
ATOM   866  C  "C3'" . C   A 1 41 ? 5.655   10.831  -0.981  1.00 70.87  ? 42  C   A "C3'" 1 
ATOM   867  O  "O3'" . C   A 1 41 ? 5.556   12.168  -0.540  1.00 71.78  ? 42  C   A "O3'" 1 
ATOM   868  C  "C2'" . C   A 1 41 ? 4.920   10.556  -2.285  1.00 73.31  ? 42  C   A "C2'" 1 
ATOM   869  O  "O2'" . C   A 1 41 ? 5.163   11.585  -3.233  1.00 68.53  ? 42  C   A "O2'" 1 
ATOM   870  C  "C1'" . C   A 1 41 ? 5.628   9.289   -2.763  1.00 71.48  ? 42  C   A "C1'" 1 
ATOM   871  N  N1    . C   A 1 41 ? 4.902   8.054   -2.380  1.00 74.00  ? 42  C   A N1    1 
ATOM   872  C  C2    . C   A 1 41 ? 3.726   7.710   -3.057  1.00 74.62  ? 42  C   A C2    1 
ATOM   873  O  O2    . C   A 1 41 ? 3.307   8.454   -3.958  1.00 75.79  ? 42  C   A O2    1 
ATOM   874  N  N3    . C   A 1 41 ? 3.071   6.572   -2.718  1.00 76.84  ? 42  C   A N3    1 
ATOM   875  C  C4    . C   A 1 41 ? 3.545   5.787   -1.747  1.00 75.84  ? 42  C   A C4    1 
ATOM   876  N  N4    . C   A 1 41 ? 2.864   4.676   -1.443  1.00 69.23  ? 42  C   A N4    1 
ATOM   877  C  C5    . C   A 1 41 ? 4.742   6.114   -1.045  1.00 73.74  ? 42  C   A C5    1 
ATOM   878  C  C6    . C   A 1 41 ? 5.380   7.240   -1.389  1.00 73.50  ? 42  C   A C6    1 
ATOM   879  P  P     . U   A 1 42 ? 4.396   12.575  0.490   1.00 81.58  ? 43  U   A P     1 
ATOM   880  O  OP1   . U   A 1 42 ? 4.743   13.884  1.106   1.00 76.84  ? 43  U   A OP1   1 
ATOM   881  O  OP2   . U   A 1 42 ? 4.151   11.397  1.362   1.00 77.56  ? 43  U   A OP2   1 
ATOM   882  O  "O5'" . U   A 1 42 ? 3.125   12.776  -0.446  1.00 74.70  ? 43  U   A "O5'" 1 
ATOM   883  C  "C5'" . U   A 1 42 ? 3.184   13.637  -1.573  1.00 74.50  ? 43  U   A "C5'" 1 
ATOM   884  C  "C4'" . U   A 1 42 ? 1.912   13.572  -2.373  1.00 73.25  ? 43  U   A "C4'" 1 
ATOM   885  O  "O4'" . U   A 1 42 ? 1.867   12.330  -3.123  1.00 74.53  ? 43  U   A "O4'" 1 
ATOM   886  C  "C3'" . U   A 1 42 ? 0.630   13.551  -1.558  1.00 74.99  ? 43  U   A "C3'" 1 
ATOM   887  O  "O3'" . U   A 1 42 ? 0.237   14.831  -1.102  1.00 74.08  ? 43  U   A "O3'" 1 
ATOM   888  C  "C2'" . U   A 1 42 ? -0.354  12.894  -2.515  1.00 77.05  ? 43  U   A "C2'" 1 
ATOM   889  O  "O2'" . U   A 1 42 ? -0.779  13.812  -3.513  1.00 76.56  ? 43  U   A "O2'" 1 
ATOM   890  C  "C1'" . U   A 1 42 ? 0.540   11.847  -3.175  1.00 75.20  ? 43  U   A "C1'" 1 
ATOM   891  N  N1    . U   A 1 42 ? 0.482   10.552  -2.458  1.00 72.69  ? 43  U   A N1    1 
ATOM   892  C  C2    . U   A 1 42 ? -0.585  9.720   -2.738  1.00 75.30  ? 43  U   A C2    1 
ATOM   893  O  O2    . U   A 1 42 ? -1.452  10.011  -3.543  1.00 76.68  ? 43  U   A O2    1 
ATOM   894  N  N3    . U   A 1 42 ? -0.595  8.534   -2.044  1.00 77.57  ? 43  U   A N3    1 
ATOM   895  C  C4    . U   A 1 42 ? 0.331   8.103   -1.115  1.00 77.66  ? 43  U   A C4    1 
ATOM   896  O  O4    . U   A 1 42 ? 0.185   7.003   -0.575  1.00 74.25  ? 43  U   A O4    1 
ATOM   897  C  C5    . U   A 1 42 ? 1.404   9.022   -0.877  1.00 74.67  ? 43  U   A C5    1 
ATOM   898  C  C6    . U   A 1 42 ? 1.437   10.183  -1.540  1.00 73.84  ? 43  U   A C6    1 
ATOM   899  P  P     . A   A 1 43 ? -0.487  14.990  0.326   1.00 76.59  ? 44  A   A P     1 
ATOM   900  O  OP1   . A   A 1 43 ? -0.344  16.403  0.761   1.00 81.79  ? 44  A   A OP1   1 
ATOM   901  O  OP2   . A   A 1 43 ? -0.015  13.908  1.226   1.00 74.13  ? 44  A   A OP2   1 
ATOM   902  O  "O5'" . A   A 1 43 ? -2.019  14.741  -0.015  1.00 69.92  ? 44  A   A "O5'" 1 
ATOM   903  C  "C5'" . A   A 1 43 ? -2.591  15.296  -1.189  1.00 71.16  ? 44  A   A "C5'" 1 
ATOM   904  C  "C4'" . A   A 1 43 ? -3.851  14.571  -1.572  1.00 74.60  ? 44  A   A "C4'" 1 
ATOM   905  O  "O4'" . A   A 1 43 ? -3.529  13.272  -2.133  1.00 79.90  ? 44  A   A "O4'" 1 
ATOM   906  C  "C3'" . A   A 1 43 ? -4.787  14.250  -0.424  1.00 73.86  ? 44  A   A "C3'" 1 
ATOM   907  O  "O3'" . A   A 1 43 ? -5.568  15.363  -0.031  1.00 77.52  ? 44  A   A "O3'" 1 
ATOM   908  C  "C2'" . A   A 1 43 ? -5.589  13.076  -0.972  1.00 72.24  ? 44  A   A "C2'" 1 
ATOM   909  O  "O2'" . A   A 1 43 ? -6.579  13.525  -1.885  1.00 75.67  ? 44  A   A "O2'" 1 
ATOM   910  C  "C1'" . A   A 1 43 ? -4.515  12.330  -1.761  1.00 73.48  ? 44  A   A "C1'" 1 
ATOM   911  N  N9    . A   A 1 43 ? -3.874  11.279  -0.949  1.00 73.55  ? 44  A   A N9    1 
ATOM   912  C  C8    . A   A 1 43 ? -2.740  11.376  -0.179  1.00 72.88  ? 44  A   A C8    1 
ATOM   913  N  N7    . A   A 1 43 ? -2.420  10.263  0.435   1.00 70.99  ? 44  A   A N7    1 
ATOM   914  C  C5    . A   A 1 43 ? -3.414  9.374   0.043   1.00 72.53  ? 44  A   A C5    1 
ATOM   915  C  C6    . A   A 1 43 ? -3.649  8.022   0.350   1.00 71.29  ? 44  A   A C6    1 
ATOM   916  N  N6    . A   A 1 43 ? -2.868  7.298   1.154   1.00 72.85  ? 44  A   A N6    1 
ATOM   917  N  N1    . A   A 1 43 ? -4.728  7.430   -0.208  1.00 69.29  ? 44  A   A N1    1 
ATOM   918  C  C2    . A   A 1 43 ? -5.513  8.153   -1.016  1.00 68.77  ? 44  A   A C2    1 
ATOM   919  N  N3    . A   A 1 43 ? -5.399  9.425   -1.380  1.00 72.82  ? 44  A   A N3    1 
ATOM   920  C  C4    . A   A 1 43 ? -4.316  9.986   -0.808  1.00 74.90  ? 44  A   A C4    1 
ATOM   921  P  P     . C   A 1 44 ? -6.396  15.328  1.343   1.00 77.78  ? 45  C   A P     1 
ATOM   922  O  OP1   . C   A 1 44 ? -6.770  16.726  1.687   1.00 81.27  ? 45  C   A OP1   1 
ATOM   923  O  OP2   . C   A 1 44 ? -5.672  14.501  2.343   1.00 70.36  ? 45  C   A OP2   1 
ATOM   924  O  "O5'" . C   A 1 44 ? -7.724  14.567  0.930   1.00 70.17  ? 45  C   A "O5'" 1 
ATOM   925  C  "C5'" . C   A 1 44 ? -8.502  13.898  1.900   1.00 69.97  ? 45  C   A "C5'" 1 
ATOM   926  C  "C4'" . C   A 1 44 ? -9.164  12.685  1.313   1.00 70.58  ? 45  C   A "C4'" 1 
ATOM   927  O  "O4'" . C   A 1 44 ? -8.177  11.875  0.615   1.00 75.55  ? 45  C   A "O4'" 1 
ATOM   928  C  "C3'" . C   A 1 44 ? -9.770  11.742  2.331   1.00 68.94  ? 45  C   A "C3'" 1 
ATOM   929  O  "O3'" . C   A 1 44 ? -11.052 12.158  2.754   1.00 68.92  ? 45  C   A "O3'" 1 
ATOM   930  C  "C2'" . C   A 1 44 ? -9.747  10.408  1.603   1.00 69.83  ? 45  C   A "C2'" 1 
ATOM   931  O  "O2'" . C   A 1 44 ? -10.788 10.350  0.642   1.00 76.40  ? 45  C   A "O2'" 1 
ATOM   932  C  "C1'" . C   A 1 44 ? -8.415  10.508  0.860   1.00 69.21  ? 45  C   A "C1'" 1 
ATOM   933  N  N1    . C   A 1 44 ? -7.288  9.993   1.674   1.00 68.95  ? 45  C   A N1    1 
ATOM   934  C  C2    . C   A 1 44 ? -7.165  8.623   1.918   1.00 67.27  ? 45  C   A C2    1 
ATOM   935  O  O2    . C   A 1 44 ? -8.006  7.842   1.449   1.00 69.96  ? 45  C   A O2    1 
ATOM   936  N  N3    . C   A 1 44 ? -6.130  8.177   2.670   1.00 64.44  ? 45  C   A N3    1 
ATOM   937  C  C4    . C   A 1 44 ? -5.237  9.033   3.167   1.00 67.89  ? 45  C   A C4    1 
ATOM   938  N  N4    . C   A 1 44 ? -4.234  8.543   3.898   1.00 66.47  ? 45  C   A N4    1 
ATOM   939  C  C5    . C   A 1 44 ? -5.332  10.435  2.934   1.00 67.84  ? 45  C   A C5    1 
ATOM   940  C  C6    . C   A 1 44 ? -6.360  10.859  2.191   1.00 69.90  ? 45  C   A C6    1 
ATOM   941  P  P     . U   A 1 45 ? -11.372 12.277  4.321   1.00 69.03  ? 46  U   A P     1 
ATOM   942  O  OP1   . U   A 1 45 ? -12.622 13.065  4.447   1.00 67.47  ? 46  U   A OP1   1 
ATOM   943  O  OP2   . U   A 1 45 ? -10.144 12.718  5.035   1.00 55.58  ? 46  U   A OP2   1 
ATOM   944  O  "O5'" . U   A 1 45 ? -11.677 10.770  4.746   1.00 67.26  ? 46  U   A "O5'" 1 
ATOM   945  C  "C5'" . U   A 1 45 ? -12.503 9.948   3.933   1.00 65.16  ? 46  U   A "C5'" 1 
ATOM   946  C  "C4'" . U   A 1 45 ? -12.534 8.528   4.431   1.00 66.17  ? 46  U   A "C4'" 1 
ATOM   947  O  "O4'" . U   A 1 45 ? -11.328 7.827   4.033   1.00 71.93  ? 46  U   A "O4'" 1 
ATOM   948  C  "C3'" . U   A 1 45 ? -12.579 8.360   5.938   1.00 63.74  ? 46  U   A "C3'" 1 
ATOM   949  O  "O3'" . U   A 1 45 ? -13.888 8.524   6.454   1.00 68.01  ? 46  U   A "O3'" 1 
ATOM   950  C  "C2'" . U   A 1 45 ? -12.022 6.956   6.133   1.00 62.02  ? 46  U   A "C2'" 1 
ATOM   951  O  "O2'" . U   A 1 45 ? -13.016 5.982   5.862   1.00 64.89  ? 46  U   A "O2'" 1 
ATOM   952  C  "C1'" . U   A 1 45 ? -10.977 6.881   5.018   1.00 64.97  ? 46  U   A "C1'" 1 
ATOM   953  N  N1    . U   A 1 45 ? -9.607  7.171   5.499   1.00 62.58  ? 46  U   A N1    1 
ATOM   954  C  C2    . U   A 1 45 ? -8.988  6.226   6.300   1.00 59.58  ? 46  U   A C2    1 
ATOM   955  O  O2    . U   A 1 45 ? -9.518  5.180   6.634   1.00 61.68  ? 46  U   A O2    1 
ATOM   956  N  N3    . U   A 1 45 ? -7.718  6.550   6.708   1.00 58.56  ? 46  U   A N3    1 
ATOM   957  C  C4    . U   A 1 45 ? -7.016  7.695   6.395   1.00 62.25  ? 46  U   A C4    1 
ATOM   958  O  O4    . U   A 1 45 ? -5.874  7.845   6.834   1.00 62.00  ? 46  U   A O4    1 
ATOM   959  C  C5    . U   A 1 45 ? -7.725  8.621   5.561   1.00 64.14  ? 46  U   A C5    1 
ATOM   960  C  C6    . U   A 1 45 ? -8.964  8.335   5.147   1.00 62.86  ? 46  U   A C6    1 
ATOM   961  P  P     . G   A 1 46 ? -14.147 9.369   7.796   1.00 70.97  ? 47  G   A P     1 
ATOM   962  O  OP1   . G   A 1 46 ? -15.620 9.431   7.966   1.00 72.93  ? 47  G   A OP1   1 
ATOM   963  O  OP2   . G   A 1 46 ? -13.356 10.627  7.781   1.00 65.00  ? 47  G   A OP2   1 
ATOM   964  O  "O5'" . G   A 1 46 ? -13.576 8.434   8.946   1.00 64.02  ? 47  G   A "O5'" 1 
ATOM   965  C  "C5'" . G   A 1 46 ? -14.084 7.124   9.118   1.00 56.86  ? 47  G   A "C5'" 1 
ATOM   966  C  "C4'" . G   A 1 46 ? -13.162 6.286   9.959   1.00 58.53  ? 47  G   A "C4'" 1 
ATOM   967  O  "O4'" . G   A 1 46 ? -11.956 5.974   9.219   1.00 62.97  ? 47  G   A "O4'" 1 
ATOM   968  C  "C3'" . G   A 1 46 ? -12.638 6.937   11.222  1.00 63.56  ? 47  G   A "C3'" 1 
ATOM   969  O  "O3'" . G   A 1 46 ? -13.578 6.958   12.275  1.00 68.29  ? 47  G   A "O3'" 1 
ATOM   970  C  "C2'" . G   A 1 46 ? -11.408 6.098   11.524  1.00 60.75  ? 47  G   A "C2'" 1 
ATOM   971  O  "O2'" . G   A 1 46 ? -11.790 4.850   12.082  1.00 57.47  ? 47  G   A "O2'" 1 
ATOM   972  C  "C1'" . G   A 1 46 ? -10.872 5.852   10.116  1.00 58.92  ? 47  G   A "C1'" 1 
ATOM   973  N  N9    . G   A 1 46 ? -9.834  6.829   9.752   1.00 56.21  ? 47  G   A N9    1 
ATOM   974  C  C8    . G   A 1 46 ? -9.932  7.916   8.919   1.00 60.73  ? 47  G   A C8    1 
ATOM   975  N  N7    . G   A 1 46 ? -8.804  8.580   8.822   1.00 61.19  ? 47  G   A N7    1 
ATOM   976  C  C5    . G   A 1 46 ? -7.920  7.884   9.639   1.00 58.45  ? 47  G   A C5    1 
ATOM   977  C  C6    . G   A 1 46 ? -6.552  8.112   9.943   1.00 59.03  ? 47  G   A C6    1 
ATOM   978  O  O6    . G   A 1 46 ? -5.813  9.017   9.534   1.00 64.36  ? 47  G   A O6    1 
ATOM   979  N  N1    . G   A 1 46 ? -6.050  7.153   10.821  1.00 56.54  ? 47  G   A N1    1 
ATOM   980  C  C2    . G   A 1 46 ? -6.771  6.107   11.343  1.00 57.70  ? 47  G   A C2    1 
ATOM   981  N  N2    . G   A 1 46 ? -6.119  5.284   12.177  1.00 56.97  ? 47  G   A N2    1 
ATOM   982  N  N3    . G   A 1 46 ? -8.042  5.887   11.070  1.00 58.35  ? 47  G   A N3    1 
ATOM   983  C  C4    . G   A 1 46 ? -8.546  6.803   10.220  1.00 59.21  ? 47  G   A C4    1 
ATOM   984  P  P     . G   A 1 47 ? -13.295 7.881   13.555  1.00 69.57  ? 48  G   A P     1 
ATOM   985  O  OP1   . G   A 1 47 ? -14.561 8.002   14.328  1.00 71.08  ? 48  G   A OP1   1 
ATOM   986  O  OP2   . G   A 1 47 ? -12.565 9.084   13.078  1.00 70.29  ? 48  G   A OP2   1 
ATOM   987  O  "O5'" . G   A 1 47 ? -12.262 7.037   14.421  1.00 64.89  ? 48  G   A "O5'" 1 
ATOM   988  C  "C5'" . G   A 1 47 ? -11.516 7.655   15.452  1.00 62.54  ? 48  G   A "C5'" 1 
ATOM   989  C  "C4'" . G   A 1 47 ? -10.384 6.781   15.915  1.00 62.51  ? 48  G   A "C4'" 1 
ATOM   990  O  "O4'" . G   A 1 47 ? -9.522  6.452   14.796  1.00 63.96  ? 48  G   A "O4'" 1 
ATOM   991  C  "C3'" . G   A 1 47 ? -9.452  7.419   16.924  1.00 64.56  ? 48  G   A "C3'" 1 
ATOM   992  O  "O3'" . G   A 1 47 ? -9.972  7.369   18.237  1.00 68.40  ? 48  G   A "O3'" 1 
ATOM   993  C  "C2'" . G   A 1 47 ? -8.160  6.638   16.734  1.00 64.42  ? 48  G   A "C2'" 1 
ATOM   994  O  "O2'" . G   A 1 47 ? -8.221  5.382   17.397  1.00 59.87  ? 48  G   A "O2'" 1 
ATOM   995  C  "C1'" . G   A 1 47 ? -8.179  6.392   15.225  1.00 62.51  ? 48  G   A "C1'" 1 
ATOM   996  N  N9    . G   A 1 47 ? -7.403  7.398   14.475  1.00 58.84  ? 48  G   A N9    1 
ATOM   997  C  C8    . G   A 1 47 ? -7.884  8.257   13.516  1.00 57.78  ? 48  G   A C8    1 
ATOM   998  N  N7    . G   A 1 47 ? -6.959  9.027   13.007  1.00 55.13  ? 48  G   A N7    1 
ATOM   999  C  C5    . G   A 1 47 ? -5.798  8.650   13.666  1.00 56.70  ? 48  G   A C5    1 
ATOM   1000 C  C6    . G   A 1 47 ? -4.469  9.130   13.532  1.00 60.01  ? 48  G   A C6    1 
ATOM   1001 O  O6    . G   A 1 47 ? -4.042  10.019  12.781  1.00 62.50  ? 48  G   A O6    1 
ATOM   1002 N  N1    . G   A 1 47 ? -3.598  8.468   14.392  1.00 59.08  ? 48  G   A N1    1 
ATOM   1003 C  C2    . G   A 1 47 ? -3.956  7.472   15.269  1.00 60.56  ? 48  G   A C2    1 
ATOM   1004 N  N2    . G   A 1 47 ? -2.970  6.953   16.015  1.00 60.42  ? 48  G   A N2    1 
ATOM   1005 N  N3    . G   A 1 47 ? -5.190  7.013   15.399  1.00 59.74  ? 48  G   A N3    1 
ATOM   1006 C  C4    . G   A 1 47 ? -6.053  7.641   14.573  1.00 58.65  ? 48  G   A C4    1 
ATOM   1007 P  P     . A   A 1 48 ? -10.090 8.715   19.100  1.00 72.23  ? 49  A   A P     1 
ATOM   1008 O  OP1   . A   A 1 48 ? -10.975 8.385   20.246  1.00 67.71  ? 49  A   A OP1   1 
ATOM   1009 O  OP2   . A   A 1 48 ? -10.434 9.855   18.207  1.00 62.91  ? 49  A   A OP2   1 
ATOM   1010 O  "O5'" . A   A 1 48 ? -8.606  8.926   19.641  1.00 69.19  ? 49  A   A "O5'" 1 
ATOM   1011 C  "C5'" . A   A 1 48 ? -7.953  7.879   20.344  1.00 70.11  ? 49  A   A "C5'" 1 
ATOM   1012 C  "C4'" . A   A 1 48 ? -6.453  8.030   20.331  1.00 70.65  ? 49  A   A "C4'" 1 
ATOM   1013 O  "O4'" . A   A 1 48 ? -5.936  7.841   18.987  1.00 71.33  ? 49  A   A "O4'" 1 
ATOM   1014 C  "C3'" . A   A 1 48 ? -5.905  9.385   20.738  1.00 70.02  ? 49  A   A "C3'" 1 
ATOM   1015 O  "O3'" . A   A 1 48 ? -5.904  9.589   22.139  1.00 75.40  ? 49  A   A "O3'" 1 
ATOM   1016 C  "C2'" . A   A 1 48 ? -4.517  9.369   20.113  1.00 71.28  ? 49  A   A "C2'" 1 
ATOM   1017 O  "O2'" . A   A 1 48 ? -3.638  8.538   20.860  1.00 70.68  ? 49  A   A "O2'" 1 
ATOM   1018 C  "C1'" . A   A 1 48 ? -4.809  8.670   18.787  1.00 65.87  ? 49  A   A "C1'" 1 
ATOM   1019 N  N9    . A   A 1 48 ? -5.128  9.634   17.720  1.00 64.41  ? 49  A   A N9    1 
ATOM   1020 C  C8    . A   A 1 48 ? -6.372  10.005  17.267  1.00 64.00  ? 49  A   A C8    1 
ATOM   1021 N  N7    . A   A 1 48 ? -6.337  10.889  16.300  1.00 61.07  ? 49  A   A N7    1 
ATOM   1022 C  C5    . A   A 1 48 ? -4.984  11.115  16.108  1.00 58.25  ? 49  A   A C5    1 
ATOM   1023 C  C6    . A   A 1 48 ? -4.291  11.947  15.221  1.00 58.42  ? 49  A   A C6    1 
ATOM   1024 N  N6    . A   A 1 48 ? -4.893  12.734  14.329  1.00 55.23  ? 49  A   A N6    1 
ATOM   1025 N  N1    . A   A 1 48 ? -2.942  11.938  15.283  1.00 62.12  ? 49  A   A N1    1 
ATOM   1026 C  C2    . A   A 1 48 ? -2.344  11.140  16.180  1.00 62.55  ? 49  A   A C2    1 
ATOM   1027 N  N3    . A   A 1 48 ? -2.887  10.313  17.070  1.00 59.21  ? 49  A   A N3    1 
ATOM   1028 C  C4    . A   A 1 48 ? -4.226  10.351  16.977  1.00 60.93  ? 49  A   A C4    1 
ATOM   1029 P  P     . G   A 1 49 ? -6.202  11.050  22.741  1.00 79.04  ? 50  G   A P     1 
ATOM   1030 O  OP1   . G   A 1 49 ? -6.425  10.878  24.200  1.00 71.89  ? 50  G   A OP1   1 
ATOM   1031 O  OP2   . G   A 1 49 ? -7.247  11.714  21.916  1.00 69.34  ? 50  G   A OP2   1 
ATOM   1032 O  "O5'" . G   A 1 49 ? -4.831  11.837  22.520  1.00 77.16  ? 50  G   A "O5'" 1 
ATOM   1033 C  "C5'" . G   A 1 49 ? -3.647  11.427  23.187  1.00 74.66  ? 50  G   A "C5'" 1 
ATOM   1034 C  "C4'" . G   A 1 49 ? -2.406  11.982  22.531  1.00 76.02  ? 50  G   A "C4'" 1 
ATOM   1035 O  "O4'" . G   A 1 49 ? -2.374  11.599  21.131  1.00 71.78  ? 50  G   A "O4'" 1 
ATOM   1036 C  "C3'" . G   A 1 49 ? -2.270  13.497  22.485  1.00 80.05  ? 50  G   A "C3'" 1 
ATOM   1037 O  "O3'" . G   A 1 49 ? -1.863  14.077  23.713  1.00 88.15  ? 50  G   A "O3'" 1 
ATOM   1038 C  "C2'" . G   A 1 49 ? -1.274  13.689  21.353  1.00 76.95  ? 50  G   A "C2'" 1 
ATOM   1039 O  "O2'" . G   A 1 49 ? 0.038   13.352  21.776  1.00 79.98  ? 50  G   A "O2'" 1 
ATOM   1040 C  "C1'" . G   A 1 49 ? -1.747  12.616  20.374  1.00 72.89  ? 50  G   A "C1'" 1 
ATOM   1041 N  N9    . G   A 1 49 ? -2.720  13.169  19.417  1.00 69.60  ? 50  G   A N9    1 
ATOM   1042 C  C8    . G   A 1 49 ? -4.085  13.006  19.396  1.00 68.22  ? 50  G   A C8    1 
ATOM   1043 N  N7    . G   A 1 49 ? -4.652  13.652  18.412  1.00 67.26  ? 50  G   A N7    1 
ATOM   1044 C  C5    . G   A 1 49 ? -3.600  14.280  17.753  1.00 66.06  ? 50  G   A C5    1 
ATOM   1045 C  C6    . G   A 1 49 ? -3.588  15.123  16.607  1.00 68.07  ? 50  G   A C6    1 
ATOM   1046 O  O6    . G   A 1 49 ? -4.543  15.504  15.918  1.00 67.64  ? 50  G   A O6    1 
ATOM   1047 N  N1    . G   A 1 49 ? -2.296  15.536  16.286  1.00 69.08  ? 50  G   A N1    1 
ATOM   1048 C  C2    . G   A 1 49 ? -1.158  15.185  16.973  1.00 69.47  ? 50  G   A C2    1 
ATOM   1049 N  N2    . G   A 1 49 ? -0.006  15.690  16.508  1.00 67.59  ? 50  G   A N2    1 
ATOM   1050 N  N3    . G   A 1 49 ? -1.155  14.402  18.040  1.00 67.12  ? 50  G   A N3    1 
ATOM   1051 C  C4    . G   A 1 49 ? -2.401  13.994  18.367  1.00 66.86  ? 50  G   A C4    1 
ATOM   1052 P  P     . C   A 1 50 ? -2.453  15.510  24.162  1.00 95.28  ? 51  C   A P     1 
ATOM   1053 O  OP1   . C   A 1 50 ? -1.926  15.794  25.521  1.00 88.31  ? 51  C   A OP1   1 
ATOM   1054 O  OP2   . C   A 1 50 ? -3.924  15.520  23.946  1.00 78.50  ? 51  C   A OP2   1 
ATOM   1055 O  "O5'" . C   A 1 50 ? -1.788  16.543  23.140  1.00 85.85  ? 51  C   A "O5'" 1 
ATOM   1056 C  "C5'" . C   A 1 50 ? -0.422  16.912  23.270  1.00 83.02  ? 51  C   A "C5'" 1 
ATOM   1057 C  "C4'" . C   A 1 50 ? 0.117   17.573  22.024  1.00 85.11  ? 51  C   A "C4'" 1 
ATOM   1058 O  "O4'" . C   A 1 50 ? -0.331  16.864  20.840  1.00 81.96  ? 51  C   A "O4'" 1 
ATOM   1059 C  "C3'" . C   A 1 50 ? -0.312  19.009  21.766  1.00 88.14  ? 51  C   A "C3'" 1 
ATOM   1060 O  "O3'" . C   A 1 50 ? 0.399   19.950  22.551  1.00 89.85  ? 51  C   A "O3'" 1 
ATOM   1061 C  "C2'" . C   A 1 50 ? -0.064  19.157  20.269  1.00 89.36  ? 51  C   A "C2'" 1 
ATOM   1062 O  "O2'" . C   A 1 50 ? 1.317   19.352  19.999  1.00 86.81  ? 51  C   A "O2'" 1 
ATOM   1063 C  "C1'" . C   A 1 50 ? -0.456  17.768  19.760  1.00 81.92  ? 51  C   A "C1'" 1 
ATOM   1064 N  N1    . C   A 1 50 ? -1.850  17.734  19.263  1.00 79.89  ? 51  C   A N1    1 
ATOM   1065 C  C2    . C   A 1 50 ? -2.135  18.308  18.014  1.00 78.31  ? 51  C   A C2    1 
ATOM   1066 O  O2    . C   A 1 50 ? -1.221  18.829  17.350  1.00 74.15  ? 51  C   A O2    1 
ATOM   1067 N  N3    . C   A 1 50 ? -3.411  18.281  17.557  1.00 75.27  ? 51  C   A N3    1 
ATOM   1068 C  C4    . C   A 1 50 ? -4.369  17.715  18.291  1.00 72.83  ? 51  C   A C4    1 
ATOM   1069 N  N4    . C   A 1 50 ? -5.607  17.710  17.795  1.00 73.48  ? 51  C   A N4    1 
ATOM   1070 C  C5    . C   A 1 50 ? -4.105  17.124  19.562  1.00 72.94  ? 51  C   A C5    1 
ATOM   1071 C  C6    . C   A 1 50 ? -2.843  17.156  20.006  1.00 75.47  ? 51  C   A C6    1 
ATOM   1072 P  P     . C   A 1 51 ? -0.384  21.100  23.356  1.00 94.24  ? 52  C   A P     1 
ATOM   1073 O  OP1   . C   A 1 51 ? 0.512   21.541  24.454  1.00 94.00  ? 52  C   A OP1   1 
ATOM   1074 O  OP2   . C   A 1 51 ? -1.747  20.619  23.701  1.00 82.84  ? 52  C   A OP2   1 
ATOM   1075 O  "O5'" . C   A 1 51 ? -0.528  22.284  22.295  1.00 93.82  ? 52  C   A "O5'" 1 
ATOM   1076 C  "C5'" . C   A 1 51 ? 0.562   23.152  22.011  1.00 97.75  ? 52  C   A "C5'" 1 
ATOM   1077 C  "C4'" . C   A 1 51 ? 0.300   23.999  20.788  1.00 98.80  ? 52  C   A "C4'" 1 
ATOM   1078 O  "O4'" . C   A 1 51 ? -0.068  23.142  19.677  1.00 97.24  ? 52  C   A "O4'" 1 
ATOM   1079 C  "C3'" . C   A 1 51 ? -0.848  24.995  20.887  1.00 96.27  ? 52  C   A "C3'" 1 
ATOM   1080 O  "O3'" . C   A 1 51 ? -0.480  26.198  21.539  1.00 94.48  ? 52  C   A "O3'" 1 
ATOM   1081 C  "C2'" . C   A 1 51 ? -1.248  25.196  19.431  1.00 92.40  ? 52  C   A "C2'" 1 
ATOM   1082 O  "O2'" . C   A 1 51 ? -0.375  26.121  18.796  1.00 85.95  ? 52  C   A "O2'" 1 
ATOM   1083 C  "C1'" . C   A 1 51 ? -1.002  23.799  18.846  1.00 95.18  ? 52  C   A "C1'" 1 
ATOM   1084 N  N1    . C   A 1 51 ? -2.235  22.979  18.784  1.00 89.36  ? 52  C   A N1    1 
ATOM   1085 C  C2    . C   A 1 51 ? -3.014  23.015  17.622  1.00 84.52  ? 52  C   A C2    1 
ATOM   1086 O  O2    . C   A 1 51 ? -2.654  23.731  16.676  1.00 84.74  ? 52  C   A O2    1 
ATOM   1087 N  N3    . C   A 1 51 ? -4.139  22.268  17.553  1.00 79.95  ? 52  C   A N3    1 
ATOM   1088 C  C4    . C   A 1 51 ? -4.497  21.508  18.587  1.00 83.49  ? 52  C   A C4    1 
ATOM   1089 N  N4    . C   A 1 51 ? -5.616  20.788  18.479  1.00 80.89  ? 52  C   A N4    1 
ATOM   1090 C  C5    . C   A 1 51 ? -3.724  21.449  19.782  1.00 88.45  ? 52  C   A C5    1 
ATOM   1091 C  C6    . C   A 1 51 ? -2.611  22.191  19.836  1.00 88.98  ? 52  C   A C6    1 
HETATM 1092 P  PG    . GTP B 2 .  ? -11.524 20.226  10.774  1.00 131.48 ? 101 GTP A PG    1 
HETATM 1093 O  O1G   . GTP B 2 .  ? -11.652 19.759  9.342   1.00 127.81 ? 101 GTP A O1G   1 
HETATM 1094 O  O2G   . GTP B 2 .  ? -10.055 20.328  11.122  1.00 115.08 ? 101 GTP A O2G   1 
HETATM 1095 O  O3G   . GTP B 2 .  ? -12.174 19.209  11.687  1.00 127.36 ? 101 GTP A O3G   1 
HETATM 1096 O  O3B   . GTP B 2 .  ? -12.239 21.666  10.992  1.00 124.02 ? 101 GTP A O3B   1 
HETATM 1097 P  PB    . GTP B 2 .  ? -13.631 22.101  10.285  1.00 138.97 ? 101 GTP A PB    1 
HETATM 1098 O  O1B   . GTP B 2 .  ? -14.787 21.356  10.919  1.00 132.98 ? 101 GTP A O1B   1 
HETATM 1099 O  O2B   . GTP B 2 .  ? -13.870 23.593  10.384  1.00 119.30 ? 101 GTP A O2B   1 
HETATM 1100 O  O3A   . GTP B 2 .  ? -13.442 21.617  8.755   1.00 129.58 ? 101 GTP A O3A   1 
HETATM 1101 P  PA    . GTP B 2 .  ? -12.587 22.433  7.649   1.00 125.73 ? 101 GTP A PA    1 
HETATM 1102 O  O1A   . GTP B 2 .  ? -11.880 21.433  6.759   1.00 124.15 ? 101 GTP A O1A   1 
HETATM 1103 O  O2A   . GTP B 2 .  ? -13.492 23.323  6.827   1.00 121.90 ? 101 GTP A O2A   1 
HETATM 1104 O  "O5'" . GTP B 2 .  ? -11.482 23.321  8.425   1.00 108.61 ? 101 GTP A "O5'" 1 
HETATM 1105 C  "C5'" . GTP B 2 .  ? -10.106 23.239  8.115   1.00 100.88 ? 101 GTP A "C5'" 1 
HETATM 1106 C  "C4'" . GTP B 2 .  ? -9.338  24.295  8.908   1.00 93.80  ? 101 GTP A "C4'" 1 
HETATM 1107 O  "O4'" . GTP B 2 .  ? -9.564  24.134  10.292  1.00 92.34  ? 101 GTP A "O4'" 1 
HETATM 1108 C  "C3'" . GTP B 2 .  ? -7.835  24.194  8.713   1.00 89.40  ? 101 GTP A "C3'" 1 
HETATM 1109 O  "O3'" . GTP B 2 .  ? -7.348  25.201  7.852   1.00 95.35  ? 101 GTP A "O3'" 1 
HETATM 1110 C  "C2'" . GTP B 2 .  ? -7.230  24.328  10.095  1.00 84.61  ? 101 GTP A "C2'" 1 
HETATM 1111 O  "O2'" . GTP B 2 .  ? -6.363  25.437  10.149  1.00 87.80  ? 101 GTP A "O2'" 1 
HETATM 1112 C  "C1'" . GTP B 2 .  ? -8.416  24.504  11.032  1.00 83.26  ? 101 GTP A "C1'" 1 
HETATM 1113 N  N9    . GTP B 2 .  ? -8.303  23.632  12.216  1.00 77.71  ? 101 GTP A N9    1 
HETATM 1114 C  C8    . GTP B 2 .  ? -9.286  22.802  12.685  1.00 76.62  ? 101 GTP A C8    1 
HETATM 1115 N  N7    . GTP B 2 .  ? -8.831  22.176  13.792  1.00 72.54  ? 101 GTP A N7    1 
HETATM 1116 C  C5    . GTP B 2 .  ? -7.576  22.608  14.051  1.00 72.41  ? 101 GTP A C5    1 
HETATM 1117 C  C6    . GTP B 2 .  ? -6.668  22.295  15.057  1.00 73.85  ? 101 GTP A C6    1 
HETATM 1118 O  O6    . GTP B 2 .  ? -6.965  21.481  15.929  1.00 70.18  ? 101 GTP A O6    1 
HETATM 1119 N  N1    . GTP B 2 .  ? -5.427  22.902  15.076  1.00 76.87  ? 101 GTP A N1    1 
HETATM 1120 C  C2    . GTP B 2 .  ? -5.097  23.816  14.094  1.00 77.38  ? 101 GTP A C2    1 
HETATM 1121 N  N2    . GTP B 2 .  ? -3.902  24.403  14.109  1.00 77.05  ? 101 GTP A N2    1 
HETATM 1122 N  N3    . GTP B 2 .  ? -6.008  24.122  13.097  1.00 77.47  ? 101 GTP A N3    1 
HETATM 1123 C  C4    . GTP B 2 .  ? -7.230  23.530  13.071  1.00 75.25  ? 101 GTP A C4    1 
HETATM 1124 P  PG    . ATP C 3 .  ? -1.041  -5.787  18.665  1.00 121.96 ? 102 ATP A PG    1 
HETATM 1125 O  O1G   . ATP C 3 .  ? -0.317  -5.100  17.525  1.00 100.31 ? 102 ATP A O1G   1 
HETATM 1126 O  O2G   . ATP C 3 .  ? -1.593  -7.155  18.328  1.00 99.15  ? 102 ATP A O2G   1 
HETATM 1127 O  O3G   . ATP C 3 .  ? -0.306  -5.707  19.986  1.00 116.57 ? 102 ATP A O3G   1 
HETATM 1128 P  PB    . ATP C 3 .  ? -3.420  -4.553  17.764  1.00 94.57  ? 102 ATP A PB    1 
HETATM 1129 O  O1B   . ATP C 3 .  ? -2.890  -4.991  16.415  1.00 81.03  ? 102 ATP A O1B   1 
HETATM 1130 O  O2B   . ATP C 3 .  ? -4.777  -5.028  18.231  1.00 91.41  ? 102 ATP A O2B   1 
HETATM 1131 O  O3B   . ATP C 3 .  ? -2.349  -4.877  18.926  1.00 102.16 ? 102 ATP A O3B   1 
HETATM 1132 P  PA    . ATP C 3 .  ? -2.119  -2.122  17.324  1.00 80.85  ? 102 ATP A PA    1 
HETATM 1133 O  O1A   . ATP C 3 .  ? -1.980  -2.301  15.829  1.00 72.84  ? 102 ATP A O1A   1 
HETATM 1134 O  O2A   . ATP C 3 .  ? -0.946  -2.392  18.238  1.00 83.40  ? 102 ATP A O2A   1 
HETATM 1135 O  O3A   . ATP C 3 .  ? -3.403  -2.947  17.843  1.00 87.24  ? 102 ATP A O3A   1 
HETATM 1136 O  "O5'" . ATP C 3 .  ? -2.631  -0.630  17.587  1.00 75.58  ? 102 ATP A "O5'" 1 
HETATM 1137 C  "C5'" . ATP C 3 .  ? -4.005  -0.352  17.352  1.00 72.52  ? 102 ATP A "C5'" 1 
HETATM 1138 C  "C4'" . ATP C 3 .  ? -4.057  0.865   16.450  1.00 69.85  ? 102 ATP A "C4'" 1 
HETATM 1139 O  "O4'" . ATP C 3 .  ? -5.162  0.774   15.555  1.00 69.05  ? 102 ATP A "O4'" 1 
HETATM 1140 C  "C3'" . ATP C 3 .  ? -4.223  2.164   17.213  1.00 63.72  ? 102 ATP A "C3'" 1 
HETATM 1141 O  "O3'" . ATP C 3 .  ? -2.949  2.740   17.495  1.00 65.64  ? 102 ATP A "O3'" 1 
HETATM 1142 C  "C2'" . ATP C 3 .  ? -5.002  3.041   16.259  1.00 64.75  ? 102 ATP A "C2'" 1 
HETATM 1143 O  "O2'" . ATP C 3 .  ? -4.098  3.864   15.514  1.00 59.40  ? 102 ATP A "O2'" 1 
HETATM 1144 C  "C1'" . ATP C 3 .  ? -5.675  2.080   15.299  1.00 62.15  ? 102 ATP A "C1'" 1 
HETATM 1145 N  N9    . ATP C 3 .  ? -7.129  2.056   15.551  1.00 59.63  ? 102 ATP A N9    1 
HETATM 1146 C  C8    . ATP C 3 .  ? -7.742  1.449   16.582  1.00 60.14  ? 102 ATP A C8    1 
HETATM 1147 N  N7    . ATP C 3 .  ? -9.091  1.609   16.508  1.00 60.33  ? 102 ATP A N7    1 
HETATM 1148 C  C5    . ATP C 3 .  ? -9.350  2.332   15.403  1.00 59.04  ? 102 ATP A C5    1 
HETATM 1149 C  C6    . ATP C 3 .  ? -10.555 2.862   14.730  1.00 58.38  ? 102 ATP A C6    1 
HETATM 1150 N  N6    . ATP C 3 .  ? -11.789 2.642   15.238  1.00 55.30  ? 102 ATP A N6    1 
HETATM 1151 N  N1    . ATP C 3 .  ? -10.380 3.570   13.594  1.00 60.35  ? 102 ATP A N1    1 
HETATM 1152 C  C2    . ATP C 3 .  ? -9.156  3.788   13.079  1.00 61.39  ? 102 ATP A C2    1 
HETATM 1153 N  N3    . ATP C 3 .  ? -8.018  3.342   13.635  1.00 60.56  ? 102 ATP A N3    1 
HETATM 1154 C  C4    . ATP C 3 .  ? -8.052  2.622   14.778  1.00 59.63  ? 102 ATP A C4    1 
HETATM 1155 MG MG    . MG  D 4 .  ? 0.045   -15.556 -0.416  1.00 67.73  ? 103 MG  A MG    1 
HETATM 1156 MG MG    . MG  E 4 .  ? 13.311  -15.629 -21.144 1.00 86.22  ? 104 MG  A MG    1 
HETATM 1157 MG MG    . MG  F 4 .  ? -1.989  -18.171 2.585   1.00 65.72  ? 105 MG  A MG    1 
HETATM 1158 MG MG    . MG  G 4 .  ? -9.045  -4.815  1.604   1.00 55.35  ? 106 MG  A MG    1 
HETATM 1159 MG MG    . MG  H 4 .  ? 0.683   0.509   8.896   1.00 69.90  ? 107 MG  A MG    1 
HETATM 1160 MG MG    . MG  I 4 .  ? -1.903  -4.139  14.702  1.00 71.53  ? 108 MG  A MG    1 
HETATM 1161 MG MG    . MG  J 4 .  ? -7.000  10.937  8.789   1.00 66.50  ? 109 MG  A MG    1 
HETATM 1162 MG MG    . MG  K 4 .  ? -5.759  -6.658  12.090  1.00 57.79  ? 110 MG  A MG    1 
HETATM 1163 O  O     . HOH L 5 .  ? -5.060  10.911  10.289  1.00 53.76  ? 201 HOH A O     1 
HETATM 1164 O  O     . HOH L 5 .  ? -4.957  10.402  8.039   1.00 54.89  ? 202 HOH A O     1 
HETATM 1165 O  O     . HOH L 5 .  ? -15.135 -12.516 6.720   1.00 59.86  ? 203 HOH A O     1 
HETATM 1166 O  O     . HOH L 5 .  ? -4.716  -6.636  13.944  1.00 61.42  ? 204 HOH A O     1 
HETATM 1167 O  O     . HOH L 5 .  ? -13.890 -13.519 3.056   1.00 61.70  ? 205 HOH A O     1 
HETATM 1168 O  O     . HOH L 5 .  ? 12.424  -13.755 -20.645 1.00 79.27  ? 206 HOH A O     1 
HETATM 1169 O  O     . HOH L 5 .  ? -0.824  -17.049 3.945   1.00 66.04  ? 207 HOH A O     1 
HETATM 1170 O  O     . HOH L 5 .  ? -3.707  -7.398  11.395  1.00 60.63  ? 208 HOH A O     1 
HETATM 1171 O  O     . HOH L 5 .  ? -0.551  -1.168  9.439   1.00 62.78  ? 209 HOH A O     1 
HETATM 1172 O  O     . HOH L 5 .  ? -0.045  -4.899  14.986  1.00 69.27  ? 210 HOH A O     1 
HETATM 1173 O  O     . HOH L 5 .  ? -14.785 -10.582 8.038   1.00 55.28  ? 211 HOH A O     1 
HETATM 1174 O  O     . HOH L 5 .  ? -7.340  10.830  11.054  1.00 53.76  ? 212 HOH A O     1 
HETATM 1175 O  O     . HOH L 5 .  ? 11.862  -15.577 -22.925 1.00 75.68  ? 213 HOH A O     1 
HETATM 1176 O  O     . HOH L 5 .  ? -1.471  -5.680  13.346  1.00 62.57  ? 214 HOH A O     1 
HETATM 1177 O  O     . HOH L 5 .  ? -6.034  -8.688  12.745  1.00 57.48  ? 215 HOH A O     1 
HETATM 1178 O  O     . HOH L 5 .  ? -0.192  -15.016 1.667   1.00 63.49  ? 216 HOH A O     1 
HETATM 1179 O  O     . HOH L 5 .  ? 0.180   -13.481 -0.106  1.00 66.03  ? 217 HOH A O     1 
HETATM 1180 O  O     . HOH L 5 .  ? -8.173  -5.240  -0.160  1.00 63.39  ? 218 HOH A O     1 
HETATM 1181 O  O     . HOH L 5 .  ? -0.585  -3.248  13.337  1.00 64.31  ? 219 HOH A O     1 
HETATM 1182 O  O     . HOH L 5 .  ? 0.776   -0.515  6.759   1.00 69.92  ? 220 HOH A O     1 
HETATM 1183 O  O     . HOH L 5 .  ? -0.876  1.587   7.588   1.00 60.85  ? 221 HOH A O     1 
HETATM 1184 O  O     . HOH L 5 .  ? -13.206 -11.968 10.665  1.00 54.49  ? 222 HOH A O     1 
HETATM 1185 O  O     . HOH L 5 .  ? 2.409   1.934   8.694   1.00 71.01  ? 223 HOH A O     1 
HETATM 1186 O  O     . HOH L 5 .  ? 5.038   -11.640 -34.250 1.00 70.14  ? 224 HOH A O     1 
HETATM 1187 O  O     . HOH L 5 .  ? -7.507  11.584  6.449   1.00 57.53  ? 225 HOH A O     1 
HETATM 1188 O  O     . HOH L 5 .  ? 11.494  -16.585 -20.546 1.00 86.87  ? 226 HOH A O     1 
HETATM 1189 O  O     . HOH L 5 .  ? 0.683   -15.014 -2.555  1.00 65.96  ? 227 HOH A O     1 
HETATM 1190 O  O     . HOH L 5 .  ? 2.625   -3.709  -12.840 1.00 67.21  ? 228 HOH A O     1 
HETATM 1191 O  O     . HOH L 5 .  ? 9.022   -7.823  -32.837 1.00 70.16  ? 229 HOH A O     1 
HETATM 1192 O  O     . HOH L 5 .  ? -5.721  12.531  9.300   1.00 57.55  ? 230 HOH A O     1 
HETATM 1193 O  O     . HOH L 5 .  ? 7.736   -4.714  -14.171 1.00 64.01  ? 231 HOH A O     1 
HETATM 1194 O  O     . HOH L 5 .  ? -1.630  -14.412 -0.769  1.00 64.65  ? 232 HOH A O     1 
HETATM 1195 O  O     . HOH L 5 .  ? -2.420  -19.062 4.334   1.00 69.89  ? 233 HOH A O     1 
HETATM 1196 O  O     . HOH L 5 .  ? 2.425   -1.102  8.670   1.00 66.25  ? 234 HOH A O     1 
HETATM 1197 O  O     . HOH L 5 .  ? 5.945   -8.962  -33.988 1.00 74.00  ? 235 HOH A O     1 
HETATM 1198 O  O     . HOH L 5 .  ? 15.329  -14.885 -21.491 1.00 92.70  ? 236 HOH A O     1 
HETATM 1199 O  O     . HOH L 5 .  ? -3.484  -17.146 2.718   1.00 65.39  ? 237 HOH A O     1 
HETATM 1200 O  O     . HOH L 5 .  ? 13.436  -15.531 -18.812 1.00 75.63  ? 238 HOH A O     1 
HETATM 1201 O  O     . HOH L 5 .  ? 14.508  -17.313 -22.271 1.00 95.17  ? 239 HOH A O     1 
HETATM 1202 O  O     . HOH L 5 .  ? 8.034   -8.866  -35.447 1.00 79.08  ? 240 HOH A O     1 
HETATM 1203 O  O     . HOH L 5 .  ? -3.468  -19.321 1.486   1.00 84.41  ? 241 HOH A O     1 
HETATM 1204 O  O     . HOH L 5 .  ? -1.906  -22.153 -10.652 1.00 68.84  ? 242 HOH A O     1 
# 
loop_
_pdbx_poly_seq_scheme.asym_id 
_pdbx_poly_seq_scheme.entity_id 
_pdbx_poly_seq_scheme.seq_id 
_pdbx_poly_seq_scheme.mon_id 
_pdbx_poly_seq_scheme.ndb_seq_num 
_pdbx_poly_seq_scheme.pdb_seq_num 
_pdbx_poly_seq_scheme.auth_seq_num 
_pdbx_poly_seq_scheme.pdb_mon_id 
_pdbx_poly_seq_scheme.auth_mon_id 
_pdbx_poly_seq_scheme.pdb_strand_id 
_pdbx_poly_seq_scheme.pdb_ins_code 
_pdbx_poly_seq_scheme.hetero 
A 1 1  G 1  2  2  G G A . n 
A 1 2  C 2  3  3  C C A . n 
A 1 3  U 3  4  4  U U A . n 
A 1 4  U 4  5  5  U U A . n 
A 1 5  C 5  6  6  C C A . n 
A 1 6  A 6  7  7  A A A . n 
A 1 7  A 7  8  8  A A A . n 
A 1 8  C 8  9  9  C C A . n 
A 1 9  A 9  10 10 A A A . n 
A 1 10 A 10 11 11 A A A . n 
A 1 11 C 11 12 12 C C A . n 
A 1 12 C 12 13 13 C C A . n 
A 1 13 C 13 14 14 C C A . n 
A 1 14 C 14 15 15 C C A . n 
A 1 15 G 15 16 16 G G A . n 
A 1 16 U 16 17 17 U U A . n 
A 1 17 A 17 18 18 A A A . n 
A 1 18 G 18 19 19 G G A . n 
A 1 19 G 19 20 20 G G A . n 
A 1 20 U 20 21 21 U U A . n 
A 1 21 G 21 22 22 G G A . n 
A 1 22 G 22 23 23 G G A . n 
A 1 23 G 23 24 24 G G A . n 
A 1 24 G 24 25 25 G G A . n 
A 1 25 A 25 26 26 A A A . n 
A 1 26 C 26 27 27 C C A . n 
A 1 27 G 27 28 28 G G A . n 
A 1 28 A 28 29 29 A A A . n 
A 1 29 A 29 30 30 A A A . n 
A 1 30 A 30 31 31 A A A . n 
A 1 31 G 31 32 32 G G A . n 
A 1 32 U 32 33 33 U U A . n 
A 1 33 C 33 34 34 C C A . n 
A 1 34 A 34 35 35 A A A . n 
A 1 35 G 35 36 36 G G A . n 
A 1 36 C 36 37 37 C C A . n 
A 1 37 G 37 38 38 G G A . n 
A 1 38 C 38 39 39 C C A . n 
A 1 39 A 39 40 40 A A A . n 
A 1 40 C 40 41 41 C C A . n 
A 1 41 C 41 42 42 C C A . n 
A 1 42 U 42 43 43 U U A . n 
A 1 43 A 43 44 44 A A A . n 
A 1 44 C 44 45 45 C C A . n 
A 1 45 U 45 46 46 U U A . n 
A 1 46 G 46 47 47 G G A . n 
A 1 47 G 47 48 48 G G A . n 
A 1 48 A 48 49 49 A A A . n 
A 1 49 G 49 50 50 G G A . n 
A 1 50 C 50 51 51 C C A . n 
A 1 51 C 51 52 52 C C A . n 
# 
loop_
_pdbx_nonpoly_scheme.asym_id 
_pdbx_nonpoly_scheme.entity_id 
_pdbx_nonpoly_scheme.mon_id 
_pdbx_nonpoly_scheme.ndb_seq_num 
_pdbx_nonpoly_scheme.pdb_seq_num 
_pdbx_nonpoly_scheme.auth_seq_num 
_pdbx_nonpoly_scheme.pdb_mon_id 
_pdbx_nonpoly_scheme.auth_mon_id 
_pdbx_nonpoly_scheme.pdb_strand_id 
_pdbx_nonpoly_scheme.pdb_ins_code 
B 2 GTP 1  101 1   GTP GTP A . 
C 3 ATP 1  102 1   ATP ATP A . 
D 4 MG  1  103 2   MG  MG  A . 
E 4 MG  1  104 8   MG  MG  A . 
F 4 MG  1  105 10  MG  MG  A . 
G 4 MG  1  106 11  MG  MG  A . 
H 4 MG  1  107 16  MG  MG  A . 
I 4 MG  1  108 20  MG  MG  A . 
J 4 MG  1  109 21  MG  MG  A . 
K 4 MG  1  110 22  MG  MG  A . 
L 5 HOH 1  201 99  HOH HOH A . 
L 5 HOH 2  202 101 HOH HOH A . 
L 5 HOH 3  203 113 HOH HOH A . 
L 5 HOH 4  204 106 HOH HOH A . 
L 5 HOH 5  205 50  HOH HOH A . 
L 5 HOH 6  206 69  HOH HOH A . 
L 5 HOH 7  207 38  HOH HOH A . 
L 5 HOH 8  208 105 HOH HOH A . 
L 5 HOH 9  209 62  HOH HOH A . 
L 5 HOH 10 210 57  HOH HOH A . 
L 5 HOH 11 211 114 HOH HOH A . 
L 5 HOH 12 212 103 HOH HOH A . 
L 5 HOH 13 213 17  HOH HOH A . 
L 5 HOH 14 214 60  HOH HOH A . 
L 5 HOH 15 215 104 HOH HOH A . 
L 5 HOH 16 216 7   HOH HOH A . 
L 5 HOH 17 217 9   HOH HOH A . 
L 5 HOH 18 218 115 HOH HOH A . 
L 5 HOH 19 219 55  HOH HOH A . 
L 5 HOH 20 220 67  HOH HOH A . 
L 5 HOH 21 221 64  HOH HOH A . 
L 5 HOH 22 222 112 HOH HOH A . 
L 5 HOH 23 223 63  HOH HOH A . 
L 5 HOH 24 224 109 HOH HOH A . 
L 5 HOH 25 225 98  HOH HOH A . 
L 5 HOH 26 226 16  HOH HOH A . 
L 5 HOH 27 227 108 HOH HOH A . 
L 5 HOH 28 228 95  HOH HOH A . 
L 5 HOH 29 229 110 HOH HOH A . 
L 5 HOH 30 230 100 HOH HOH A . 
L 5 HOH 31 231 96  HOH HOH A . 
L 5 HOH 32 232 4   HOH HOH A . 
L 5 HOH 33 233 34  HOH HOH A . 
L 5 HOH 34 234 66  HOH HOH A . 
L 5 HOH 35 235 6   HOH HOH A . 
L 5 HOH 36 236 107 HOH HOH A . 
L 5 HOH 37 237 37  HOH HOH A . 
L 5 HOH 38 238 18  HOH HOH A . 
L 5 HOH 39 239 68  HOH HOH A . 
L 5 HOH 40 240 35  HOH HOH A . 
L 5 HOH 41 241 111 HOH HOH A . 
L 5 HOH 42 242 97  HOH HOH A . 
# 
_pdbx_struct_assembly.id                   1 
_pdbx_struct_assembly.details              author_defined_assembly 
_pdbx_struct_assembly.method_details       ? 
_pdbx_struct_assembly.oligomeric_details   monomeric 
_pdbx_struct_assembly.oligomeric_count     1 
# 
_pdbx_struct_assembly_gen.assembly_id       1 
_pdbx_struct_assembly_gen.oper_expression   1 
_pdbx_struct_assembly_gen.asym_id_list      A,B,C,D,E,F,G,H,I,J,K,L 
# 
_pdbx_struct_oper_list.id                   1 
_pdbx_struct_oper_list.type                 'identity operation' 
_pdbx_struct_oper_list.name                 1_555 
_pdbx_struct_oper_list.symmetry_operation   x,y,z 
_pdbx_struct_oper_list.matrix[1][1]         1.0000000000 
_pdbx_struct_oper_list.matrix[1][2]         0.0000000000 
_pdbx_struct_oper_list.matrix[1][3]         0.0000000000 
_pdbx_struct_oper_list.vector[1]            0.0000000000 
_pdbx_struct_oper_list.matrix[2][1]         0.0000000000 
_pdbx_struct_oper_list.matrix[2][2]         1.0000000000 
_pdbx_struct_oper_list.matrix[2][3]         0.0000000000 
_pdbx_struct_oper_list.vector[2]            0.0000000000 
_pdbx_struct_oper_list.matrix[3][1]         0.0000000000 
_pdbx_struct_oper_list.matrix[3][2]         0.0000000000 
_pdbx_struct_oper_list.matrix[3][3]         1.0000000000 
_pdbx_struct_oper_list.vector[3]            0.0000000000 
# 
loop_
_pdbx_struct_conn_angle.id 
_pdbx_struct_conn_angle.ptnr1_label_atom_id 
_pdbx_struct_conn_angle.ptnr1_label_alt_id 
_pdbx_struct_conn_angle.ptnr1_label_asym_id 
_pdbx_struct_conn_angle.ptnr1_label_comp_id 
_pdbx_struct_conn_angle.ptnr1_label_seq_id 
_pdbx_struct_conn_angle.ptnr1_auth_atom_id 
_pdbx_struct_conn_angle.ptnr1_auth_asym_id 
_pdbx_struct_conn_angle.ptnr1_auth_comp_id 
_pdbx_struct_conn_angle.ptnr1_auth_seq_id 
_pdbx_struct_conn_angle.ptnr1_PDB_ins_code 
_pdbx_struct_conn_angle.ptnr1_symmetry 
_pdbx_struct_conn_angle.ptnr2_label_atom_id 
_pdbx_struct_conn_angle.ptnr2_label_alt_id 
_pdbx_struct_conn_angle.ptnr2_label_asym_id 
_pdbx_struct_conn_angle.ptnr2_label_comp_id 
_pdbx_struct_conn_angle.ptnr2_label_seq_id 
_pdbx_struct_conn_angle.ptnr2_auth_atom_id 
_pdbx_struct_conn_angle.ptnr2_auth_asym_id 
_pdbx_struct_conn_angle.ptnr2_auth_comp_id 
_pdbx_struct_conn_angle.ptnr2_auth_seq_id 
_pdbx_struct_conn_angle.ptnr2_PDB_ins_code 
_pdbx_struct_conn_angle.ptnr2_symmetry 
_pdbx_struct_conn_angle.ptnr3_label_atom_id 
_pdbx_struct_conn_angle.ptnr3_label_alt_id 
_pdbx_struct_conn_angle.ptnr3_label_asym_id 
_pdbx_struct_conn_angle.ptnr3_label_comp_id 
_pdbx_struct_conn_angle.ptnr3_label_seq_id 
_pdbx_struct_conn_angle.ptnr3_auth_atom_id 
_pdbx_struct_conn_angle.ptnr3_auth_asym_id 
_pdbx_struct_conn_angle.ptnr3_auth_comp_id 
_pdbx_struct_conn_angle.ptnr3_auth_seq_id 
_pdbx_struct_conn_angle.ptnr3_PDB_ins_code 
_pdbx_struct_conn_angle.ptnr3_symmetry 
_pdbx_struct_conn_angle.value 
_pdbx_struct_conn_angle.value_esd 
1   OP2 ? A A   6  ? A A   7   ? 1_555 MG ? H MG . ? A MG 107 ? 1_555 O   ? L HOH .  ? A HOH 209 ? 1_555 87.4  ? 
2   OP2 ? A A   6  ? A A   7   ? 1_555 MG ? H MG . ? A MG 107 ? 1_555 O   ? L HOH .  ? A HOH 220 ? 1_555 166.9 ? 
3   O   ? L HOH .  ? A HOH 209 ? 1_555 MG ? H MG . ? A MG 107 ? 1_555 O   ? L HOH .  ? A HOH 220 ? 1_555 85.0  ? 
4   OP2 ? A A   6  ? A A   7   ? 1_555 MG ? H MG . ? A MG 107 ? 1_555 O   ? L HOH .  ? A HOH 221 ? 1_555 118.1 ? 
5   O   ? L HOH .  ? A HOH 209 ? 1_555 MG ? H MG . ? A MG 107 ? 1_555 O   ? L HOH .  ? A HOH 221 ? 1_555 96.9  ? 
6   O   ? L HOH .  ? A HOH 220 ? 1_555 MG ? H MG . ? A MG 107 ? 1_555 O   ? L HOH .  ? A HOH 221 ? 1_555 73.6  ? 
7   OP2 ? A A   6  ? A A   7   ? 1_555 MG ? H MG . ? A MG 107 ? 1_555 O   ? L HOH .  ? A HOH 223 ? 1_555 85.1  ? 
8   O   ? L HOH .  ? A HOH 209 ? 1_555 MG ? H MG . ? A MG 107 ? 1_555 O   ? L HOH .  ? A HOH 223 ? 1_555 163.2 ? 
9   O   ? L HOH .  ? A HOH 220 ? 1_555 MG ? H MG . ? A MG 107 ? 1_555 O   ? L HOH .  ? A HOH 223 ? 1_555 99.4  ? 
10  O   ? L HOH .  ? A HOH 221 ? 1_555 MG ? H MG . ? A MG 107 ? 1_555 O   ? L HOH .  ? A HOH 223 ? 1_555 99.9  ? 
11  OP2 ? A A   6  ? A A   7   ? 1_555 MG ? H MG . ? A MG 107 ? 1_555 O   ? L HOH .  ? A HOH 234 ? 1_555 102.7 ? 
12  O   ? L HOH .  ? A HOH 209 ? 1_555 MG ? H MG . ? A MG 107 ? 1_555 O   ? L HOH .  ? A HOH 234 ? 1_555 85.2  ? 
13  O   ? L HOH .  ? A HOH 220 ? 1_555 MG ? H MG . ? A MG 107 ? 1_555 O   ? L HOH .  ? A HOH 234 ? 1_555 66.0  ? 
14  O   ? L HOH .  ? A HOH 221 ? 1_555 MG ? H MG . ? A MG 107 ? 1_555 O   ? L HOH .  ? A HOH 234 ? 1_555 139.2 ? 
15  O   ? L HOH .  ? A HOH 223 ? 1_555 MG ? H MG . ? A MG 107 ? 1_555 O   ? L HOH .  ? A HOH 234 ? 1_555 81.9  ? 
16  OP1 ? A A   7  ? A A   8   ? 1_555 MG ? I MG . ? A MG 108 ? 1_555 O1B ? C ATP .  ? A ATP 102 ? 1_555 102.7 ? 
17  OP1 ? A A   7  ? A A   8   ? 1_555 MG ? I MG . ? A MG 108 ? 1_555 O1A ? C ATP .  ? A ATP 102 ? 1_555 87.0  ? 
18  O1B ? C ATP .  ? A ATP 102 ? 1_555 MG ? I MG . ? A MG 108 ? 1_555 O1A ? C ATP .  ? A ATP 102 ? 1_555 84.5  ? 
19  OP1 ? A A   7  ? A A   8   ? 1_555 MG ? I MG . ? A MG 108 ? 1_555 O   ? L HOH .  ? A HOH 210 ? 1_555 155.4 ? 
20  O1B ? C ATP .  ? A ATP 102 ? 1_555 MG ? I MG . ? A MG 108 ? 1_555 O   ? L HOH .  ? A HOH 210 ? 1_555 99.2  ? 
21  O1A ? C ATP .  ? A ATP 102 ? 1_555 MG ? I MG . ? A MG 108 ? 1_555 O   ? L HOH .  ? A HOH 210 ? 1_555 106.2 ? 
22  OP1 ? A A   7  ? A A   8   ? 1_555 MG ? I MG . ? A MG 108 ? 1_555 O   ? L HOH .  ? A HOH 214 ? 1_555 94.3  ? 
23  O1B ? C ATP .  ? A ATP 102 ? 1_555 MG ? I MG . ? A MG 108 ? 1_555 O   ? L HOH .  ? A HOH 214 ? 1_555 108.6 ? 
24  O1A ? C ATP .  ? A ATP 102 ? 1_555 MG ? I MG . ? A MG 108 ? 1_555 O   ? L HOH .  ? A HOH 214 ? 1_555 166.2 ? 
25  O   ? L HOH .  ? A HOH 210 ? 1_555 MG ? I MG . ? A MG 108 ? 1_555 O   ? L HOH .  ? A HOH 214 ? 1_555 68.1  ? 
26  OP1 ? A A   7  ? A A   8   ? 1_555 MG ? I MG . ? A MG 108 ? 1_555 O   ? L HOH .  ? A HOH 219 ? 1_555 88.7  ? 
27  O1B ? C ATP .  ? A ATP 102 ? 1_555 MG ? I MG . ? A MG 108 ? 1_555 O   ? L HOH .  ? A HOH 219 ? 1_555 167.1 ? 
28  O1A ? C ATP .  ? A ATP 102 ? 1_555 MG ? I MG . ? A MG 108 ? 1_555 O   ? L HOH .  ? A HOH 219 ? 1_555 90.0  ? 
29  O   ? L HOH .  ? A HOH 210 ? 1_555 MG ? I MG . ? A MG 108 ? 1_555 O   ? L HOH .  ? A HOH 219 ? 1_555 71.0  ? 
30  O   ? L HOH .  ? A HOH 214 ? 1_555 MG ? I MG . ? A MG 108 ? 1_555 O   ? L HOH .  ? A HOH 219 ? 1_555 76.2  ? 
31  OP2 ? A A   7  ? A A   8   ? 1_555 MG ? K MG . ? A MG 110 ? 1_555 OP2 ? A C   8  ? A C   9   ? 1_555 99.2  ? 
32  OP2 ? A A   7  ? A A   8   ? 1_555 MG ? K MG . ? A MG 110 ? 1_555 O   ? L HOH .  ? A HOH 204 ? 1_555 80.4  ? 
33  OP2 ? A C   8  ? A C   9   ? 1_555 MG ? K MG . ? A MG 110 ? 1_555 O   ? L HOH .  ? A HOH 204 ? 1_555 71.6  ? 
34  OP2 ? A A   7  ? A A   8   ? 1_555 MG ? K MG . ? A MG 110 ? 1_555 O   ? L HOH .  ? A HOH 208 ? 1_555 82.6  ? 
35  OP2 ? A C   8  ? A C   9   ? 1_555 MG ? K MG . ? A MG 110 ? 1_555 O   ? L HOH .  ? A HOH 208 ? 1_555 150.8 ? 
36  O   ? L HOH .  ? A HOH 204 ? 1_555 MG ? K MG . ? A MG 110 ? 1_555 O   ? L HOH .  ? A HOH 208 ? 1_555 80.1  ? 
37  OP2 ? A A   7  ? A A   8   ? 1_555 MG ? K MG . ? A MG 110 ? 1_555 O   ? L HOH .  ? A HOH 215 ? 1_555 157.1 ? 
38  OP2 ? A C   8  ? A C   9   ? 1_555 MG ? K MG . ? A MG 110 ? 1_555 O   ? L HOH .  ? A HOH 215 ? 1_555 83.4  ? 
39  O   ? L HOH .  ? A HOH 204 ? 1_555 MG ? K MG . ? A MG 110 ? 1_555 O   ? L HOH .  ? A HOH 215 ? 1_555 78.9  ? 
40  O   ? L HOH .  ? A HOH 208 ? 1_555 MG ? K MG . ? A MG 110 ? 1_555 O   ? L HOH .  ? A HOH 215 ? 1_555 84.4  ? 
41  OP2 ? A A   10 ? A A   11  ? 1_555 MG ? G MG . ? A MG 106 ? 2_455 OP1 ? A U   16 ? A U   17  ? 1_555 33.2  ? 
42  OP2 ? A A   10 ? A A   11  ? 1_555 MG ? G MG . ? A MG 106 ? 2_455 O   ? L HOH .  ? A HOH 203 ? 2_455 27.7  ? 
43  OP1 ? A U   16 ? A U   17  ? 1_555 MG ? G MG . ? A MG 106 ? 2_455 O   ? L HOH .  ? A HOH 203 ? 2_455 9.9   ? 
44  OP2 ? A A   10 ? A A   11  ? 1_555 MG ? G MG . ? A MG 106 ? 2_455 O   ? L HOH .  ? A HOH 211 ? 2_455 36.0  ? 
45  OP1 ? A U   16 ? A U   17  ? 1_555 MG ? G MG . ? A MG 106 ? 2_455 O   ? L HOH .  ? A HOH 211 ? 2_455 2.8   ? 
46  O   ? L HOH .  ? A HOH 203 ? 2_455 MG ? G MG . ? A MG 106 ? 2_455 O   ? L HOH .  ? A HOH 211 ? 2_455 12.1  ? 
47  OP2 ? A A   10 ? A A   11  ? 1_555 MG ? G MG . ? A MG 106 ? 2_455 O   ? L HOH .  ? A HOH 218 ? 1_555 22.1  ? 
48  OP1 ? A U   16 ? A U   17  ? 1_555 MG ? G MG . ? A MG 106 ? 2_455 O   ? L HOH .  ? A HOH 218 ? 1_555 12.0  ? 
49  O   ? L HOH .  ? A HOH 203 ? 2_455 MG ? G MG . ? A MG 106 ? 2_455 O   ? L HOH .  ? A HOH 218 ? 1_555 12.3  ? 
50  O   ? L HOH .  ? A HOH 211 ? 2_455 MG ? G MG . ? A MG 106 ? 2_455 O   ? L HOH .  ? A HOH 218 ? 1_555 14.6  ? 
51  OP2 ? A A   10 ? A A   11  ? 1_555 MG ? G MG . ? A MG 106 ? 2_455 O   ? L HOH .  ? A HOH 222 ? 2_455 32.6  ? 
52  OP1 ? A U   16 ? A U   17  ? 1_555 MG ? G MG . ? A MG 106 ? 2_455 O   ? L HOH .  ? A HOH 222 ? 2_455 13.6  ? 
53  O   ? L HOH .  ? A HOH 203 ? 2_455 MG ? G MG . ? A MG 106 ? 2_455 O   ? L HOH .  ? A HOH 222 ? 2_455 21.1  ? 
54  O   ? L HOH .  ? A HOH 211 ? 2_455 MG ? G MG . ? A MG 106 ? 2_455 O   ? L HOH .  ? A HOH 222 ? 2_455 14.1  ? 
55  O   ? L HOH .  ? A HOH 218 ? 1_555 MG ? G MG . ? A MG 106 ? 2_455 O   ? L HOH .  ? A HOH 222 ? 2_455 12.6  ? 
56  O6  ? A G   46 ? A G   47  ? 1_555 MG ? J MG . ? A MG 109 ? 1_555 O   ? L HOH .  ? A HOH 201 ? 1_555 53.5  ? 
57  O6  ? A G   46 ? A G   47  ? 1_555 MG ? J MG . ? A MG 109 ? 1_555 O   ? L HOH .  ? A HOH 202 ? 1_555 57.1  ? 
58  O   ? L HOH .  ? A HOH 201 ? 1_555 MG ? J MG . ? A MG 109 ? 1_555 O   ? L HOH .  ? A HOH 202 ? 1_555 58.7  ? 
59  O6  ? A G   46 ? A G   47  ? 1_555 MG ? J MG . ? A MG 109 ? 1_555 O   ? L HOH .  ? A HOH 212 ? 1_555 74.2  ? 
60  O   ? L HOH .  ? A HOH 201 ? 1_555 MG ? J MG . ? A MG 109 ? 1_555 O   ? L HOH .  ? A HOH 212 ? 1_555 60.8  ? 
61  O   ? L HOH .  ? A HOH 202 ? 1_555 MG ? J MG . ? A MG 109 ? 1_555 O   ? L HOH .  ? A HOH 212 ? 1_555 117.0 ? 
62  O6  ? A G   46 ? A G   47  ? 1_555 MG ? J MG . ? A MG 109 ? 1_555 O   ? L HOH .  ? A HOH 225 ? 1_555 127.4 ? 
63  O   ? L HOH .  ? A HOH 201 ? 1_555 MG ? J MG . ? A MG 109 ? 1_555 O   ? L HOH .  ? A HOH 225 ? 1_555 137.8 ? 
64  O   ? L HOH .  ? A HOH 202 ? 1_555 MG ? J MG . ? A MG 109 ? 1_555 O   ? L HOH .  ? A HOH 225 ? 1_555 86.1  ? 
65  O   ? L HOH .  ? A HOH 212 ? 1_555 MG ? J MG . ? A MG 109 ? 1_555 O   ? L HOH .  ? A HOH 225 ? 1_555 156.1 ? 
66  O6  ? A G   46 ? A G   47  ? 1_555 MG ? J MG . ? A MG 109 ? 1_555 O   ? L HOH .  ? A HOH 230 ? 1_555 103.4 ? 
67  O   ? L HOH .  ? A HOH 201 ? 1_555 MG ? J MG . ? A MG 109 ? 1_555 O   ? L HOH .  ? A HOH 230 ? 1_555 51.7  ? 
68  O   ? L HOH .  ? A HOH 202 ? 1_555 MG ? J MG . ? A MG 109 ? 1_555 O   ? L HOH .  ? A HOH 230 ? 1_555 73.0  ? 
69  O   ? L HOH .  ? A HOH 212 ? 1_555 MG ? J MG . ? A MG 109 ? 1_555 O   ? L HOH .  ? A HOH 230 ? 1_555 83.4  ? 
70  O   ? L HOH .  ? A HOH 225 ? 1_555 MG ? J MG . ? A MG 109 ? 1_555 O   ? L HOH .  ? A HOH 230 ? 1_555 98.9  ? 
71  O   ? L HOH .  ? A HOH 216 ? 1_555 MG ? D MG . ? A MG 103 ? 1_555 O   ? L HOH .  ? A HOH 217 ? 1_555 67.6  ? 
72  O   ? L HOH .  ? A HOH 216 ? 1_555 MG ? D MG . ? A MG 103 ? 1_555 O   ? L HOH .  ? A HOH 224 ? 8_444 80.7  ? 
73  O   ? L HOH .  ? A HOH 217 ? 1_555 MG ? D MG . ? A MG 103 ? 1_555 O   ? L HOH .  ? A HOH 224 ? 8_444 68.7  ? 
74  O   ? L HOH .  ? A HOH 216 ? 1_555 MG ? D MG . ? A MG 103 ? 1_555 O   ? L HOH .  ? A HOH 227 ? 1_555 150.2 ? 
75  O   ? L HOH .  ? A HOH 217 ? 1_555 MG ? D MG . ? A MG 103 ? 1_555 O   ? L HOH .  ? A HOH 227 ? 1_555 83.5  ? 
76  O   ? L HOH .  ? A HOH 224 ? 8_444 MG ? D MG . ? A MG 103 ? 1_555 O   ? L HOH .  ? A HOH 227 ? 1_555 82.2  ? 
77  O   ? L HOH .  ? A HOH 216 ? 1_555 MG ? D MG . ? A MG 103 ? 1_555 O   ? L HOH .  ? A HOH 232 ? 1_555 86.4  ? 
78  O   ? L HOH .  ? A HOH 217 ? 1_555 MG ? D MG . ? A MG 103 ? 1_555 O   ? L HOH .  ? A HOH 232 ? 1_555 61.9  ? 
79  O   ? L HOH .  ? A HOH 224 ? 8_444 MG ? D MG . ? A MG 103 ? 1_555 O   ? L HOH .  ? A HOH 232 ? 1_555 130.2 ? 
80  O   ? L HOH .  ? A HOH 227 ? 1_555 MG ? D MG . ? A MG 103 ? 1_555 O   ? L HOH .  ? A HOH 232 ? 1_555 86.3  ? 
81  O   ? L HOH .  ? A HOH 216 ? 1_555 MG ? D MG . ? A MG 103 ? 1_555 O   ? L HOH .  ? A HOH 235 ? 8_444 108.2 ? 
82  O   ? L HOH .  ? A HOH 217 ? 1_555 MG ? D MG . ? A MG 103 ? 1_555 O   ? L HOH .  ? A HOH 235 ? 8_444 151.4 ? 
83  O   ? L HOH .  ? A HOH 224 ? 8_444 MG ? D MG . ? A MG 103 ? 1_555 O   ? L HOH .  ? A HOH 235 ? 8_444 82.7  ? 
84  O   ? L HOH .  ? A HOH 227 ? 1_555 MG ? D MG . ? A MG 103 ? 1_555 O   ? L HOH .  ? A HOH 235 ? 8_444 93.5  ? 
85  O   ? L HOH .  ? A HOH 232 ? 1_555 MG ? D MG . ? A MG 103 ? 1_555 O   ? L HOH .  ? A HOH 235 ? 8_444 146.5 ? 
86  O   ? L HOH .  ? A HOH 216 ? 1_555 MG ? D MG . ? A MG 103 ? 1_555 O   ? L HOH .  ? A HOH 240 ? 8_444 78.2  ? 
87  O   ? L HOH .  ? A HOH 217 ? 1_555 MG ? D MG . ? A MG 103 ? 1_555 O   ? L HOH .  ? A HOH 240 ? 8_444 136.8 ? 
88  O   ? L HOH .  ? A HOH 224 ? 8_444 MG ? D MG . ? A MG 103 ? 1_555 O   ? L HOH .  ? A HOH 240 ? 8_444 131.7 ? 
89  O   ? L HOH .  ? A HOH 227 ? 1_555 MG ? D MG . ? A MG 103 ? 1_555 O   ? L HOH .  ? A HOH 240 ? 8_444 130.8 ? 
90  O   ? L HOH .  ? A HOH 232 ? 1_555 MG ? D MG . ? A MG 103 ? 1_555 O   ? L HOH .  ? A HOH 240 ? 8_444 91.2  ? 
91  O   ? L HOH .  ? A HOH 235 ? 8_444 MG ? D MG . ? A MG 103 ? 1_555 O   ? L HOH .  ? A HOH 240 ? 8_444 63.9  ? 
92  O   ? L HOH .  ? A HOH 206 ? 1_555 MG ? E MG . ? A MG 104 ? 1_555 O   ? L HOH .  ? A HOH 213 ? 1_555 84.2  ? 
93  O   ? L HOH .  ? A HOH 206 ? 1_555 MG ? E MG . ? A MG 104 ? 1_555 O   ? L HOH .  ? A HOH 226 ? 1_555 88.5  ? 
94  O   ? L HOH .  ? A HOH 213 ? 1_555 MG ? E MG . ? A MG 104 ? 1_555 O   ? L HOH .  ? A HOH 226 ? 1_555 72.0  ? 
95  O   ? L HOH .  ? A HOH 206 ? 1_555 MG ? E MG . ? A MG 104 ? 1_555 O   ? L HOH .  ? A HOH 236 ? 1_555 97.0  ? 
96  O   ? L HOH .  ? A HOH 213 ? 1_555 MG ? E MG . ? A MG 104 ? 1_555 O   ? L HOH .  ? A HOH 236 ? 1_555 117.0 ? 
97  O   ? L HOH .  ? A HOH 226 ? 1_555 MG ? E MG . ? A MG 104 ? 1_555 O   ? L HOH .  ? A HOH 236 ? 1_555 169.8 ? 
98  O   ? L HOH .  ? A HOH 206 ? 1_555 MG ? E MG . ? A MG 104 ? 1_555 O   ? L HOH .  ? A HOH 238 ? 1_555 75.6  ? 
99  O   ? L HOH .  ? A HOH 213 ? 1_555 MG ? E MG . ? A MG 104 ? 1_555 O   ? L HOH .  ? A HOH 238 ? 1_555 143.8 ? 
100 O   ? L HOH .  ? A HOH 226 ? 1_555 MG ? E MG . ? A MG 104 ? 1_555 O   ? L HOH .  ? A HOH 238 ? 1_555 77.6  ? 
101 O   ? L HOH .  ? A HOH 236 ? 1_555 MG ? E MG . ? A MG 104 ? 1_555 O   ? L HOH .  ? A HOH 238 ? 1_555 95.4  ? 
102 O   ? L HOH .  ? A HOH 206 ? 1_555 MG ? E MG . ? A MG 104 ? 1_555 O   ? L HOH .  ? A HOH 239 ? 1_555 162.3 ? 
103 O   ? L HOH .  ? A HOH 213 ? 1_555 MG ? E MG . ? A MG 104 ? 1_555 O   ? L HOH .  ? A HOH 239 ? 1_555 88.1  ? 
104 O   ? L HOH .  ? A HOH 226 ? 1_555 MG ? E MG . ? A MG 104 ? 1_555 O   ? L HOH .  ? A HOH 239 ? 1_555 104.3 ? 
105 O   ? L HOH .  ? A HOH 236 ? 1_555 MG ? E MG . ? A MG 104 ? 1_555 O   ? L HOH .  ? A HOH 239 ? 1_555 72.4  ? 
106 O   ? L HOH .  ? A HOH 238 ? 1_555 MG ? E MG . ? A MG 104 ? 1_555 O   ? L HOH .  ? A HOH 239 ? 1_555 118.7 ? 
107 O   ? L HOH .  ? A HOH 207 ? 1_555 MG ? F MG . ? A MG 105 ? 1_555 O   ? L HOH .  ? A HOH 229 ? 8_444 100.8 ? 
108 O   ? L HOH .  ? A HOH 207 ? 1_555 MG ? F MG . ? A MG 105 ? 1_555 O   ? L HOH .  ? A HOH 233 ? 1_555 78.1  ? 
109 O   ? L HOH .  ? A HOH 229 ? 8_444 MG ? F MG . ? A MG 105 ? 1_555 O   ? L HOH .  ? A HOH 233 ? 1_555 97.0  ? 
110 O   ? L HOH .  ? A HOH 207 ? 1_555 MG ? F MG . ? A MG 105 ? 1_555 O   ? L HOH .  ? A HOH 237 ? 1_555 96.1  ? 
111 O   ? L HOH .  ? A HOH 229 ? 8_444 MG ? F MG . ? A MG 105 ? 1_555 O   ? L HOH .  ? A HOH 237 ? 1_555 162.5 ? 
112 O   ? L HOH .  ? A HOH 233 ? 1_555 MG ? F MG . ? A MG 105 ? 1_555 O   ? L HOH .  ? A HOH 237 ? 1_555 90.6  ? 
113 O   ? L HOH .  ? A HOH 207 ? 1_555 MG ? F MG . ? A MG 105 ? 1_555 O   ? L HOH .  ? A HOH 240 ? 8_444 107.1 ? 
114 O   ? L HOH .  ? A HOH 229 ? 8_444 MG ? F MG . ? A MG 105 ? 1_555 O   ? L HOH .  ? A HOH 240 ? 8_444 74.5  ? 
115 O   ? L HOH .  ? A HOH 233 ? 1_555 MG ? F MG . ? A MG 105 ? 1_555 O   ? L HOH .  ? A HOH 240 ? 8_444 170.7 ? 
116 O   ? L HOH .  ? A HOH 237 ? 1_555 MG ? F MG . ? A MG 105 ? 1_555 O   ? L HOH .  ? A HOH 240 ? 8_444 96.5  ? 
117 O   ? L HOH .  ? A HOH 207 ? 1_555 MG ? F MG . ? A MG 105 ? 1_555 O   ? L HOH .  ? A HOH 241 ? 1_555 169.1 ? 
118 O   ? L HOH .  ? A HOH 229 ? 8_444 MG ? F MG . ? A MG 105 ? 1_555 O   ? L HOH .  ? A HOH 241 ? 1_555 86.8  ? 
119 O   ? L HOH .  ? A HOH 233 ? 1_555 MG ? F MG . ? A MG 105 ? 1_555 O   ? L HOH .  ? A HOH 241 ? 1_555 93.4  ? 
120 O   ? L HOH .  ? A HOH 237 ? 1_555 MG ? F MG . ? A MG 105 ? 1_555 O   ? L HOH .  ? A HOH 241 ? 1_555 77.0  ? 
121 O   ? L HOH .  ? A HOH 240 ? 8_444 MG ? F MG . ? A MG 105 ? 1_555 O   ? L HOH .  ? A HOH 241 ? 1_555 82.3  ? 
# 
loop_
_pdbx_audit_revision_history.ordinal 
_pdbx_audit_revision_history.data_content_type 
_pdbx_audit_revision_history.major_revision 
_pdbx_audit_revision_history.minor_revision 
_pdbx_audit_revision_history.revision_date 
1 'Structure model' 1 0 2020-11-25 
2 'Structure model' 1 1 2020-12-02 
3 'Structure model' 1 2 2020-12-23 
4 'Structure model' 1 3 2023-11-29 
# 
_pdbx_audit_revision_details.ordinal             1 
_pdbx_audit_revision_details.revision_ordinal    1 
_pdbx_audit_revision_details.data_content_type   'Structure model' 
_pdbx_audit_revision_details.provider            repository 
_pdbx_audit_revision_details.type                'Initial release' 
_pdbx_audit_revision_details.description         ? 
_pdbx_audit_revision_details.details             ? 
# 
loop_
_pdbx_audit_revision_group.ordinal 
_pdbx_audit_revision_group.revision_ordinal 
_pdbx_audit_revision_group.data_content_type 
_pdbx_audit_revision_group.group 
1 2 'Structure model' 'Database references'    
2 3 'Structure model' 'Database references'    
3 4 'Structure model' 'Data collection'        
4 4 'Structure model' 'Database references'    
5 4 'Structure model' 'Refinement description' 
# 
loop_
_pdbx_audit_revision_category.ordinal 
_pdbx_audit_revision_category.revision_ordinal 
_pdbx_audit_revision_category.data_content_type 
_pdbx_audit_revision_category.category 
1 2 'Structure model' citation                      
2 2 'Structure model' citation_author               
3 3 'Structure model' citation                      
4 4 'Structure model' chem_comp_atom                
5 4 'Structure model' chem_comp_bond                
6 4 'Structure model' database_2                    
7 4 'Structure model' pdbx_initial_refinement_model 
# 
loop_
_pdbx_audit_revision_item.ordinal 
_pdbx_audit_revision_item.revision_ordinal 
_pdbx_audit_revision_item.data_content_type 
_pdbx_audit_revision_item.item 
1 2 'Structure model' '_citation.pdbx_database_id_PubMed'   
2 2 'Structure model' '_citation_author.identifier_ORCID'   
3 3 'Structure model' '_citation.journal_volume'            
4 3 'Structure model' '_citation.page_first'                
5 3 'Structure model' '_citation.page_last'                 
6 4 'Structure model' '_database_2.pdbx_DOI'                
7 4 'Structure model' '_database_2.pdbx_database_accession' 
# 
loop_
_software.citation_id 
_software.classification 
_software.compiler_name 
_software.compiler_version 
_software.contact_author 
_software.contact_author_email 
_software.date 
_software.description 
_software.dependencies 
_software.hardware 
_software.language 
_software.location 
_software.mods 
_software.name 
_software.os 
_software.os_version 
_software.type 
_software.version 
_software.pdbx_ordinal 
? 'data scaling'    ? ? ? ? ? ? ? ? ? ? ? HKL-3000    ? ? ? .         1 
? refinement        ? ? ? ? ? ? ? ? ? ? ? PHENIX      ? ? ? 1.14_3260 2 
? 'data extraction' ? ? ? ? ? ? ? ? ? ? ? PDB_EXTRACT ? ? ? 3.25      3 
? 'data reduction'  ? ? ? ? ? ? ? ? ? ? ? HKL-3000    ? ? ? .         4 
? phasing           ? ? ? ? ? ? ? ? ? ? ? PHASER      ? ? ? .         5 
# 
_pdbx_entry_details.entry_id                 7D7Y 
_pdbx_entry_details.has_ligand_of_interest   Y 
_pdbx_entry_details.compound_details         ? 
_pdbx_entry_details.source_details           ? 
_pdbx_entry_details.nonpolymer_details       ? 
_pdbx_entry_details.sequence_details         ? 
# 
loop_
_pdbx_validate_close_contact.id 
_pdbx_validate_close_contact.PDB_model_num 
_pdbx_validate_close_contact.auth_atom_id_1 
_pdbx_validate_close_contact.auth_asym_id_1 
_pdbx_validate_close_contact.auth_comp_id_1 
_pdbx_validate_close_contact.auth_seq_id_1 
_pdbx_validate_close_contact.PDB_ins_code_1 
_pdbx_validate_close_contact.label_alt_id_1 
_pdbx_validate_close_contact.auth_atom_id_2 
_pdbx_validate_close_contact.auth_asym_id_2 
_pdbx_validate_close_contact.auth_comp_id_2 
_pdbx_validate_close_contact.auth_seq_id_2 
_pdbx_validate_close_contact.PDB_ins_code_2 
_pdbx_validate_close_contact.label_alt_id_2 
_pdbx_validate_close_contact.dist 
1 1 O  A HOH 201 ? ? O A HOH 230 ? ? 2.01 
2 1 O  A HOH 217 ? ? O A HOH 232 ? ? 2.14 
3 1 O6 A G   47  ? ? O A HOH 201 ? ? 2.17 
# 
loop_
_pdbx_distant_solvent_atoms.id 
_pdbx_distant_solvent_atoms.PDB_model_num 
_pdbx_distant_solvent_atoms.auth_atom_id 
_pdbx_distant_solvent_atoms.label_alt_id 
_pdbx_distant_solvent_atoms.auth_asym_id 
_pdbx_distant_solvent_atoms.auth_comp_id 
_pdbx_distant_solvent_atoms.auth_seq_id 
_pdbx_distant_solvent_atoms.PDB_ins_code 
_pdbx_distant_solvent_atoms.neighbor_macromolecule_distance 
_pdbx_distant_solvent_atoms.neighbor_ligand_distance 
1 1 O ? A HOH 241 ? 6.27 . 
2 1 O ? A HOH 242 ? 9.33 . 
# 
loop_
_chem_comp_atom.comp_id 
_chem_comp_atom.atom_id 
_chem_comp_atom.type_symbol 
_chem_comp_atom.pdbx_aromatic_flag 
_chem_comp_atom.pdbx_stereo_config 
_chem_comp_atom.pdbx_ordinal 
A   OP3    O  N N 1   
A   P      P  N N 2   
A   OP1    O  N N 3   
A   OP2    O  N N 4   
A   "O5'"  O  N N 5   
A   "C5'"  C  N N 6   
A   "C4'"  C  N R 7   
A   "O4'"  O  N N 8   
A   "C3'"  C  N S 9   
A   "O3'"  O  N N 10  
A   "C2'"  C  N R 11  
A   "O2'"  O  N N 12  
A   "C1'"  C  N R 13  
A   N9     N  Y N 14  
A   C8     C  Y N 15  
A   N7     N  Y N 16  
A   C5     C  Y N 17  
A   C6     C  Y N 18  
A   N6     N  N N 19  
A   N1     N  Y N 20  
A   C2     C  Y N 21  
A   N3     N  Y N 22  
A   C4     C  Y N 23  
A   HOP3   H  N N 24  
A   HOP2   H  N N 25  
A   "H5'"  H  N N 26  
A   "H5''" H  N N 27  
A   "H4'"  H  N N 28  
A   "H3'"  H  N N 29  
A   "HO3'" H  N N 30  
A   "H2'"  H  N N 31  
A   "HO2'" H  N N 32  
A   "H1'"  H  N N 33  
A   H8     H  N N 34  
A   H61    H  N N 35  
A   H62    H  N N 36  
A   H2     H  N N 37  
ATP PG     P  N N 38  
ATP O1G    O  N N 39  
ATP O2G    O  N N 40  
ATP O3G    O  N N 41  
ATP PB     P  N R 42  
ATP O1B    O  N N 43  
ATP O2B    O  N N 44  
ATP O3B    O  N N 45  
ATP PA     P  N R 46  
ATP O1A    O  N N 47  
ATP O2A    O  N N 48  
ATP O3A    O  N N 49  
ATP "O5'"  O  N N 50  
ATP "C5'"  C  N N 51  
ATP "C4'"  C  N R 52  
ATP "O4'"  O  N N 53  
ATP "C3'"  C  N S 54  
ATP "O3'"  O  N N 55  
ATP "C2'"  C  N R 56  
ATP "O2'"  O  N N 57  
ATP "C1'"  C  N R 58  
ATP N9     N  Y N 59  
ATP C8     C  Y N 60  
ATP N7     N  Y N 61  
ATP C5     C  Y N 62  
ATP C6     C  Y N 63  
ATP N6     N  N N 64  
ATP N1     N  Y N 65  
ATP C2     C  Y N 66  
ATP N3     N  Y N 67  
ATP C4     C  Y N 68  
ATP HOG2   H  N N 69  
ATP HOG3   H  N N 70  
ATP HOB2   H  N N 71  
ATP HOA2   H  N N 72  
ATP "H5'1" H  N N 73  
ATP "H5'2" H  N N 74  
ATP "H4'"  H  N N 75  
ATP "H3'"  H  N N 76  
ATP "HO3'" H  N N 77  
ATP "H2'"  H  N N 78  
ATP "HO2'" H  N N 79  
ATP "H1'"  H  N N 80  
ATP H8     H  N N 81  
ATP HN61   H  N N 82  
ATP HN62   H  N N 83  
ATP H2     H  N N 84  
C   OP3    O  N N 85  
C   P      P  N N 86  
C   OP1    O  N N 87  
C   OP2    O  N N 88  
C   "O5'"  O  N N 89  
C   "C5'"  C  N N 90  
C   "C4'"  C  N R 91  
C   "O4'"  O  N N 92  
C   "C3'"  C  N S 93  
C   "O3'"  O  N N 94  
C   "C2'"  C  N R 95  
C   "O2'"  O  N N 96  
C   "C1'"  C  N R 97  
C   N1     N  N N 98  
C   C2     C  N N 99  
C   O2     O  N N 100 
C   N3     N  N N 101 
C   C4     C  N N 102 
C   N4     N  N N 103 
C   C5     C  N N 104 
C   C6     C  N N 105 
C   HOP3   H  N N 106 
C   HOP2   H  N N 107 
C   "H5'"  H  N N 108 
C   "H5''" H  N N 109 
C   "H4'"  H  N N 110 
C   "H3'"  H  N N 111 
C   "HO3'" H  N N 112 
C   "H2'"  H  N N 113 
C   "HO2'" H  N N 114 
C   "H1'"  H  N N 115 
C   H41    H  N N 116 
C   H42    H  N N 117 
C   H5     H  N N 118 
C   H6     H  N N 119 
G   OP3    O  N N 120 
G   P      P  N N 121 
G   OP1    O  N N 122 
G   OP2    O  N N 123 
G   "O5'"  O  N N 124 
G   "C5'"  C  N N 125 
G   "C4'"  C  N R 126 
G   "O4'"  O  N N 127 
G   "C3'"  C  N S 128 
G   "O3'"  O  N N 129 
G   "C2'"  C  N R 130 
G   "O2'"  O  N N 131 
G   "C1'"  C  N R 132 
G   N9     N  Y N 133 
G   C8     C  Y N 134 
G   N7     N  Y N 135 
G   C5     C  Y N 136 
G   C6     C  N N 137 
G   O6     O  N N 138 
G   N1     N  N N 139 
G   C2     C  N N 140 
G   N2     N  N N 141 
G   N3     N  N N 142 
G   C4     C  Y N 143 
G   HOP3   H  N N 144 
G   HOP2   H  N N 145 
G   "H5'"  H  N N 146 
G   "H5''" H  N N 147 
G   "H4'"  H  N N 148 
G   "H3'"  H  N N 149 
G   "HO3'" H  N N 150 
G   "H2'"  H  N N 151 
G   "HO2'" H  N N 152 
G   "H1'"  H  N N 153 
G   H8     H  N N 154 
G   H1     H  N N 155 
G   H21    H  N N 156 
G   H22    H  N N 157 
GTP PG     P  N N 158 
GTP O1G    O  N N 159 
GTP O2G    O  N N 160 
GTP O3G    O  N N 161 
GTP O3B    O  N N 162 
GTP PB     P  N N 163 
GTP O1B    O  N N 164 
GTP O2B    O  N N 165 
GTP O3A    O  N N 166 
GTP PA     P  N N 167 
GTP O1A    O  N N 168 
GTP O2A    O  N N 169 
GTP "O5'"  O  N N 170 
GTP "C5'"  C  N N 171 
GTP "C4'"  C  N R 172 
GTP "O4'"  O  N N 173 
GTP "C3'"  C  N S 174 
GTP "O3'"  O  N N 175 
GTP "C2'"  C  N R 176 
GTP "O2'"  O  N N 177 
GTP "C1'"  C  N R 178 
GTP N9     N  Y N 179 
GTP C8     C  Y N 180 
GTP N7     N  Y N 181 
GTP C5     C  Y N 182 
GTP C6     C  N N 183 
GTP O6     O  N N 184 
GTP N1     N  N N 185 
GTP C2     C  N N 186 
GTP N2     N  N N 187 
GTP N3     N  N N 188 
GTP C4     C  Y N 189 
GTP HOG2   H  N N 190 
GTP HOG3   H  N N 191 
GTP HOB2   H  N N 192 
GTP HOA2   H  N N 193 
GTP "H5'"  H  N N 194 
GTP "H5''" H  N N 195 
GTP "H4'"  H  N N 196 
GTP "H3'"  H  N N 197 
GTP "HO3'" H  N N 198 
GTP "H2'"  H  N N 199 
GTP "HO2'" H  N N 200 
GTP "H1'"  H  N N 201 
GTP H8     H  N N 202 
GTP HN1    H  N N 203 
GTP HN21   H  N N 204 
GTP HN22   H  N N 205 
HOH O      O  N N 206 
HOH H1     H  N N 207 
HOH H2     H  N N 208 
MG  MG     MG N N 209 
U   OP3    O  N N 210 
U   P      P  N N 211 
U   OP1    O  N N 212 
U   OP2    O  N N 213 
U   "O5'"  O  N N 214 
U   "C5'"  C  N N 215 
U   "C4'"  C  N R 216 
U   "O4'"  O  N N 217 
U   "C3'"  C  N S 218 
U   "O3'"  O  N N 219 
U   "C2'"  C  N R 220 
U   "O2'"  O  N N 221 
U   "C1'"  C  N R 222 
U   N1     N  N N 223 
U   C2     C  N N 224 
U   O2     O  N N 225 
U   N3     N  N N 226 
U   C4     C  N N 227 
U   O4     O  N N 228 
U   C5     C  N N 229 
U   C6     C  N N 230 
U   HOP3   H  N N 231 
U   HOP2   H  N N 232 
U   "H5'"  H  N N 233 
U   "H5''" H  N N 234 
U   "H4'"  H  N N 235 
U   "H3'"  H  N N 236 
U   "HO3'" H  N N 237 
U   "H2'"  H  N N 238 
U   "HO2'" H  N N 239 
U   "H1'"  H  N N 240 
U   H3     H  N N 241 
U   H5     H  N N 242 
U   H6     H  N N 243 
# 
loop_
_chem_comp_bond.comp_id 
_chem_comp_bond.atom_id_1 
_chem_comp_bond.atom_id_2 
_chem_comp_bond.value_order 
_chem_comp_bond.pdbx_aromatic_flag 
_chem_comp_bond.pdbx_stereo_config 
_chem_comp_bond.pdbx_ordinal 
A   OP3   P      sing N N 1   
A   OP3   HOP3   sing N N 2   
A   P     OP1    doub N N 3   
A   P     OP2    sing N N 4   
A   P     "O5'"  sing N N 5   
A   OP2   HOP2   sing N N 6   
A   "O5'" "C5'"  sing N N 7   
A   "C5'" "C4'"  sing N N 8   
A   "C5'" "H5'"  sing N N 9   
A   "C5'" "H5''" sing N N 10  
A   "C4'" "O4'"  sing N N 11  
A   "C4'" "C3'"  sing N N 12  
A   "C4'" "H4'"  sing N N 13  
A   "O4'" "C1'"  sing N N 14  
A   "C3'" "O3'"  sing N N 15  
A   "C3'" "C2'"  sing N N 16  
A   "C3'" "H3'"  sing N N 17  
A   "O3'" "HO3'" sing N N 18  
A   "C2'" "O2'"  sing N N 19  
A   "C2'" "C1'"  sing N N 20  
A   "C2'" "H2'"  sing N N 21  
A   "O2'" "HO2'" sing N N 22  
A   "C1'" N9     sing N N 23  
A   "C1'" "H1'"  sing N N 24  
A   N9    C8     sing Y N 25  
A   N9    C4     sing Y N 26  
A   C8    N7     doub Y N 27  
A   C8    H8     sing N N 28  
A   N7    C5     sing Y N 29  
A   C5    C6     sing Y N 30  
A   C5    C4     doub Y N 31  
A   C6    N6     sing N N 32  
A   C6    N1     doub Y N 33  
A   N6    H61    sing N N 34  
A   N6    H62    sing N N 35  
A   N1    C2     sing Y N 36  
A   C2    N3     doub Y N 37  
A   C2    H2     sing N N 38  
A   N3    C4     sing Y N 39  
ATP PG    O1G    doub N N 40  
ATP PG    O2G    sing N N 41  
ATP PG    O3G    sing N N 42  
ATP PG    O3B    sing N N 43  
ATP O2G   HOG2   sing N N 44  
ATP O3G   HOG3   sing N N 45  
ATP PB    O1B    doub N N 46  
ATP PB    O2B    sing N N 47  
ATP PB    O3B    sing N N 48  
ATP PB    O3A    sing N N 49  
ATP O2B   HOB2   sing N N 50  
ATP PA    O1A    doub N N 51  
ATP PA    O2A    sing N N 52  
ATP PA    O3A    sing N N 53  
ATP PA    "O5'"  sing N N 54  
ATP O2A   HOA2   sing N N 55  
ATP "O5'" "C5'"  sing N N 56  
ATP "C5'" "C4'"  sing N N 57  
ATP "C5'" "H5'1" sing N N 58  
ATP "C5'" "H5'2" sing N N 59  
ATP "C4'" "O4'"  sing N N 60  
ATP "C4'" "C3'"  sing N N 61  
ATP "C4'" "H4'"  sing N N 62  
ATP "O4'" "C1'"  sing N N 63  
ATP "C3'" "O3'"  sing N N 64  
ATP "C3'" "C2'"  sing N N 65  
ATP "C3'" "H3'"  sing N N 66  
ATP "O3'" "HO3'" sing N N 67  
ATP "C2'" "O2'"  sing N N 68  
ATP "C2'" "C1'"  sing N N 69  
ATP "C2'" "H2'"  sing N N 70  
ATP "O2'" "HO2'" sing N N 71  
ATP "C1'" N9     sing N N 72  
ATP "C1'" "H1'"  sing N N 73  
ATP N9    C8     sing Y N 74  
ATP N9    C4     sing Y N 75  
ATP C8    N7     doub Y N 76  
ATP C8    H8     sing N N 77  
ATP N7    C5     sing Y N 78  
ATP C5    C6     sing Y N 79  
ATP C5    C4     doub Y N 80  
ATP C6    N6     sing N N 81  
ATP C6    N1     doub Y N 82  
ATP N6    HN61   sing N N 83  
ATP N6    HN62   sing N N 84  
ATP N1    C2     sing Y N 85  
ATP C2    N3     doub Y N 86  
ATP C2    H2     sing N N 87  
ATP N3    C4     sing Y N 88  
C   OP3   P      sing N N 89  
C   OP3   HOP3   sing N N 90  
C   P     OP1    doub N N 91  
C   P     OP2    sing N N 92  
C   P     "O5'"  sing N N 93  
C   OP2   HOP2   sing N N 94  
C   "O5'" "C5'"  sing N N 95  
C   "C5'" "C4'"  sing N N 96  
C   "C5'" "H5'"  sing N N 97  
C   "C5'" "H5''" sing N N 98  
C   "C4'" "O4'"  sing N N 99  
C   "C4'" "C3'"  sing N N 100 
C   "C4'" "H4'"  sing N N 101 
C   "O4'" "C1'"  sing N N 102 
C   "C3'" "O3'"  sing N N 103 
C   "C3'" "C2'"  sing N N 104 
C   "C3'" "H3'"  sing N N 105 
C   "O3'" "HO3'" sing N N 106 
C   "C2'" "O2'"  sing N N 107 
C   "C2'" "C1'"  sing N N 108 
C   "C2'" "H2'"  sing N N 109 
C   "O2'" "HO2'" sing N N 110 
C   "C1'" N1     sing N N 111 
C   "C1'" "H1'"  sing N N 112 
C   N1    C2     sing N N 113 
C   N1    C6     sing N N 114 
C   C2    O2     doub N N 115 
C   C2    N3     sing N N 116 
C   N3    C4     doub N N 117 
C   C4    N4     sing N N 118 
C   C4    C5     sing N N 119 
C   N4    H41    sing N N 120 
C   N4    H42    sing N N 121 
C   C5    C6     doub N N 122 
C   C5    H5     sing N N 123 
C   C6    H6     sing N N 124 
G   OP3   P      sing N N 125 
G   OP3   HOP3   sing N N 126 
G   P     OP1    doub N N 127 
G   P     OP2    sing N N 128 
G   P     "O5'"  sing N N 129 
G   OP2   HOP2   sing N N 130 
G   "O5'" "C5'"  sing N N 131 
G   "C5'" "C4'"  sing N N 132 
G   "C5'" "H5'"  sing N N 133 
G   "C5'" "H5''" sing N N 134 
G   "C4'" "O4'"  sing N N 135 
G   "C4'" "C3'"  sing N N 136 
G   "C4'" "H4'"  sing N N 137 
G   "O4'" "C1'"  sing N N 138 
G   "C3'" "O3'"  sing N N 139 
G   "C3'" "C2'"  sing N N 140 
G   "C3'" "H3'"  sing N N 141 
G   "O3'" "HO3'" sing N N 142 
G   "C2'" "O2'"  sing N N 143 
G   "C2'" "C1'"  sing N N 144 
G   "C2'" "H2'"  sing N N 145 
G   "O2'" "HO2'" sing N N 146 
G   "C1'" N9     sing N N 147 
G   "C1'" "H1'"  sing N N 148 
G   N9    C8     sing Y N 149 
G   N9    C4     sing Y N 150 
G   C8    N7     doub Y N 151 
G   C8    H8     sing N N 152 
G   N7    C5     sing Y N 153 
G   C5    C6     sing N N 154 
G   C5    C4     doub Y N 155 
G   C6    O6     doub N N 156 
G   C6    N1     sing N N 157 
G   N1    C2     sing N N 158 
G   N1    H1     sing N N 159 
G   C2    N2     sing N N 160 
G   C2    N3     doub N N 161 
G   N2    H21    sing N N 162 
G   N2    H22    sing N N 163 
G   N3    C4     sing N N 164 
GTP PG    O1G    doub N N 165 
GTP PG    O2G    sing N N 166 
GTP PG    O3G    sing N N 167 
GTP PG    O3B    sing N N 168 
GTP O2G   HOG2   sing N N 169 
GTP O3G   HOG3   sing N N 170 
GTP O3B   PB     sing N N 171 
GTP PB    O1B    doub N N 172 
GTP PB    O2B    sing N N 173 
GTP PB    O3A    sing N N 174 
GTP O2B   HOB2   sing N N 175 
GTP O3A   PA     sing N N 176 
GTP PA    O1A    doub N N 177 
GTP PA    O2A    sing N N 178 
GTP PA    "O5'"  sing N N 179 
GTP O2A   HOA2   sing N N 180 
GTP "O5'" "C5'"  sing N N 181 
GTP "C5'" "C4'"  sing N N 182 
GTP "C5'" "H5'"  sing N N 183 
GTP "C5'" "H5''" sing N N 184 
GTP "C4'" "O4'"  sing N N 185 
GTP "C4'" "C3'"  sing N N 186 
GTP "C4'" "H4'"  sing N N 187 
GTP "O4'" "C1'"  sing N N 188 
GTP "C3'" "O3'"  sing N N 189 
GTP "C3'" "C2'"  sing N N 190 
GTP "C3'" "H3'"  sing N N 191 
GTP "O3'" "HO3'" sing N N 192 
GTP "C2'" "O2'"  sing N N 193 
GTP "C2'" "C1'"  sing N N 194 
GTP "C2'" "H2'"  sing N N 195 
GTP "O2'" "HO2'" sing N N 196 
GTP "C1'" N9     sing N N 197 
GTP "C1'" "H1'"  sing N N 198 
GTP N9    C8     sing Y N 199 
GTP N9    C4     sing Y N 200 
GTP C8    N7     doub Y N 201 
GTP C8    H8     sing N N 202 
GTP N7    C5     sing Y N 203 
GTP C5    C6     sing N N 204 
GTP C5    C4     doub Y N 205 
GTP C6    O6     doub N N 206 
GTP C6    N1     sing N N 207 
GTP N1    C2     sing N N 208 
GTP N1    HN1    sing N N 209 
GTP C2    N2     sing N N 210 
GTP C2    N3     doub N N 211 
GTP N2    HN21   sing N N 212 
GTP N2    HN22   sing N N 213 
GTP N3    C4     sing N N 214 
HOH O     H1     sing N N 215 
HOH O     H2     sing N N 216 
U   OP3   P      sing N N 217 
U   OP3   HOP3   sing N N 218 
U   P     OP1    doub N N 219 
U   P     OP2    sing N N 220 
U   P     "O5'"  sing N N 221 
U   OP2   HOP2   sing N N 222 
U   "O5'" "C5'"  sing N N 223 
U   "C5'" "C4'"  sing N N 224 
U   "C5'" "H5'"  sing N N 225 
U   "C5'" "H5''" sing N N 226 
U   "C4'" "O4'"  sing N N 227 
U   "C4'" "C3'"  sing N N 228 
U   "C4'" "H4'"  sing N N 229 
U   "O4'" "C1'"  sing N N 230 
U   "C3'" "O3'"  sing N N 231 
U   "C3'" "C2'"  sing N N 232 
U   "C3'" "H3'"  sing N N 233 
U   "O3'" "HO3'" sing N N 234 
U   "C2'" "O2'"  sing N N 235 
U   "C2'" "C1'"  sing N N 236 
U   "C2'" "H2'"  sing N N 237 
U   "O2'" "HO2'" sing N N 238 
U   "C1'" N1     sing N N 239 
U   "C1'" "H1'"  sing N N 240 
U   N1    C2     sing N N 241 
U   N1    C6     sing N N 242 
U   C2    O2     doub N N 243 
U   C2    N3     sing N N 244 
U   N3    C4     sing N N 245 
U   N3    H3     sing N N 246 
U   C4    O4     doub N N 247 
U   C4    C5     sing N N 248 
U   C5    C6     doub N N 249 
U   C5    H5     sing N N 250 
U   C6    H6     sing N N 251 
# 
loop_
_ndb_struct_conf_na.entry_id 
_ndb_struct_conf_na.feature 
7D7Y 'double helix'         
7D7Y 'a-form double helix'  
7D7Y tetraloop              
7D7Y 'bulge loop'           
7D7Y 'mismatched base pair' 
7D7Y 'internal loop'        
# 
loop_
_ndb_struct_na_base_pair.model_number 
_ndb_struct_na_base_pair.i_label_asym_id 
_ndb_struct_na_base_pair.i_label_comp_id 
_ndb_struct_na_base_pair.i_label_seq_id 
_ndb_struct_na_base_pair.i_symmetry 
_ndb_struct_na_base_pair.j_label_asym_id 
_ndb_struct_na_base_pair.j_label_comp_id 
_ndb_struct_na_base_pair.j_label_seq_id 
_ndb_struct_na_base_pair.j_symmetry 
_ndb_struct_na_base_pair.shear 
_ndb_struct_na_base_pair.stretch 
_ndb_struct_na_base_pair.stagger 
_ndb_struct_na_base_pair.buckle 
_ndb_struct_na_base_pair.propeller 
_ndb_struct_na_base_pair.opening 
_ndb_struct_na_base_pair.pair_number 
_ndb_struct_na_base_pair.pair_name 
_ndb_struct_na_base_pair.i_auth_asym_id 
_ndb_struct_na_base_pair.i_auth_seq_id 
_ndb_struct_na_base_pair.i_PDB_ins_code 
_ndb_struct_na_base_pair.j_auth_asym_id 
_ndb_struct_na_base_pair.j_auth_seq_id 
_ndb_struct_na_base_pair.j_PDB_ins_code 
_ndb_struct_na_base_pair.hbond_type_28 
_ndb_struct_na_base_pair.hbond_type_12 
1 A G 1  1_555 A C 50 1_555 -0.870 -0.336 -0.026 -1.473  -10.541 2.700   1  A_G2:C51_A  A 2  ? A 51 ? 19 1 
1 A C 2  1_555 A G 49 1_555 -0.096 -0.266 0.386  -1.136  -14.839 -0.354  2  A_C3:G50_A  A 3  ? A 50 ? 19 1 
1 A U 3  1_555 A A 48 1_555 -0.456 -0.066 0.373  -4.583  -18.103 3.802   3  A_U4:A49_A  A 4  ? A 49 ? 20 1 
1 A U 4  1_555 A G 47 1_555 2.173  -0.362 0.439  1.114   -13.439 1.231   4  A_U5:G48_A  A 5  ? A 48 ? 28 1 
1 A C 5  1_555 A G 46 1_555 -0.024 -0.183 0.371  8.685   -19.289 0.842   5  A_C6:G47_A  A 6  ? A 47 ? 19 1 
1 A A 6  1_555 A U 45 1_555 0.225  -0.092 0.206  3.652   -7.960  -4.505  6  A_A7:U46_A  A 7  ? A 46 ? 20 1 
1 A G 15 1_555 A C 44 1_555 0.104  -0.156 -0.250 -17.255 -18.856 -1.794  7  A_G16:C45_A A 16 ? A 45 ? 19 1 
1 A U 16 1_555 A A 43 1_555 -0.053 -0.170 0.405  -15.873 -7.980  -0.100  8  A_U17:A44_A A 17 ? A 44 ? 20 1 
1 A A 17 1_555 A U 42 1_555 0.250  0.161  0.364  -1.774  -5.352  4.864   9  A_A18:U43_A A 18 ? A 43 ? 20 1 
1 A G 18 1_555 A C 41 1_555 -0.434 -0.268 0.151  2.293   -10.820 1.632   10 A_G19:C42_A A 19 ? A 42 ? 19 1 
1 A G 19 1_555 A C 40 1_555 -0.616 -0.015 0.180  -6.449  -13.044 7.563   11 A_G20:C41_A A 20 ? A 41 ? 19 1 
1 A U 20 1_555 A A 39 1_555 0.500  -0.200 -0.110 3.114   -14.443 5.937   12 A_U21:A40_A A 21 ? A 40 ? 20 1 
1 A G 21 1_555 A C 38 1_555 0.387  -0.113 0.151  2.369   -1.286  1.389   13 A_G22:C39_A A 22 ? A 39 ? 19 1 
1 A G 22 1_555 A C 36 1_555 -0.295 -0.098 0.198  4.388   2.009   -1.845  14 A_G23:C37_A A 23 ? A 37 ? 19 1 
1 A G 23 1_555 A A 34 1_555 -0.740 1.678  -0.136 -2.917  -12.480 -19.144 15 A_G24:A35_A A 24 ? A 35 ? 8  1 
1 A G 24 1_555 A C 33 1_555 0.115  -0.149 0.544  3.346   -11.036 -7.243  16 A_G25:C34_A A 25 ? A 34 ? 19 1 
1 A A 25 1_555 A U 32 1_555 0.147  -0.168 0.263  5.719   -19.169 -2.644  17 A_A26:U33_A A 26 ? A 33 ? 20 1 
1 A C 26 1_555 A G 31 1_555 0.359  0.123  0.149  4.088   -5.806  7.529   18 A_C27:G32_A A 27 ? A 32 ? 19 1 
1 A G 27 1_555 A A 30 1_555 7.335  -5.076 0.583  21.357  0.389   -24.009 19 A_G28:A31_A A 28 ? A 31 ? ?  ? 
1 A C 12 1_555 A G 37 1_555 0.278  -0.207 -0.018 6.245   -2.935  3.165   20 A_C13:G38_A A 13 ? A 38 ? 19 1 
1 A C 13 1_555 A G 35 1_555 0.592  -0.321 -0.026 -1.366  0.904   1.939   21 A_C14:G36_A A 14 ? A 36 ? 19 1 
# 
loop_
_ndb_struct_na_base_pair_step.model_number 
_ndb_struct_na_base_pair_step.i_label_asym_id_1 
_ndb_struct_na_base_pair_step.i_label_comp_id_1 
_ndb_struct_na_base_pair_step.i_label_seq_id_1 
_ndb_struct_na_base_pair_step.i_symmetry_1 
_ndb_struct_na_base_pair_step.j_label_asym_id_1 
_ndb_struct_na_base_pair_step.j_label_comp_id_1 
_ndb_struct_na_base_pair_step.j_label_seq_id_1 
_ndb_struct_na_base_pair_step.j_symmetry_1 
_ndb_struct_na_base_pair_step.i_label_asym_id_2 
_ndb_struct_na_base_pair_step.i_label_comp_id_2 
_ndb_struct_na_base_pair_step.i_label_seq_id_2 
_ndb_struct_na_base_pair_step.i_symmetry_2 
_ndb_struct_na_base_pair_step.j_label_asym_id_2 
_ndb_struct_na_base_pair_step.j_label_comp_id_2 
_ndb_struct_na_base_pair_step.j_label_seq_id_2 
_ndb_struct_na_base_pair_step.j_symmetry_2 
_ndb_struct_na_base_pair_step.shift 
_ndb_struct_na_base_pair_step.slide 
_ndb_struct_na_base_pair_step.rise 
_ndb_struct_na_base_pair_step.tilt 
_ndb_struct_na_base_pair_step.roll 
_ndb_struct_na_base_pair_step.twist 
_ndb_struct_na_base_pair_step.x_displacement 
_ndb_struct_na_base_pair_step.y_displacement 
_ndb_struct_na_base_pair_step.helical_rise 
_ndb_struct_na_base_pair_step.inclination 
_ndb_struct_na_base_pair_step.tip 
_ndb_struct_na_base_pair_step.helical_twist 
_ndb_struct_na_base_pair_step.step_number 
_ndb_struct_na_base_pair_step.step_name 
_ndb_struct_na_base_pair_step.i_auth_asym_id_1 
_ndb_struct_na_base_pair_step.i_auth_seq_id_1 
_ndb_struct_na_base_pair_step.i_PDB_ins_code_1 
_ndb_struct_na_base_pair_step.j_auth_asym_id_1 
_ndb_struct_na_base_pair_step.j_auth_seq_id_1 
_ndb_struct_na_base_pair_step.j_PDB_ins_code_1 
_ndb_struct_na_base_pair_step.i_auth_asym_id_2 
_ndb_struct_na_base_pair_step.i_auth_seq_id_2 
_ndb_struct_na_base_pair_step.i_PDB_ins_code_2 
_ndb_struct_na_base_pair_step.j_auth_asym_id_2 
_ndb_struct_na_base_pair_step.j_auth_seq_id_2 
_ndb_struct_na_base_pair_step.j_PDB_ins_code_2 
1 A G 1  1_555 A C 50 1_555 A C 2  1_555 A G 49 1_555 -0.521 -1.771 3.170 -5.571  1.245  35.150 -3.073 0.063  3.150 2.044  9.149   
35.596 1  AA_G2C3:G50C51_AA   A 2  ? A 51 ? A 3  ? A 50 ? 
1 A C 2  1_555 A G 49 1_555 A U 3  1_555 A A 48 1_555 0.060  -1.548 3.236 -0.319  4.734  30.265 -3.823 -0.174 2.964 8.998  0.606   
30.626 2  AA_C3U4:A49G50_AA   A 3  ? A 50 ? A 4  ? A 49 ? 
1 A U 3  1_555 A A 48 1_555 A U 4  1_555 A G 47 1_555 0.040  -0.874 3.113 -0.892  1.135  44.088 -1.264 -0.133 3.090 1.511  1.188   
44.111 3  AA_U4U5:G48A49_AA   A 4  ? A 49 ? A 5  ? A 48 ? 
1 A U 4  1_555 A G 47 1_555 A C 5  1_555 A G 46 1_555 0.137  -2.684 2.704 1.922   5.907  18.784 -9.800 0.246  1.788 17.488 -5.690  
19.776 4  AA_U5C6:G47G48_AA   A 5  ? A 48 ? A 6  ? A 47 ? 
1 A C 5  1_555 A G 46 1_555 A A 6  1_555 A U 45 1_555 -1.020 -1.124 3.114 0.778   16.818 39.361 -3.044 1.471  2.439 23.697 -1.096  
42.679 5  AA_C6A7:U46G47_AA   A 6  ? A 47 ? A 7  ? A 46 ? 
1 A A 6  1_555 A U 45 1_555 A G 15 1_555 A C 44 1_555 0.349  -2.665 3.693 6.212   11.914 33.701 -5.975 0.318  2.652 19.610 -10.225 
36.209 6  AA_A7G16:C45U46_AA  A 7  ? A 46 ? A 16 ? A 45 ? 
1 A G 15 1_555 A C 44 1_555 A U 16 1_555 A A 43 1_555 -0.661 -1.796 3.164 -5.934  1.556  32.286 -3.436 0.180  3.145 2.767  10.553  
32.849 7  AA_G16U17:A44C45_AA A 16 ? A 45 ? A 17 ? A 44 ? 
1 A U 16 1_555 A A 43 1_555 A A 17 1_555 A U 42 1_555 0.135  -1.189 2.921 0.365   4.070  31.286 -2.845 -0.190 2.749 7.506  -0.673  
31.545 8  AA_U17A18:U43A44_AA A 17 ? A 44 ? A 18 ? A 43 ? 
1 A A 17 1_555 A U 42 1_555 A G 18 1_555 A C 41 1_555 0.700  -1.887 3.115 2.573   2.693  24.638 -5.125 -0.903 2.951 6.266  -5.987  
24.914 9  AA_A18G19:C42U43_AA A 18 ? A 43 ? A 19 ? A 42 ? 
1 A G 18 1_555 A C 41 1_555 A G 19 1_555 A C 40 1_555 0.651  -2.035 3.317 2.754   4.591  32.560 -4.348 -0.687 3.053 8.119  -4.871  
32.986 10 AA_G19G20:C41C42_AA A 19 ? A 42 ? A 20 ? A 41 ? 
1 A G 19 1_555 A C 40 1_555 A U 20 1_555 A A 39 1_555 -0.535 -1.567 3.031 2.863   4.811  32.888 -3.439 1.354  2.726 8.422  -5.011  
33.349 11 AA_G20U21:A40C41_AA A 20 ? A 41 ? A 21 ? A 40 ? 
1 A U 20 1_555 A A 39 1_555 A G 21 1_555 A C 38 1_555 0.181  -1.460 3.170 -2.681  11.651 30.632 -4.362 -0.729 2.443 21.073 4.849   
32.831 12 AA_U21G22:C39A40_AA A 21 ? A 40 ? A 22 ? A 39 ? 
1 A G 21 1_555 A C 38 1_555 A G 22 1_555 A C 36 1_555 1.940  -1.591 3.126 0.661   5.042  40.818 -2.774 -2.696 2.947 7.195  -0.944  
41.120 13 AA_G22G23:C37C39_AA A 22 ? A 39 ? A 23 ? A 37 ? 
1 A G 22 1_555 A C 36 1_555 A G 23 1_555 A A 34 1_555 -0.328 -3.939 3.327 1.657   2.542  28.486 -8.515 1.022  2.948 5.148  -3.356  
28.644 14 AA_G23G24:A35C37_AA A 23 ? A 37 ? A 24 ? A 35 ? 
1 A G 23 1_555 A A 34 1_555 A G 24 1_555 A C 33 1_555 0.468  -1.384 3.148 -10.162 4.943  35.104 -2.806 -2.008 2.701 7.944  16.333  
36.823 15 AA_G24G25:C34A35_AA A 24 ? A 35 ? A 25 ? A 34 ? 
1 A G 24 1_555 A C 33 1_555 A A 25 1_555 A U 32 1_555 0.140  -1.402 3.208 1.410   0.652  37.043 -2.291 -0.036 3.186 1.026  -2.218  
37.075 16 AA_G25A26:U33C34_AA A 25 ? A 34 ? A 26 ? A 33 ? 
1 A A 25 1_555 A U 32 1_555 A C 26 1_555 A G 31 1_555 0.822  -1.420 3.322 0.006   3.181  31.776 -3.156 -1.492 3.168 5.791  -0.010  
31.931 17 AA_A26C27:G32U33_AA A 26 ? A 33 ? A 27 ? A 32 ? 
1 A C 26 1_555 A G 31 1_555 A G 27 1_555 A A 30 1_555 -3.030 -1.252 2.877 -2.023  6.257  51.663 -1.792 3.335  2.827 7.147  2.310   
52.051 18 AA_C27G28:A31G32_AA A 27 ? A 32 ? A 28 ? A 31 ? 
1 A C 12 1_555 A G 37 1_555 A C 13 1_555 A G 35 1_555 2.028  -1.430 3.314 3.013   3.779  51.204 -1.910 -2.129 3.314 4.362  -3.478  
51.416 19 AA_C13C14:G36G38_AA A 13 ? A 38 ? A 14 ? A 36 ? 
# 
_pdbx_audit_support.funding_organization   'National Natural Science Foundation of China (NSFC)' 
_pdbx_audit_support.country                China 
_pdbx_audit_support.grant_number           ? 
_pdbx_audit_support.ordinal                1 
# 
loop_
_pdbx_entity_instance_feature.ordinal 
_pdbx_entity_instance_feature.comp_id 
_pdbx_entity_instance_feature.asym_id 
_pdbx_entity_instance_feature.seq_num 
_pdbx_entity_instance_feature.auth_comp_id 
_pdbx_entity_instance_feature.auth_asym_id 
_pdbx_entity_instance_feature.auth_seq_num 
_pdbx_entity_instance_feature.feature_type 
_pdbx_entity_instance_feature.details 
1 ATP ? ? ATP ? ? 'SUBJECT OF INVESTIGATION' ? 
2 MG  ? ? MG  ? ? 'SUBJECT OF INVESTIGATION' ? 
# 
loop_
_pdbx_entity_nonpoly.entity_id 
_pdbx_entity_nonpoly.name 
_pdbx_entity_nonpoly.comp_id 
2 "GUANOSINE-5'-TRIPHOSPHATE" GTP 
3 "ADENOSINE-5'-TRIPHOSPHATE" ATP 
4 'MAGNESIUM ION'             MG  
5 water                       HOH 
# 
_pdbx_initial_refinement_model.id               1 
_pdbx_initial_refinement_model.entity_id_list   ? 
_pdbx_initial_refinement_model.type             'experimental model' 
_pdbx_initial_refinement_model.source_name      PDB 
_pdbx_initial_refinement_model.accession_code   7D7V 
_pdbx_initial_refinement_model.details          ? 
# 
_pdbx_struct_assembly_auth_evidence.id                     1 
_pdbx_struct_assembly_auth_evidence.assembly_id            1 
_pdbx_struct_assembly_auth_evidence.experimental_support   'isothermal titration calorimetry' 
_pdbx_struct_assembly_auth_evidence.details                ? 
# 
